data_6WQV
#
_entry.id   6WQV
#
_cell.length_a   49.610
_cell.length_b   83.170
_cell.length_c   85.210
_cell.angle_alpha   93.982
_cell.angle_beta   93.359
_cell.angle_gamma   89.274
#
_symmetry.space_group_name_H-M   'P 1'
#
loop_
_entity.id
_entity.type
_entity.pdbx_description
1 polymer Endoglucanase
2 branched beta-D-glucopyranose-(1-4)-beta-D-glucopyranose-(1-4)-alpha-D-glucopyranose
3 non-polymer 1,2-ETHANEDIOL
4 non-polymer 'NITRATE ION'
5 water water
#
_entity_poly.entity_id   1
_entity_poly.type   'polypeptide(L)'
_entity_poly.pdbx_seq_one_letter_code
;SLELLEPPTQMRDLTASQLLDEITIGWNLGNTLDATTTSWLPNPTPAQSETAWGCPMTTKAMIDKVKEGGFNTVRVPVSW
IDHTGSAPEYQIDEAWMNRVQEVVNYVIDNDMYCILNIHHENDWLIPTNAQKDSVNARLDAIWTQIATRFGSYDEHLIFE
GMNQPRLVGDPNEWNGGNQEARQVINSYNQTFVNTVRATGGNNAIRCLMVPTYAASCSSTTVNDFVLPTDTVANKLIVDI
HSYSPYNFALNTSGTSSFTQSDISQLQWTLQEIYNSFGAKGIPVIIGQFGALNKNNINGRVLWGENYLRIAKSYNIRCIW
WDNNAFDTSGENFGLLNRGTLTWQYPELLEAMMK
;
_entity_poly.pdbx_strand_id   A,B,C,D
#
loop_
_chem_comp.id
_chem_comp.type
_chem_comp.name
_chem_comp.formula
BGC D-saccharide, beta linking beta-D-glucopyranose 'C6 H12 O6'
EDO non-polymer 1,2-ETHANEDIOL 'C2 H6 O2'
GLC D-saccharide, alpha linking alpha-D-glucopyranose 'C6 H12 O6'
NO3 non-polymer 'NITRATE ION' 'N O3 -1'
#
# COMPACT_ATOMS: atom_id res chain seq x y z
N PRO A 7 -15.19 -1.71 -2.18
CA PRO A 7 -14.02 -1.84 -1.31
C PRO A 7 -13.02 -0.71 -1.54
N PRO A 8 -12.08 -0.51 -0.61
CA PRO A 8 -11.16 0.63 -0.74
C PRO A 8 -10.15 0.40 -1.84
N THR A 9 -9.93 1.43 -2.66
CA THR A 9 -8.84 1.41 -3.61
C THR A 9 -7.51 1.46 -2.87
N GLN A 10 -6.57 0.61 -3.27
CA GLN A 10 -5.28 0.59 -2.60
C GLN A 10 -4.67 1.98 -2.64
N MET A 11 -4.15 2.42 -1.51
CA MET A 11 -3.77 3.82 -1.34
C MET A 11 -2.34 3.93 -0.83
N ARG A 12 -1.58 4.83 -1.46
CA ARG A 12 -0.25 5.15 -0.97
C ARG A 12 -0.39 6.11 0.20
N ASP A 13 0.40 5.89 1.24
CA ASP A 13 0.42 6.74 2.41
C ASP A 13 1.57 7.73 2.20
N LEU A 14 1.22 8.92 1.70
CA LEU A 14 2.20 9.95 1.40
C LEU A 14 1.90 11.20 2.22
N THR A 15 2.95 11.95 2.53
CA THR A 15 2.72 13.22 3.19
C THR A 15 2.18 14.26 2.20
N ALA A 16 1.66 15.36 2.75
CA ALA A 16 1.16 16.42 1.90
C ALA A 16 2.25 16.97 0.99
N SER A 17 3.45 17.14 1.54
N SER A 17 3.47 17.13 1.53
CA SER A 17 4.55 17.63 0.70
CA SER A 17 4.57 17.63 0.71
C SER A 17 4.84 16.66 -0.44
C SER A 17 4.92 16.66 -0.41
N GLN A 18 4.85 15.35 -0.14
CA GLN A 18 5.11 14.36 -1.19
C GLN A 18 4.03 14.39 -2.26
N LEU A 19 2.76 14.53 -1.86
CA LEU A 19 1.68 14.59 -2.83
C LEU A 19 1.81 15.84 -3.69
N LEU A 20 2.08 16.99 -3.06
CA LEU A 20 2.24 18.22 -3.82
C LEU A 20 3.39 18.13 -4.81
N ASP A 21 4.43 17.34 -4.52
CA ASP A 21 5.54 17.19 -5.45
C ASP A 21 5.19 16.31 -6.64
N GLU A 22 4.08 15.59 -6.58
CA GLU A 22 3.58 14.86 -7.75
C GLU A 22 2.68 15.71 -8.63
N ILE A 23 2.07 16.76 -8.08
CA ILE A 23 1.28 17.69 -8.89
C ILE A 23 2.22 18.52 -9.76
N THR A 24 1.81 18.73 -11.02
CA THR A 24 2.55 19.60 -11.93
C THR A 24 1.91 20.98 -11.93
N ILE A 25 0.75 21.09 -12.57
CA ILE A 25 -0.06 22.30 -12.63
C ILE A 25 -1.50 21.84 -12.72
N GLY A 26 -2.42 22.63 -12.15
CA GLY A 26 -3.82 22.25 -12.07
C GLY A 26 -4.76 23.19 -12.79
N TRP A 27 -6.01 22.74 -12.94
CA TRP A 27 -7.07 23.42 -13.67
C TRP A 27 -8.37 23.26 -12.90
N ASN A 28 -9.09 24.38 -12.72
CA ASN A 28 -10.39 24.38 -12.07
C ASN A 28 -11.50 24.26 -13.10
N LEU A 29 -12.46 23.38 -12.84
CA LEU A 29 -13.73 23.30 -13.57
C LEU A 29 -14.69 24.38 -13.04
N GLY A 30 -14.39 25.62 -13.40
CA GLY A 30 -15.08 26.74 -12.79
C GLY A 30 -16.45 27.03 -13.39
N ASN A 31 -17.29 27.67 -12.56
CA ASN A 31 -18.65 28.11 -12.94
C ASN A 31 -19.52 26.95 -13.46
N THR A 32 -19.33 25.77 -12.87
CA THR A 32 -19.96 24.53 -13.31
C THR A 32 -20.73 23.93 -12.15
N LEU A 33 -20.19 22.94 -11.43
CA LEU A 33 -20.90 22.38 -10.29
C LEU A 33 -20.97 23.37 -9.12
N ASP A 34 -20.21 24.46 -9.20
CA ASP A 34 -20.25 25.56 -8.24
C ASP A 34 -21.34 26.59 -8.54
N ALA A 35 -21.99 26.53 -9.70
CA ALA A 35 -23.02 27.51 -10.02
C ALA A 35 -24.19 27.40 -9.05
N THR A 36 -24.67 28.54 -8.58
CA THR A 36 -25.82 28.61 -7.69
C THR A 36 -27.00 29.27 -8.40
N THR A 37 -28.21 28.92 -7.93
CA THR A 37 -29.47 29.48 -8.44
C THR A 37 -30.35 29.91 -7.28
N THR A 38 -29.75 30.07 -6.09
CA THR A 38 -30.50 30.17 -4.85
C THR A 38 -31.54 31.30 -4.88
N SER A 39 -31.23 32.40 -5.56
CA SER A 39 -32.07 33.59 -5.48
C SER A 39 -33.25 33.57 -6.43
N TRP A 40 -33.41 32.53 -7.27
CA TRP A 40 -34.52 32.51 -8.21
C TRP A 40 -35.05 31.10 -8.50
N LEU A 41 -34.27 30.08 -8.18
CA LEU A 41 -34.68 28.69 -8.39
C LEU A 41 -34.23 27.84 -7.22
N PRO A 42 -35.11 27.59 -6.24
CA PRO A 42 -34.65 26.94 -5.01
C PRO A 42 -34.29 25.47 -5.17
N ASN A 43 -34.90 24.74 -6.11
CA ASN A 43 -34.72 23.29 -6.22
C ASN A 43 -34.28 22.93 -7.64
N PRO A 44 -33.09 23.35 -8.05
CA PRO A 44 -32.64 23.02 -9.40
C PRO A 44 -32.32 21.53 -9.53
N THR A 45 -32.56 21.01 -10.73
CA THR A 45 -32.03 19.71 -11.08
C THR A 45 -30.53 19.81 -11.26
N PRO A 46 -29.82 18.68 -11.23
CA PRO A 46 -28.37 18.72 -11.51
C PRO A 46 -28.04 19.42 -12.81
N ALA A 47 -28.82 19.18 -13.87
CA ALA A 47 -28.53 19.80 -15.15
C ALA A 47 -28.78 21.30 -15.11
N GLN A 48 -29.84 21.73 -14.43
CA GLN A 48 -30.13 23.15 -14.32
C GLN A 48 -29.00 23.88 -13.60
N SER A 49 -28.43 23.27 -12.56
CA SER A 49 -27.31 23.89 -11.86
C SER A 49 -26.06 23.92 -12.73
N GLU A 50 -25.66 22.77 -13.28
CA GLU A 50 -24.38 22.68 -13.96
C GLU A 50 -24.30 23.64 -15.15
N THR A 51 -25.42 23.91 -15.80
CA THR A 51 -25.45 24.76 -16.99
C THR A 51 -25.95 26.18 -16.70
N ALA A 52 -26.06 26.55 -15.42
CA ALA A 52 -26.68 27.83 -15.08
C ALA A 52 -25.80 29.02 -15.40
N TRP A 53 -24.49 28.85 -15.47
CA TRP A 53 -23.54 29.96 -15.59
C TRP A 53 -22.66 29.82 -16.84
N GLY A 54 -23.24 29.47 -17.96
CA GLY A 54 -22.54 29.57 -19.23
C GLY A 54 -21.63 28.42 -19.57
N CYS A 55 -21.78 27.29 -18.89
CA CYS A 55 -20.99 26.13 -19.23
C CYS A 55 -21.87 25.00 -19.73
N PRO A 56 -21.39 24.22 -20.69
CA PRO A 56 -22.13 23.02 -21.12
C PRO A 56 -21.97 21.92 -20.09
N MET A 57 -22.77 20.86 -20.27
CA MET A 57 -22.57 19.67 -19.45
C MET A 57 -21.15 19.16 -19.62
N THR A 58 -20.47 18.91 -18.50
CA THR A 58 -19.08 18.47 -18.56
C THR A 58 -19.01 17.06 -19.12
N THR A 59 -17.99 16.81 -19.94
CA THR A 59 -17.77 15.49 -20.51
C THR A 59 -16.35 15.02 -20.20
N LYS A 60 -16.17 13.70 -20.28
CA LYS A 60 -14.83 13.13 -20.15
C LYS A 60 -13.89 13.72 -21.19
N ALA A 61 -14.37 13.95 -22.41
CA ALA A 61 -13.52 14.50 -23.46
C ALA A 61 -12.92 15.85 -23.06
N MET A 62 -13.67 16.66 -22.30
CA MET A 62 -13.12 17.93 -21.86
C MET A 62 -11.96 17.73 -20.90
N ILE A 63 -12.11 16.79 -19.96
CA ILE A 63 -11.05 16.52 -19.00
C ILE A 63 -9.86 15.86 -19.68
N ASP A 64 -10.12 14.99 -20.67
CA ASP A 64 -9.03 14.44 -21.48
C ASP A 64 -8.20 15.56 -22.11
N LYS A 65 -8.88 16.60 -22.62
CA LYS A 65 -8.19 17.71 -23.25
C LYS A 65 -7.37 18.52 -22.24
N VAL A 66 -7.92 18.73 -21.05
CA VAL A 66 -7.17 19.38 -19.97
C VAL A 66 -5.87 18.63 -19.69
N LYS A 67 -5.94 17.30 -19.59
CA LYS A 67 -4.72 16.52 -19.36
C LYS A 67 -3.75 16.64 -20.53
N GLU A 68 -4.26 16.52 -21.76
CA GLU A 68 -3.43 16.67 -22.96
C GLU A 68 -2.71 18.01 -22.98
N GLY A 69 -3.34 19.06 -22.46
CA GLY A 69 -2.70 20.36 -22.47
C GLY A 69 -1.59 20.53 -21.47
N GLY A 70 -1.42 19.58 -20.55
CA GLY A 70 -0.30 19.60 -19.62
C GLY A 70 -0.70 19.64 -18.16
N PHE A 71 -1.98 19.71 -17.83
CA PHE A 71 -2.40 19.71 -16.43
C PHE A 71 -2.49 18.26 -15.94
N ASN A 72 -2.09 18.02 -14.68
CA ASN A 72 -2.28 16.69 -14.10
C ASN A 72 -3.21 16.68 -12.89
N THR A 73 -3.89 17.81 -12.61
CA THR A 73 -4.73 17.98 -11.43
C THR A 73 -5.94 18.81 -11.85
N VAL A 74 -7.11 18.41 -11.40
CA VAL A 74 -8.34 19.17 -11.62
C VAL A 74 -9.00 19.44 -10.27
N ARG A 75 -9.23 20.71 -9.98
CA ARG A 75 -10.06 21.10 -8.85
C ARG A 75 -11.50 21.18 -9.33
N VAL A 76 -12.38 20.47 -8.63
CA VAL A 76 -13.81 20.42 -8.95
C VAL A 76 -14.56 21.19 -7.88
N PRO A 77 -14.76 22.50 -8.06
CA PRO A 77 -15.55 23.26 -7.08
C PRO A 77 -17.01 22.85 -7.16
N VAL A 78 -17.61 22.59 -6.01
CA VAL A 78 -18.99 22.15 -5.95
C VAL A 78 -19.75 22.99 -4.95
N SER A 79 -20.84 23.59 -5.37
CA SER A 79 -21.77 24.26 -4.47
C SER A 79 -22.89 23.28 -4.15
N TRP A 80 -23.05 22.96 -2.88
CA TRP A 80 -24.03 21.99 -2.42
C TRP A 80 -25.31 22.61 -1.93
N ILE A 81 -25.32 23.93 -1.69
CA ILE A 81 -26.45 24.58 -1.00
C ILE A 81 -27.78 24.31 -1.70
N ASP A 82 -27.83 24.42 -3.02
CA ASP A 82 -29.11 24.24 -3.71
C ASP A 82 -29.52 22.77 -3.84
N HIS A 83 -28.71 21.86 -3.30
CA HIS A 83 -28.95 20.42 -3.35
C HIS A 83 -28.96 19.81 -1.96
N THR A 84 -29.13 20.63 -0.92
CA THR A 84 -29.08 20.20 0.47
C THR A 84 -30.45 20.39 1.10
N GLY A 85 -30.94 19.36 1.79
CA GLY A 85 -32.23 19.40 2.44
C GLY A 85 -32.21 20.15 3.76
N SER A 86 -33.33 20.09 4.46
CA SER A 86 -33.50 20.90 5.66
C SER A 86 -32.77 20.29 6.85
N ALA A 87 -32.53 21.12 7.85
CA ALA A 87 -31.93 20.67 9.10
C ALA A 87 -32.89 19.70 9.81
N PRO A 88 -32.36 18.82 10.67
CA PRO A 88 -30.95 18.64 11.02
C PRO A 88 -30.18 17.68 10.12
N GLU A 89 -30.86 16.99 9.21
CA GLU A 89 -30.18 15.97 8.41
C GLU A 89 -29.34 16.58 7.30
N TYR A 90 -29.79 17.70 6.73
CA TYR A 90 -29.10 18.35 5.61
C TYR A 90 -28.76 17.31 4.53
N GLN A 91 -29.77 16.52 4.17
CA GLN A 91 -29.57 15.45 3.21
C GLN A 91 -29.24 16.02 1.83
N ILE A 92 -28.17 15.52 1.24
CA ILE A 92 -27.78 15.94 -0.11
C ILE A 92 -28.56 15.12 -1.13
N ASP A 93 -29.15 15.81 -2.11
CA ASP A 93 -29.89 15.17 -3.18
C ASP A 93 -29.06 14.08 -3.84
N GLU A 94 -29.63 12.87 -3.90
CA GLU A 94 -28.91 11.73 -4.45
C GLU A 94 -28.49 11.96 -5.90
N ALA A 95 -29.38 12.53 -6.72
CA ALA A 95 -29.03 12.77 -8.13
C ALA A 95 -27.85 13.70 -8.25
N TRP A 96 -27.75 14.69 -7.35
CA TRP A 96 -26.61 15.60 -7.38
C TRP A 96 -25.34 14.88 -6.97
N MET A 97 -25.39 14.12 -5.87
CA MET A 97 -24.21 13.38 -5.45
C MET A 97 -23.72 12.46 -6.54
N ASN A 98 -24.66 11.83 -7.28
CA ASN A 98 -24.27 10.93 -8.38
C ASN A 98 -23.56 11.70 -9.48
N ARG A 99 -24.06 12.88 -9.83
CA ARG A 99 -23.40 13.66 -10.87
C ARG A 99 -22.02 14.12 -10.43
N VAL A 100 -21.89 14.59 -9.18
CA VAL A 100 -20.58 14.99 -8.68
C VAL A 100 -19.60 13.82 -8.81
N GLN A 101 -20.04 12.62 -8.45
CA GLN A 101 -19.15 11.46 -8.55
C GLN A 101 -18.78 11.18 -10.01
N GLU A 102 -19.73 11.33 -10.94
CA GLU A 102 -19.42 11.15 -12.36
C GLU A 102 -18.30 12.07 -12.79
N VAL A 103 -18.37 13.35 -12.39
CA VAL A 103 -17.38 14.33 -12.82
C VAL A 103 -16.03 14.07 -12.13
N VAL A 104 -16.06 13.78 -10.84
CA VAL A 104 -14.83 13.37 -10.17
C VAL A 104 -14.18 12.20 -10.88
N ASN A 105 -15.00 11.23 -11.32
CA ASN A 105 -14.43 10.06 -12.00
C ASN A 105 -13.79 10.42 -13.34
N TYR A 106 -14.31 11.44 -14.05
CA TYR A 106 -13.64 11.86 -15.28
C TYR A 106 -12.17 12.19 -14.99
N VAL A 107 -11.91 12.79 -13.83
CA VAL A 107 -10.56 13.18 -13.41
C VAL A 107 -9.80 11.99 -12.88
N ILE A 108 -10.38 11.28 -11.90
CA ILE A 108 -9.68 10.17 -11.26
C ILE A 108 -9.33 9.09 -12.28
N ASP A 109 -10.25 8.79 -13.19
CA ASP A 109 -10.02 7.73 -14.16
C ASP A 109 -9.04 8.12 -15.24
N ASN A 110 -8.65 9.39 -15.30
CA ASN A 110 -7.56 9.88 -16.13
C ASN A 110 -6.22 9.86 -15.42
N ASP A 111 -6.14 9.22 -14.24
CA ASP A 111 -4.89 9.12 -13.51
C ASP A 111 -4.39 10.51 -13.12
N MET A 112 -5.33 11.39 -12.80
CA MET A 112 -5.06 12.75 -12.36
C MET A 112 -5.38 12.90 -10.89
N TYR A 113 -4.80 13.94 -10.29
CA TYR A 113 -5.20 14.39 -8.95
C TYR A 113 -6.48 15.20 -9.05
N CYS A 114 -7.31 15.08 -8.03
CA CYS A 114 -8.60 15.74 -8.00
C CYS A 114 -8.82 16.35 -6.63
N ILE A 115 -9.27 17.59 -6.60
CA ILE A 115 -9.63 18.30 -5.37
C ILE A 115 -11.12 18.55 -5.42
N LEU A 116 -11.83 18.07 -4.40
CA LEU A 116 -13.28 18.22 -4.28
C LEU A 116 -13.56 19.07 -3.05
N ASN A 117 -14.37 20.11 -3.19
CA ASN A 117 -14.62 21.06 -2.10
C ASN A 117 -16.13 21.26 -1.86
N ILE A 118 -16.42 22.16 -0.92
CA ILE A 118 -17.68 22.91 -0.88
C ILE A 118 -17.33 24.35 -1.25
N HIS A 119 -18.18 24.99 -2.06
CA HIS A 119 -17.78 26.21 -2.74
C HIS A 119 -18.65 27.38 -2.30
N HIS A 120 -19.66 27.77 -3.07
CA HIS A 120 -20.45 28.97 -2.75
C HIS A 120 -21.54 28.64 -1.72
N GLU A 121 -21.09 28.43 -0.48
CA GLU A 121 -21.96 28.08 0.64
C GLU A 121 -22.21 29.27 1.57
N ASN A 122 -21.78 30.47 1.19
N ASN A 122 -21.79 30.47 1.14
CA ASN A 122 -21.75 31.58 2.11
CA ASN A 122 -21.78 31.64 2.00
C ASN A 122 -23.12 32.04 2.60
C ASN A 122 -23.12 31.95 2.64
N ASP A 123 -24.22 31.59 1.98
CA ASP A 123 -25.53 31.98 2.49
C ASP A 123 -25.74 31.41 3.88
N TRP A 124 -25.16 30.24 4.17
CA TRP A 124 -25.21 29.66 5.51
C TRP A 124 -23.87 29.58 6.22
N LEU A 125 -22.76 29.55 5.48
N LEU A 125 -22.77 29.46 5.48
CA LEU A 125 -21.42 29.38 6.06
CA LEU A 125 -21.44 29.35 6.09
C LEU A 125 -20.90 30.73 6.56
C LEU A 125 -21.02 30.76 6.50
N ILE A 126 -21.52 31.18 7.65
CA ILE A 126 -21.33 32.53 8.18
C ILE A 126 -20.36 32.49 9.36
N PRO A 127 -19.23 33.21 9.30
CA PRO A 127 -18.24 33.13 10.39
C PRO A 127 -18.46 34.15 11.51
N THR A 128 -19.47 33.88 12.33
CA THR A 128 -19.77 34.69 13.50
C THR A 128 -20.04 33.75 14.66
N ASN A 129 -19.83 34.27 15.88
CA ASN A 129 -20.14 33.47 17.06
C ASN A 129 -21.60 33.08 17.10
N ALA A 130 -22.48 33.96 16.63
CA ALA A 130 -23.91 33.69 16.69
C ALA A 130 -24.30 32.51 15.79
N GLN A 131 -23.58 32.30 14.69
CA GLN A 131 -23.89 31.22 13.77
C GLN A 131 -23.02 29.98 13.98
N LYS A 132 -21.99 30.07 14.81
CA LYS A 132 -20.95 29.05 14.87
C LYS A 132 -21.48 27.65 15.11
N ASP A 133 -22.33 27.47 16.14
CA ASP A 133 -22.78 26.13 16.47
C ASP A 133 -23.61 25.54 15.33
N SER A 134 -24.51 26.34 14.76
CA SER A 134 -25.34 25.87 13.65
C SER A 134 -24.48 25.51 12.45
N VAL A 135 -23.49 26.35 12.14
CA VAL A 135 -22.65 26.10 10.97
C VAL A 135 -21.80 24.85 11.18
N ASN A 136 -21.22 24.69 12.37
CA ASN A 136 -20.44 23.50 12.63
C ASN A 136 -21.27 22.24 12.48
N ALA A 137 -22.53 22.28 12.94
CA ALA A 137 -23.41 21.13 12.78
C ALA A 137 -23.68 20.81 11.31
N ARG A 138 -23.93 21.85 10.51
CA ARG A 138 -24.21 21.63 9.09
C ARG A 138 -22.96 21.16 8.35
N LEU A 139 -21.81 21.75 8.68
CA LEU A 139 -20.55 21.30 8.09
C LEU A 139 -20.33 19.82 8.36
N ASP A 140 -20.55 19.40 9.60
CA ASP A 140 -20.35 18.00 9.92
C ASP A 140 -21.35 17.12 9.17
N ALA A 141 -22.61 17.57 9.08
CA ALA A 141 -23.62 16.77 8.41
C ALA A 141 -23.29 16.57 6.92
N ILE A 142 -22.86 17.64 6.25
N ILE A 142 -22.84 17.63 6.24
CA ILE A 142 -22.60 17.50 4.82
CA ILE A 142 -22.60 17.48 4.80
C ILE A 142 -21.26 16.81 4.56
C ILE A 142 -21.24 16.81 4.54
N TRP A 143 -20.22 17.13 5.34
CA TRP A 143 -18.93 16.48 5.13
C TRP A 143 -18.97 14.99 5.46
N THR A 144 -19.79 14.56 6.42
CA THR A 144 -19.94 13.12 6.63
C THR A 144 -20.47 12.45 5.36
N GLN A 145 -21.47 13.08 4.72
CA GLN A 145 -22.04 12.51 3.50
C GLN A 145 -21.04 12.50 2.35
N ILE A 146 -20.31 13.60 2.15
CA ILE A 146 -19.34 13.65 1.05
C ILE A 146 -18.22 12.66 1.30
N ALA A 147 -17.70 12.64 2.54
CA ALA A 147 -16.56 11.79 2.84
C ALA A 147 -16.91 10.32 2.72
N THR A 148 -18.12 9.93 3.11
CA THR A 148 -18.48 8.52 2.99
C THR A 148 -18.68 8.13 1.54
N ARG A 149 -19.27 9.00 0.72
CA ARG A 149 -19.45 8.64 -0.69
C ARG A 149 -18.10 8.42 -1.36
N PHE A 150 -17.11 9.23 -1.02
CA PHE A 150 -15.82 9.26 -1.70
C PHE A 150 -14.73 8.59 -0.88
N GLY A 151 -15.09 7.83 0.14
CA GLY A 151 -14.08 7.30 1.05
C GLY A 151 -13.19 6.24 0.47
N SER A 152 -13.63 5.56 -0.60
N SER A 152 -13.61 5.55 -0.59
CA SER A 152 -12.87 4.46 -1.18
CA SER A 152 -12.81 4.46 -1.13
C SER A 152 -11.76 4.93 -2.12
C SER A 152 -11.78 4.92 -2.16
N TYR A 153 -11.76 6.20 -2.51
CA TYR A 153 -10.77 6.71 -3.45
C TYR A 153 -9.38 6.74 -2.84
N ASP A 154 -8.36 6.66 -3.71
CA ASP A 154 -6.97 6.60 -3.24
C ASP A 154 -6.42 8.01 -3.04
N GLU A 155 -5.10 8.14 -2.95
CA GLU A 155 -4.47 9.40 -2.59
C GLU A 155 -4.64 10.46 -3.66
N HIS A 156 -5.13 10.10 -4.85
CA HIS A 156 -5.32 11.11 -5.87
C HIS A 156 -6.48 12.03 -5.56
N LEU A 157 -7.39 11.65 -4.67
CA LEU A 157 -8.51 12.50 -4.30
C LEU A 157 -8.21 13.22 -2.99
N ILE A 158 -8.30 14.55 -3.04
CA ILE A 158 -8.09 15.44 -1.91
C ILE A 158 -9.42 16.13 -1.60
N PHE A 159 -9.77 16.22 -0.33
CA PHE A 159 -10.93 17.00 0.08
C PHE A 159 -10.48 18.38 0.57
N GLU A 160 -11.20 19.43 0.15
CA GLU A 160 -10.98 20.80 0.59
C GLU A 160 -12.23 21.27 1.32
N GLY A 161 -12.07 21.65 2.60
CA GLY A 161 -13.23 21.76 3.49
C GLY A 161 -14.14 22.95 3.22
N MET A 162 -13.58 24.06 2.74
CA MET A 162 -14.33 25.27 2.45
C MET A 162 -13.58 26.00 1.35
N ASN A 163 -14.22 27.01 0.77
CA ASN A 163 -13.60 27.77 -0.31
C ASN A 163 -13.07 29.12 0.17
N GLN A 164 -13.96 30.09 0.34
CA GLN A 164 -13.58 31.46 0.74
C GLN A 164 -14.47 31.94 1.87
N PRO A 165 -14.43 31.27 3.02
CA PRO A 165 -15.27 31.72 4.15
C PRO A 165 -14.94 33.15 4.52
N ARG A 166 -15.99 33.96 4.72
CA ARG A 166 -15.78 35.39 4.86
C ARG A 166 -17.06 36.05 5.38
N LEU A 167 -16.95 37.34 5.71
CA LEU A 167 -18.09 38.13 6.16
C LEU A 167 -18.69 38.86 4.96
N VAL A 168 -19.69 38.24 4.33
CA VAL A 168 -20.27 38.82 3.12
C VAL A 168 -20.98 40.12 3.48
N GLY A 169 -20.68 41.18 2.72
CA GLY A 169 -21.28 42.48 2.94
C GLY A 169 -20.59 43.35 3.96
N ASP A 170 -19.65 42.81 4.73
CA ASP A 170 -18.88 43.61 5.66
C ASP A 170 -17.99 44.59 4.90
N PRO A 171 -17.76 45.78 5.44
CA PRO A 171 -16.83 46.71 4.78
C PRO A 171 -15.46 46.10 4.54
N ASN A 172 -15.07 45.10 5.33
CA ASN A 172 -13.80 44.43 5.14
C ASN A 172 -13.97 42.98 4.70
N GLU A 173 -15.08 42.69 4.01
CA GLU A 173 -15.32 41.34 3.52
C GLU A 173 -14.09 40.75 2.85
N TRP A 174 -13.43 41.52 1.97
CA TRP A 174 -12.27 41.06 1.21
C TRP A 174 -10.98 41.66 1.73
N ASN A 175 -10.96 42.06 2.99
CA ASN A 175 -9.79 42.64 3.64
C ASN A 175 -9.67 42.09 5.06
N GLY A 176 -9.89 40.79 5.21
CA GLY A 176 -9.61 40.12 6.47
C GLY A 176 -10.78 40.01 7.43
N GLY A 177 -11.91 40.63 7.13
CA GLY A 177 -13.07 40.50 8.00
C GLY A 177 -12.81 41.15 9.35
N ASN A 178 -13.15 40.45 10.42
CA ASN A 178 -12.80 40.89 11.77
C ASN A 178 -12.21 39.72 12.56
N GLN A 179 -11.71 40.04 13.74
CA GLN A 179 -11.05 39.01 14.55
C GLN A 179 -11.99 37.86 14.85
N GLU A 180 -13.25 38.17 15.15
CA GLU A 180 -14.22 37.12 15.44
C GLU A 180 -14.37 36.16 14.26
N ALA A 181 -14.45 36.70 13.04
CA ALA A 181 -14.62 35.82 11.88
C ALA A 181 -13.41 34.92 11.68
N ARG A 182 -12.21 35.47 11.86
CA ARG A 182 -11.01 34.67 11.67
C ARG A 182 -10.93 33.56 12.71
N GLN A 183 -11.34 33.86 13.95
N GLN A 183 -11.36 33.85 13.93
CA GLN A 183 -11.39 32.84 14.98
CA GLN A 183 -11.37 32.82 14.96
C GLN A 183 -12.37 31.73 14.60
C GLN A 183 -12.39 31.73 14.66
N VAL A 184 -13.60 32.11 14.26
CA VAL A 184 -14.64 31.12 13.98
C VAL A 184 -14.23 30.21 12.82
N ILE A 185 -13.56 30.76 11.81
CA ILE A 185 -13.11 29.94 10.68
C ILE A 185 -12.15 28.83 11.13
N ASN A 186 -11.32 29.10 12.14
CA ASN A 186 -10.47 28.03 12.66
C ASN A 186 -11.31 26.89 13.21
N SER A 187 -12.42 27.20 13.87
CA SER A 187 -13.33 26.16 14.36
C SER A 187 -13.92 25.36 13.20
N TYR A 188 -14.34 26.05 12.14
CA TYR A 188 -14.93 25.36 11.00
C TYR A 188 -13.93 24.42 10.33
N ASN A 189 -12.69 24.88 10.16
CA ASN A 189 -11.67 23.98 9.57
C ASN A 189 -11.42 22.79 10.47
N GLN A 190 -11.39 23.01 11.80
CA GLN A 190 -11.17 21.90 12.73
C GLN A 190 -12.31 20.90 12.65
N THR A 191 -13.55 21.37 12.56
CA THR A 191 -14.69 20.47 12.42
C THR A 191 -14.57 19.63 11.15
N PHE A 192 -14.22 20.28 10.04
CA PHE A 192 -14.06 19.55 8.78
C PHE A 192 -13.07 18.41 8.93
N VAL A 193 -11.90 18.69 9.50
CA VAL A 193 -10.89 17.64 9.63
C VAL A 193 -11.40 16.52 10.51
N ASN A 194 -11.99 16.87 11.66
CA ASN A 194 -12.50 15.83 12.55
C ASN A 194 -13.56 14.98 11.86
N THR A 195 -14.44 15.61 11.08
CA THR A 195 -15.54 14.91 10.43
C THR A 195 -15.03 13.89 9.43
N VAL A 196 -13.99 14.27 8.66
CA VAL A 196 -13.44 13.35 7.68
C VAL A 196 -12.73 12.19 8.37
N ARG A 197 -11.91 12.48 9.39
CA ARG A 197 -11.13 11.41 10.02
C ARG A 197 -12.02 10.40 10.71
N ALA A 198 -13.21 10.83 11.17
CA ALA A 198 -14.15 9.95 11.84
C ALA A 198 -14.73 8.88 10.93
N THR A 199 -14.50 8.95 9.63
CA THR A 199 -14.97 7.91 8.72
C THR A 199 -13.93 6.83 8.46
N GLY A 200 -12.69 7.01 8.93
CA GLY A 200 -11.70 5.97 8.82
C GLY A 200 -11.41 5.54 7.39
N GLY A 201 -10.88 4.32 7.27
CA GLY A 201 -10.49 3.81 5.97
C GLY A 201 -9.46 4.71 5.30
N ASN A 202 -9.57 4.84 3.99
CA ASN A 202 -8.66 5.70 3.26
C ASN A 202 -8.77 7.15 3.71
N ASN A 203 -9.94 7.55 4.23
CA ASN A 203 -10.08 8.91 4.72
C ASN A 203 -9.25 9.18 5.97
N ALA A 204 -8.77 8.14 6.65
CA ALA A 204 -7.87 8.35 7.77
C ALA A 204 -6.53 8.93 7.37
N ILE A 205 -6.11 8.72 6.11
CA ILE A 205 -4.79 9.17 5.67
C ILE A 205 -4.86 10.00 4.40
N ARG A 206 -6.06 10.42 4.02
CA ARG A 206 -6.21 11.33 2.89
C ARG A 206 -5.65 12.72 3.20
N CYS A 207 -5.02 13.34 2.22
CA CYS A 207 -4.62 14.73 2.38
C CYS A 207 -5.84 15.65 2.25
N LEU A 208 -5.89 16.69 3.09
CA LEU A 208 -7.01 17.60 3.16
C LEU A 208 -6.50 19.03 3.03
N MET A 209 -7.32 19.87 2.40
CA MET A 209 -6.99 21.27 2.19
C MET A 209 -7.95 22.15 2.98
N VAL A 210 -7.41 23.23 3.55
CA VAL A 210 -8.19 24.21 4.31
C VAL A 210 -7.79 25.62 3.91
N PRO A 211 -8.75 26.54 3.82
CA PRO A 211 -8.40 27.94 3.52
C PRO A 211 -8.21 28.79 4.75
N THR A 212 -7.46 29.87 4.61
CA THR A 212 -7.54 30.99 5.53
C THR A 212 -8.84 31.75 5.28
N TYR A 213 -9.07 32.79 6.09
CA TYR A 213 -10.14 33.74 5.82
C TYR A 213 -10.07 34.19 4.36
N ALA A 214 -11.17 34.01 3.63
CA ALA A 214 -11.31 34.37 2.20
C ALA A 214 -10.23 33.74 1.32
N ALA A 215 -9.58 32.69 1.80
CA ALA A 215 -8.42 32.09 1.12
C ALA A 215 -7.38 33.14 0.76
N SER A 216 -7.26 34.15 1.62
CA SER A 216 -6.35 35.27 1.40
C SER A 216 -5.10 35.10 2.25
N CYS A 217 -3.97 35.50 1.69
CA CYS A 217 -2.71 35.59 2.41
C CYS A 217 -2.42 37.06 2.65
N SER A 218 -2.54 37.46 3.91
CA SER A 218 -2.12 38.77 4.39
C SER A 218 -1.68 38.57 5.84
N SER A 219 -0.99 39.57 6.39
CA SER A 219 -0.58 39.48 7.79
C SER A 219 -1.77 39.21 8.69
N THR A 220 -2.89 39.87 8.42
CA THR A 220 -4.06 39.76 9.27
C THR A 220 -4.61 38.33 9.26
N THR A 221 -4.76 37.75 8.07
CA THR A 221 -5.37 36.43 7.99
C THR A 221 -4.40 35.32 8.38
N VAL A 222 -3.10 35.52 8.16
CA VAL A 222 -2.11 34.50 8.51
C VAL A 222 -1.90 34.47 10.03
N ASN A 223 -1.75 35.64 10.65
CA ASN A 223 -1.44 35.69 12.08
C ASN A 223 -2.54 35.05 12.92
N ASP A 224 -3.79 35.13 12.48
CA ASP A 224 -4.91 34.60 13.24
C ASP A 224 -5.29 33.18 12.83
N PHE A 225 -4.64 32.62 11.80
CA PHE A 225 -4.93 31.28 11.32
C PHE A 225 -4.28 30.23 12.21
N VAL A 226 -5.03 29.17 12.50
CA VAL A 226 -4.55 28.01 13.25
C VAL A 226 -4.79 26.78 12.38
N LEU A 227 -3.72 26.05 12.05
CA LEU A 227 -3.91 24.81 11.32
C LEU A 227 -4.61 23.80 12.22
N PRO A 228 -5.65 23.11 11.74
CA PRO A 228 -6.35 22.14 12.61
C PRO A 228 -5.39 21.10 13.18
N THR A 229 -5.71 20.64 14.39
CA THR A 229 -5.08 19.46 14.95
C THR A 229 -5.61 18.23 14.21
N ASP A 230 -4.70 17.33 13.84
CA ASP A 230 -5.04 16.17 13.04
C ASP A 230 -4.72 14.90 13.82
N THR A 231 -5.32 13.79 13.38
CA THR A 231 -5.11 12.48 13.95
C THR A 231 -3.91 11.77 13.34
N VAL A 232 -3.35 12.34 12.28
CA VAL A 232 -2.23 11.76 11.54
C VAL A 232 -1.33 12.92 11.14
N ALA A 233 -0.05 12.64 11.00
CA ALA A 233 0.92 13.69 10.75
C ALA A 233 1.01 14.06 9.29
N ASN A 234 1.19 15.35 9.03
CA ASN A 234 1.64 15.85 7.72
C ASN A 234 0.67 15.55 6.59
N LYS A 235 -0.61 15.78 6.82
CA LYS A 235 -1.63 15.53 5.80
C LYS A 235 -2.46 16.76 5.44
N LEU A 236 -2.13 17.94 5.96
CA LEU A 236 -2.94 19.14 5.74
C LEU A 236 -2.21 20.15 4.87
N ILE A 237 -2.97 20.79 3.99
CA ILE A 237 -2.48 21.79 3.04
C ILE A 237 -3.35 23.03 3.15
N VAL A 238 -2.72 24.20 3.15
CA VAL A 238 -3.47 25.46 3.11
C VAL A 238 -3.69 25.86 1.66
N ASP A 239 -4.90 26.33 1.38
CA ASP A 239 -5.25 26.86 0.05
C ASP A 239 -5.31 28.38 0.11
N ILE A 240 -4.48 29.01 -0.71
CA ILE A 240 -4.50 30.45 -0.92
C ILE A 240 -4.92 30.70 -2.36
N HIS A 241 -5.91 31.56 -2.58
CA HIS A 241 -6.20 32.07 -3.92
C HIS A 241 -5.41 33.37 -4.08
N SER A 242 -4.75 33.53 -5.23
CA SER A 242 -3.88 34.69 -5.43
C SER A 242 -3.97 35.20 -6.87
N TYR A 243 -5.00 36.01 -7.12
CA TYR A 243 -5.17 36.65 -8.43
C TYR A 243 -4.36 37.94 -8.40
N SER A 244 -3.07 37.81 -8.66
CA SER A 244 -2.12 38.86 -8.39
C SER A 244 -1.30 39.18 -9.64
N PRO A 245 -1.02 40.46 -9.91
CA PRO A 245 -1.49 41.63 -9.14
C PRO A 245 -2.97 41.93 -9.39
N TYR A 246 -3.68 42.40 -8.35
CA TYR A 246 -5.14 42.48 -8.41
C TYR A 246 -5.64 43.30 -9.59
N ASN A 247 -5.11 44.51 -9.77
CA ASN A 247 -5.69 45.38 -10.79
C ASN A 247 -5.60 44.76 -12.18
N PHE A 248 -4.48 44.11 -12.48
CA PHE A 248 -4.29 43.46 -13.78
C PHE A 248 -5.11 42.19 -13.88
N ALA A 249 -5.08 41.36 -12.85
CA ALA A 249 -5.52 39.98 -12.96
C ALA A 249 -7.01 39.78 -12.67
N LEU A 250 -7.58 40.55 -11.75
CA LEU A 250 -8.92 40.30 -11.25
C LEU A 250 -9.87 41.49 -11.35
N ASN A 251 -9.36 42.72 -11.40
CA ASN A 251 -10.20 43.91 -11.48
C ASN A 251 -10.66 44.10 -12.92
N THR A 252 -11.97 43.93 -13.17
CA THR A 252 -12.45 44.12 -14.53
C THR A 252 -12.30 45.55 -15.02
N SER A 253 -12.14 46.51 -14.12
CA SER A 253 -11.89 47.91 -14.47
C SER A 253 -10.42 48.28 -14.42
N GLY A 254 -9.55 47.36 -14.04
CA GLY A 254 -8.15 47.69 -13.85
C GLY A 254 -7.32 47.56 -15.11
N THR A 255 -6.06 47.95 -14.97
CA THR A 255 -5.15 48.02 -16.11
C THR A 255 -5.05 46.68 -16.84
N SER A 256 -4.80 46.76 -18.14
CA SER A 256 -4.52 45.59 -18.95
C SER A 256 -3.04 45.41 -19.22
N SER A 257 -2.18 46.25 -18.64
CA SER A 257 -0.75 46.18 -18.85
C SER A 257 -0.07 45.41 -17.72
N PHE A 258 0.84 44.50 -18.09
CA PHE A 258 1.78 43.87 -17.16
C PHE A 258 3.14 43.89 -17.84
N THR A 259 4.15 44.40 -17.15
CA THR A 259 5.44 44.65 -17.77
C THR A 259 6.56 44.07 -16.89
N GLN A 260 7.78 44.14 -17.40
CA GLN A 260 8.95 43.76 -16.61
C GLN A 260 8.92 44.39 -15.23
N SER A 261 8.46 45.64 -15.16
N SER A 261 8.46 45.65 -15.15
CA SER A 261 8.46 46.38 -13.90
CA SER A 261 8.49 46.36 -13.88
C SER A 261 7.56 45.74 -12.86
C SER A 261 7.54 45.75 -12.84
N ASP A 262 6.54 44.97 -13.27
CA ASP A 262 5.59 44.35 -12.34
C ASP A 262 6.07 43.01 -11.79
N ILE A 263 7.15 42.46 -12.32
CA ILE A 263 7.62 41.16 -11.86
C ILE A 263 7.99 41.22 -10.38
N SER A 264 8.58 42.34 -9.96
N SER A 264 8.60 42.33 -9.96
CA SER A 264 9.07 42.43 -8.57
CA SER A 264 9.06 42.43 -8.58
C SER A 264 7.92 42.39 -7.57
C SER A 264 7.90 42.34 -7.59
N GLN A 265 6.78 43.00 -7.90
CA GLN A 265 5.65 42.95 -6.98
C GLN A 265 5.06 41.55 -6.93
N LEU A 266 5.09 40.84 -8.06
CA LEU A 266 4.64 39.45 -8.09
C LEU A 266 5.58 38.56 -7.28
N GLN A 267 6.89 38.78 -7.38
CA GLN A 267 7.83 38.04 -6.55
C GLN A 267 7.53 38.26 -5.07
N TRP A 268 7.24 39.50 -4.68
CA TRP A 268 6.96 39.78 -3.28
C TRP A 268 5.70 39.04 -2.83
N THR A 269 4.64 39.12 -3.64
CA THR A 269 3.38 38.48 -3.27
C THR A 269 3.55 36.98 -3.09
N LEU A 270 4.22 36.32 -4.04
CA LEU A 270 4.37 34.87 -3.95
C LEU A 270 5.33 34.49 -2.83
N GLN A 271 6.38 35.28 -2.63
CA GLN A 271 7.29 35.05 -1.50
C GLN A 271 6.55 35.13 -0.17
N GLU A 272 5.53 35.99 -0.08
CA GLU A 272 4.78 36.10 1.17
C GLU A 272 4.01 34.81 1.47
N ILE A 273 3.45 34.18 0.43
CA ILE A 273 2.80 32.89 0.62
C ILE A 273 3.81 31.86 1.11
N TYR A 274 4.98 31.81 0.46
CA TYR A 274 6.02 30.90 0.90
C TYR A 274 6.43 31.16 2.34
N ASN A 275 6.69 32.43 2.68
CA ASN A 275 7.17 32.74 4.02
C ASN A 275 6.12 32.46 5.08
N SER A 276 4.84 32.65 4.74
CA SER A 276 3.77 32.46 5.73
C SER A 276 3.52 30.98 6.03
N PHE A 277 3.73 30.10 5.05
CA PHE A 277 3.34 28.69 5.17
C PHE A 277 4.49 27.75 4.85
N GLY A 278 4.87 27.63 3.58
CA GLY A 278 5.86 26.62 3.21
C GLY A 278 7.16 26.72 4.00
N ALA A 279 7.64 27.94 4.22
CA ALA A 279 8.88 28.12 4.97
C ALA A 279 8.76 27.68 6.42
N LYS A 280 7.54 27.69 6.99
CA LYS A 280 7.27 27.24 8.34
C LYS A 280 6.88 25.78 8.41
N GLY A 281 7.04 25.03 7.32
CA GLY A 281 6.61 23.65 7.36
C GLY A 281 5.12 23.45 7.31
N ILE A 282 4.37 24.42 6.80
CA ILE A 282 2.96 24.24 6.52
C ILE A 282 2.80 24.17 5.01
N PRO A 283 2.45 23.02 4.44
CA PRO A 283 2.27 22.97 2.99
C PRO A 283 1.20 23.93 2.51
N VAL A 284 1.39 24.48 1.32
CA VAL A 284 0.47 25.46 0.77
C VAL A 284 0.40 25.28 -0.75
N ILE A 285 -0.80 25.51 -1.28
CA ILE A 285 -1.07 25.45 -2.71
C ILE A 285 -1.86 26.69 -3.10
N ILE A 286 -1.62 27.17 -4.32
CA ILE A 286 -2.44 28.25 -4.88
C ILE A 286 -3.57 27.57 -5.64
N GLY A 287 -4.71 27.40 -4.96
CA GLY A 287 -5.80 26.63 -5.52
C GLY A 287 -6.61 27.35 -6.56
N GLN A 288 -6.48 28.67 -6.65
CA GLN A 288 -6.99 29.46 -7.76
C GLN A 288 -6.05 30.62 -8.05
N PHE A 289 -5.74 30.81 -9.33
CA PHE A 289 -5.13 32.03 -9.85
C PHE A 289 -5.62 32.18 -11.28
N GLY A 290 -5.41 33.35 -11.85
CA GLY A 290 -5.76 33.62 -13.24
C GLY A 290 -5.63 35.09 -13.50
N ALA A 291 -5.72 35.46 -14.77
CA ALA A 291 -5.72 36.85 -15.19
C ALA A 291 -6.81 37.01 -16.24
N LEU A 292 -7.70 37.96 -16.03
CA LEU A 292 -8.82 38.18 -16.94
C LEU A 292 -8.35 38.45 -18.35
N ASN A 293 -9.13 37.98 -19.32
CA ASN A 293 -8.89 38.39 -20.70
C ASN A 293 -9.27 39.85 -20.87
N LYS A 294 -8.27 40.69 -21.18
CA LYS A 294 -8.46 42.09 -21.48
C LYS A 294 -7.92 42.41 -22.87
N ASN A 295 -7.92 41.41 -23.74
CA ASN A 295 -7.43 41.54 -25.12
C ASN A 295 -5.99 42.04 -25.11
N ASN A 296 -5.19 41.38 -24.26
CA ASN A 296 -3.87 41.83 -23.87
C ASN A 296 -2.93 40.62 -23.81
N ILE A 297 -2.77 39.92 -24.94
CA ILE A 297 -2.14 38.62 -24.85
C ILE A 297 -0.66 38.73 -24.49
N ASN A 298 0.04 39.77 -24.98
CA ASN A 298 1.46 39.88 -24.67
C ASN A 298 1.67 40.08 -23.17
N GLY A 299 0.83 40.90 -22.55
CA GLY A 299 0.94 41.10 -21.11
C GLY A 299 0.58 39.87 -20.32
N ARG A 300 -0.47 39.15 -20.72
CA ARG A 300 -0.81 37.94 -19.99
C ARG A 300 0.24 36.86 -20.16
N VAL A 301 0.87 36.78 -21.33
CA VAL A 301 1.95 35.82 -21.54
C VAL A 301 3.14 36.13 -20.62
N LEU A 302 3.52 37.39 -20.54
CA LEU A 302 4.63 37.77 -19.67
C LEU A 302 4.28 37.52 -18.21
N TRP A 303 3.07 37.92 -17.80
CA TRP A 303 2.59 37.64 -16.45
C TRP A 303 2.58 36.15 -16.17
N GLY A 304 2.05 35.34 -17.10
CA GLY A 304 1.89 33.93 -16.84
C GLY A 304 3.20 33.19 -16.75
N GLU A 305 4.15 33.49 -17.65
CA GLU A 305 5.46 32.87 -17.56
C GLU A 305 6.09 33.14 -16.20
N ASN A 306 6.02 34.37 -15.74
CA ASN A 306 6.69 34.74 -14.50
C ASN A 306 5.94 34.20 -13.28
N TYR A 307 4.60 34.21 -13.32
CA TYR A 307 3.84 33.66 -12.19
C TYR A 307 4.25 32.21 -11.92
N LEU A 308 4.23 31.36 -12.95
CA LEU A 308 4.56 29.95 -12.76
C LEU A 308 6.03 29.75 -12.41
N ARG A 309 6.92 30.53 -13.03
CA ARG A 309 8.34 30.43 -12.72
C ARG A 309 8.60 30.76 -11.25
N ILE A 310 8.04 31.86 -10.79
CA ILE A 310 8.26 32.27 -9.41
C ILE A 310 7.61 31.29 -8.44
N ALA A 311 6.37 30.89 -8.72
CA ALA A 311 5.69 29.94 -7.84
C ALA A 311 6.49 28.65 -7.72
N LYS A 312 6.97 28.11 -8.85
CA LYS A 312 7.78 26.90 -8.80
C LYS A 312 9.07 27.12 -8.02
N SER A 313 9.65 28.32 -8.09
CA SER A 313 10.89 28.60 -7.37
C SER A 313 10.68 28.58 -5.86
N TYR A 314 9.44 28.76 -5.40
CA TYR A 314 9.09 28.61 -3.99
C TYR A 314 8.40 27.29 -3.71
N ASN A 315 8.41 26.36 -4.67
CA ASN A 315 7.78 25.05 -4.52
C ASN A 315 6.29 25.16 -4.21
N ILE A 316 5.60 26.06 -4.90
CA ILE A 316 4.16 26.25 -4.72
C ILE A 316 3.45 25.87 -6.02
N ARG A 317 2.60 24.85 -5.94
CA ARG A 317 1.80 24.45 -7.09
C ARG A 317 0.67 25.44 -7.31
N CYS A 318 0.24 25.58 -8.57
CA CYS A 318 -0.77 26.54 -8.97
C CYS A 318 -1.89 25.88 -9.77
N ILE A 319 -3.12 26.38 -9.60
CA ILE A 319 -4.32 25.83 -10.25
C ILE A 319 -5.07 26.98 -10.91
N TRP A 320 -5.13 26.95 -12.25
CA TRP A 320 -5.79 28.01 -13.01
C TRP A 320 -7.31 27.95 -12.81
N TRP A 321 -7.94 29.12 -12.67
CA TRP A 321 -9.39 29.21 -12.57
C TRP A 321 -9.98 29.38 -13.98
N ASP A 322 -10.64 28.34 -14.51
CA ASP A 322 -11.18 28.36 -15.87
C ASP A 322 -12.71 28.35 -15.80
N ASN A 323 -13.33 29.51 -16.05
CA ASN A 323 -14.77 29.61 -16.03
C ASN A 323 -15.39 29.60 -17.43
N ASN A 324 -14.62 29.22 -18.45
CA ASN A 324 -15.16 29.01 -19.80
C ASN A 324 -15.76 30.29 -20.39
N ALA A 325 -15.29 31.46 -19.97
CA ALA A 325 -15.80 32.74 -20.43
C ALA A 325 -14.68 33.53 -21.09
N PHE A 326 -14.93 34.01 -22.31
CA PHE A 326 -13.90 34.62 -23.15
C PHE A 326 -14.15 36.08 -23.45
N ASP A 327 -15.32 36.43 -23.96
CA ASP A 327 -15.60 37.80 -24.38
C ASP A 327 -16.93 38.28 -23.83
N THR A 328 -17.29 37.81 -22.62
CA THR A 328 -18.52 38.22 -21.96
C THR A 328 -18.33 39.56 -21.26
N SER A 329 -19.43 40.10 -20.74
CA SER A 329 -19.41 41.32 -19.95
C SER A 329 -19.00 41.07 -18.50
N GLY A 330 -18.76 39.82 -18.12
CA GLY A 330 -18.34 39.44 -16.79
C GLY A 330 -16.86 39.15 -16.73
N GLU A 331 -16.49 38.25 -15.82
CA GLU A 331 -15.10 37.86 -15.64
C GLU A 331 -14.74 36.80 -16.68
N ASN A 332 -13.78 37.10 -17.53
CA ASN A 332 -13.41 36.19 -18.62
C ASN A 332 -12.11 35.47 -18.27
N PHE A 333 -12.24 34.37 -17.56
CA PHE A 333 -11.11 33.54 -17.15
C PHE A 333 -10.97 32.27 -17.98
N GLY A 334 -11.68 32.18 -19.11
CA GLY A 334 -11.61 30.98 -19.92
C GLY A 334 -10.23 30.72 -20.47
N LEU A 335 -9.91 29.43 -20.60
CA LEU A 335 -8.65 28.99 -21.20
C LEU A 335 -8.98 27.89 -22.19
N LEU A 336 -9.73 26.87 -21.75
CA LEU A 336 -10.28 25.86 -22.65
C LEU A 336 -11.66 26.30 -23.09
N ASN A 337 -11.88 26.39 -24.40
CA ASN A 337 -13.22 26.59 -24.92
C ASN A 337 -13.87 25.21 -24.95
N ARG A 338 -14.78 24.95 -24.00
CA ARG A 338 -15.26 23.59 -23.79
C ARG A 338 -16.12 23.10 -24.94
N GLY A 339 -16.88 24.00 -25.60
CA GLY A 339 -17.74 23.58 -26.68
C GLY A 339 -17.03 23.23 -27.96
N THR A 340 -15.88 23.86 -28.21
CA THR A 340 -15.10 23.60 -29.41
C THR A 340 -13.90 22.69 -29.14
N LEU A 341 -13.62 22.41 -27.87
CA LEU A 341 -12.44 21.67 -27.41
C LEU A 341 -11.16 22.26 -27.99
N THR A 342 -11.01 23.56 -27.81
CA THR A 342 -9.85 24.29 -28.28
C THR A 342 -9.29 25.15 -27.14
N TRP A 343 -7.96 25.27 -27.12
CA TRP A 343 -7.28 26.21 -26.24
C TRP A 343 -7.35 27.58 -26.89
N GLN A 344 -8.12 28.49 -26.29
CA GLN A 344 -8.40 29.77 -26.92
C GLN A 344 -7.19 30.71 -26.89
N TYR A 345 -6.30 30.51 -25.92
CA TYR A 345 -5.12 31.36 -25.75
C TYR A 345 -3.87 30.47 -25.72
N PRO A 346 -3.50 29.92 -26.87
CA PRO A 346 -2.37 28.96 -26.90
C PRO A 346 -1.05 29.54 -26.41
N GLU A 347 -0.76 30.82 -26.67
CA GLU A 347 0.50 31.40 -26.21
C GLU A 347 0.54 31.49 -24.69
N LEU A 348 -0.61 31.74 -24.07
CA LEU A 348 -0.68 31.79 -22.62
C LEU A 348 -0.53 30.40 -22.02
N LEU A 349 -1.22 29.41 -22.59
CA LEU A 349 -1.02 28.03 -22.16
C LEU A 349 0.46 27.64 -22.23
N GLU A 350 1.10 27.91 -23.36
CA GLU A 350 2.52 27.58 -23.51
C GLU A 350 3.36 28.28 -22.45
N ALA A 351 3.03 29.53 -22.14
CA ALA A 351 3.79 30.27 -21.13
C ALA A 351 3.72 29.60 -19.77
N MET A 352 2.55 29.08 -19.40
CA MET A 352 2.40 28.46 -18.10
CA MET A 352 2.40 28.46 -18.10
C MET A 352 2.93 27.03 -18.06
N MET A 353 3.13 26.40 -19.21
CA MET A 353 3.57 25.01 -19.26
C MET A 353 5.07 24.84 -19.43
N LYS A 354 5.82 25.91 -19.65
CA LYS A 354 7.25 25.73 -19.88
C LYS A 354 7.98 25.39 -18.58
N THR B 9 -2.34 9.47 28.71
CA THR B 9 -3.32 8.95 27.77
C THR B 9 -4.37 10.00 27.41
N GLN B 10 -4.86 9.93 26.18
CA GLN B 10 -5.92 10.82 25.72
C GLN B 10 -7.30 10.26 26.03
N MET B 11 -7.38 9.06 26.61
N MET B 11 -7.38 9.06 26.61
CA MET B 11 -8.67 8.47 26.93
CA MET B 11 -8.67 8.47 26.93
C MET B 11 -9.44 9.35 27.90
C MET B 11 -9.44 9.35 27.90
N ARG B 12 -10.73 9.54 27.62
CA ARG B 12 -11.59 10.29 28.51
C ARG B 12 -12.01 9.39 29.67
N ASP B 13 -12.10 9.98 30.85
CA ASP B 13 -12.53 9.29 32.07
C ASP B 13 -14.01 9.60 32.26
N LEU B 14 -14.86 8.70 31.78
CA LEU B 14 -16.31 8.87 31.81
C LEU B 14 -16.94 7.83 32.72
N THR B 15 -18.04 8.22 33.36
CA THR B 15 -18.81 7.19 34.05
C THR B 15 -19.60 6.36 33.04
N ALA B 16 -20.11 5.22 33.51
CA ALA B 16 -20.99 4.41 32.68
C ALA B 16 -22.20 5.20 32.20
N SER B 17 -22.80 5.99 33.09
CA SER B 17 -23.97 6.77 32.68
C SER B 17 -23.62 7.78 31.60
N GLN B 18 -22.46 8.44 31.73
CA GLN B 18 -22.04 9.41 30.73
C GLN B 18 -21.76 8.72 29.40
N LEU B 19 -21.09 7.58 29.42
N LEU B 19 -21.13 7.55 29.42
CA LEU B 19 -20.84 6.85 28.20
CA LEU B 19 -20.84 6.85 28.18
C LEU B 19 -22.15 6.45 27.52
C LEU B 19 -22.12 6.35 27.51
N LEU B 20 -23.09 5.90 28.30
CA LEU B 20 -24.33 5.41 27.72
C LEU B 20 -25.13 6.56 27.13
N ASP B 21 -24.95 7.78 27.65
CA ASP B 21 -25.61 8.93 27.08
C ASP B 21 -25.01 9.36 25.75
N GLU B 22 -23.82 8.87 25.41
CA GLU B 22 -23.26 9.12 24.08
C GLU B 22 -23.69 8.07 23.07
N ILE B 23 -24.09 6.88 23.52
CA ILE B 23 -24.62 5.86 22.63
C ILE B 23 -26.01 6.29 22.16
N THR B 24 -26.29 6.08 20.87
CA THR B 24 -27.62 6.34 20.32
C THR B 24 -28.39 5.02 20.27
N ILE B 25 -28.03 4.16 19.32
CA ILE B 25 -28.62 2.84 19.16
C ILE B 25 -27.54 1.95 18.58
N GLY B 26 -27.58 0.67 18.95
CA GLY B 26 -26.54 -0.28 18.59
C GLY B 26 -26.96 -1.42 17.69
N TRP B 27 -25.98 -2.10 17.11
CA TRP B 27 -26.19 -3.22 16.19
C TRP B 27 -25.18 -4.30 16.52
N ASN B 28 -25.65 -5.56 16.60
CA ASN B 28 -24.81 -6.71 16.84
C ASN B 28 -24.37 -7.34 15.53
N LEU B 29 -23.07 -7.65 15.42
CA LEU B 29 -22.53 -8.48 14.33
C LEU B 29 -22.77 -9.96 14.66
N GLY B 30 -24.03 -10.37 14.50
CA GLY B 30 -24.45 -11.67 15.00
C GLY B 30 -24.11 -12.82 14.07
N ASN B 31 -23.97 -14.01 14.67
CA ASN B 31 -23.71 -15.26 13.96
C ASN B 31 -22.45 -15.18 13.11
N THR B 32 -21.47 -14.44 13.59
CA THR B 32 -20.25 -14.16 12.86
C THR B 32 -19.07 -14.68 13.68
N LEU B 33 -18.37 -13.82 14.43
CA LEU B 33 -17.26 -14.30 15.23
C LEU B 33 -17.72 -15.12 16.42
N ASP B 34 -19.03 -15.13 16.70
CA ASP B 34 -19.64 -15.97 17.71
C ASP B 34 -19.96 -17.37 17.22
N ALA B 35 -19.87 -17.64 15.91
CA ALA B 35 -20.20 -18.98 15.43
C ALA B 35 -19.23 -20.02 16.00
N THR B 36 -19.78 -21.16 16.41
CA THR B 36 -19.02 -22.27 16.96
C THR B 36 -19.10 -23.48 16.04
N THR B 37 -18.04 -24.30 16.08
CA THR B 37 -17.95 -25.52 15.29
C THR B 37 -17.51 -26.70 16.17
N THR B 38 -17.69 -26.58 17.48
CA THR B 38 -16.98 -27.42 18.45
C THR B 38 -17.21 -28.91 18.23
N SER B 39 -18.43 -29.30 17.89
CA SER B 39 -18.76 -30.72 17.84
C SER B 39 -18.21 -31.42 16.61
N TRP B 40 -17.76 -30.69 15.59
CA TRP B 40 -17.36 -31.33 14.33
C TRP B 40 -16.05 -30.81 13.76
N LEU B 41 -15.59 -29.63 14.15
CA LEU B 41 -14.35 -29.05 13.63
C LEU B 41 -13.66 -28.39 14.82
N PRO B 42 -12.78 -29.13 15.51
CA PRO B 42 -12.23 -28.57 16.77
C PRO B 42 -11.26 -27.41 16.59
N ASN B 43 -10.58 -27.30 15.45
CA ASN B 43 -9.54 -26.29 15.27
C ASN B 43 -9.78 -25.51 13.98
N PRO B 44 -10.88 -24.76 13.93
CA PRO B 44 -11.18 -23.99 12.72
C PRO B 44 -10.20 -22.84 12.54
N THR B 45 -9.96 -22.50 11.27
CA THR B 45 -9.27 -21.26 10.97
C THR B 45 -10.22 -20.10 11.28
N PRO B 46 -9.70 -18.88 11.38
CA PRO B 46 -10.61 -17.73 11.56
C PRO B 46 -11.68 -17.65 10.49
N ALA B 47 -11.33 -17.89 9.23
CA ALA B 47 -12.33 -17.77 8.17
C ALA B 47 -13.38 -18.88 8.27
N GLN B 48 -12.97 -20.09 8.67
CA GLN B 48 -13.94 -21.17 8.82
C GLN B 48 -14.96 -20.84 9.89
N SER B 49 -14.52 -20.25 11.00
CA SER B 49 -15.45 -19.86 12.06
C SER B 49 -16.35 -18.73 11.60
N GLU B 50 -15.76 -17.66 11.07
CA GLU B 50 -16.53 -16.46 10.76
C GLU B 50 -17.63 -16.73 9.76
N THR B 51 -17.44 -17.69 8.85
CA THR B 51 -18.40 -18.01 7.79
C THR B 51 -19.19 -19.27 8.08
N ALA B 52 -19.08 -19.84 9.29
CA ALA B 52 -19.66 -21.15 9.57
C ALA B 52 -21.18 -21.12 9.62
N TRP B 53 -21.77 -19.99 10.01
CA TRP B 53 -23.21 -19.85 10.15
C TRP B 53 -23.77 -18.94 9.06
N GLY B 54 -23.20 -19.02 7.87
CA GLY B 54 -23.75 -18.43 6.68
C GLY B 54 -23.25 -17.04 6.37
N CYS B 55 -22.76 -16.30 7.35
CA CYS B 55 -22.40 -14.92 7.10
C CYS B 55 -21.14 -14.84 6.24
N PRO B 56 -21.02 -13.78 5.44
CA PRO B 56 -19.81 -13.56 4.67
C PRO B 56 -18.70 -13.01 5.56
N MET B 57 -17.49 -12.98 5.02
CA MET B 57 -16.41 -12.32 5.74
C MET B 57 -16.77 -10.85 5.95
N THR B 58 -16.62 -10.38 7.17
CA THR B 58 -17.00 -9.02 7.50
C THR B 58 -16.02 -8.04 6.86
N THR B 59 -16.53 -6.90 6.40
CA THR B 59 -15.70 -5.85 5.84
C THR B 59 -16.03 -4.52 6.52
N LYS B 60 -15.09 -3.56 6.42
CA LYS B 60 -15.38 -2.24 6.95
C LYS B 60 -16.60 -1.64 6.25
N ALA B 61 -16.77 -1.91 4.97
CA ALA B 61 -17.92 -1.35 4.25
C ALA B 61 -19.25 -1.76 4.87
N MET B 62 -19.32 -2.96 5.45
CA MET B 62 -20.54 -3.37 6.13
C MET B 62 -20.78 -2.49 7.34
N ILE B 63 -19.74 -2.25 8.14
CA ILE B 63 -19.88 -1.41 9.32
C ILE B 63 -20.14 0.04 8.94
N ASP B 64 -19.56 0.50 7.83
CA ASP B 64 -19.89 1.84 7.34
C ASP B 64 -21.38 1.98 7.10
N LYS B 65 -22.00 0.94 6.52
CA LYS B 65 -23.43 0.99 6.22
C LYS B 65 -24.25 0.98 7.51
N VAL B 66 -23.82 0.18 8.49
CA VAL B 66 -24.46 0.19 9.80
C VAL B 66 -24.48 1.60 10.38
N LYS B 67 -23.34 2.29 10.33
CA LYS B 67 -23.28 3.65 10.84
C LYS B 67 -24.21 4.56 10.04
N GLU B 68 -24.18 4.46 8.70
CA GLU B 68 -24.99 5.33 7.87
C GLU B 68 -26.47 5.16 8.19
N GLY B 69 -26.88 3.97 8.61
CA GLY B 69 -28.27 3.72 8.91
C GLY B 69 -28.74 4.32 10.22
N GLY B 70 -27.81 4.79 11.05
CA GLY B 70 -28.17 5.49 12.28
C GLY B 70 -27.59 4.89 13.53
N PHE B 71 -26.89 3.76 13.46
CA PHE B 71 -26.29 3.16 14.64
C PHE B 71 -24.93 3.80 14.90
N ASN B 72 -24.62 4.05 16.17
CA ASN B 72 -23.28 4.55 16.50
C ASN B 72 -22.49 3.57 17.36
N THR B 73 -23.02 2.36 17.58
CA THR B 73 -22.43 1.37 18.46
C THR B 73 -22.57 0.01 17.80
N VAL B 74 -21.51 -0.78 17.84
CA VAL B 74 -21.55 -2.17 17.36
C VAL B 74 -21.07 -3.08 18.49
N ARG B 75 -21.89 -4.06 18.84
CA ARG B 75 -21.47 -5.18 19.67
C ARG B 75 -20.92 -6.29 18.77
N VAL B 76 -19.72 -6.74 19.12
CA VAL B 76 -19.00 -7.77 18.38
C VAL B 76 -18.97 -9.00 19.27
N PRO B 77 -19.98 -9.86 19.19
CA PRO B 77 -19.94 -11.12 19.96
C PRO B 77 -18.87 -12.03 19.40
N VAL B 78 -18.05 -12.59 20.28
CA VAL B 78 -16.93 -13.43 19.89
C VAL B 78 -16.95 -14.70 20.71
N SER B 79 -16.99 -15.83 20.04
CA SER B 79 -16.79 -17.12 20.69
C SER B 79 -15.32 -17.48 20.57
N TRP B 80 -14.67 -17.65 21.72
CA TRP B 80 -13.25 -17.96 21.78
C TRP B 80 -12.98 -19.45 21.92
N ILE B 81 -13.99 -20.24 22.29
CA ILE B 81 -13.78 -21.63 22.69
C ILE B 81 -13.02 -22.43 21.62
N ASP B 82 -13.38 -22.25 20.35
CA ASP B 82 -12.74 -23.07 19.32
C ASP B 82 -11.36 -22.56 18.96
N HIS B 83 -10.90 -21.48 19.60
CA HIS B 83 -9.62 -20.84 19.33
C HIS B 83 -8.78 -20.75 20.60
N THR B 84 -9.12 -21.55 21.60
CA THR B 84 -8.46 -21.54 22.91
C THR B 84 -7.78 -22.88 23.12
N GLY B 85 -6.51 -22.84 23.52
CA GLY B 85 -5.74 -24.03 23.76
C GLY B 85 -6.02 -24.64 25.12
N SER B 86 -5.20 -25.64 25.45
CA SER B 86 -5.43 -26.43 26.66
C SER B 86 -5.01 -25.67 27.91
N ALA B 87 -5.55 -26.13 29.04
CA ALA B 87 -5.14 -25.62 30.34
C ALA B 87 -3.68 -25.97 30.60
N PRO B 88 -3.00 -25.20 31.47
CA PRO B 88 -3.54 -24.05 32.20
C PRO B 88 -3.42 -22.71 31.49
N GLU B 89 -2.70 -22.66 30.38
CA GLU B 89 -2.48 -21.38 29.72
C GLU B 89 -3.69 -20.89 28.94
N TYR B 90 -4.48 -21.80 28.38
CA TYR B 90 -5.65 -21.42 27.58
C TYR B 90 -5.27 -20.38 26.52
N GLN B 91 -4.17 -20.66 25.83
CA GLN B 91 -3.62 -19.73 24.85
C GLN B 91 -4.62 -19.51 23.71
N ILE B 92 -4.92 -18.25 23.43
CA ILE B 92 -5.78 -17.92 22.29
C ILE B 92 -4.95 -17.90 21.02
N ASP B 93 -5.47 -18.55 19.98
CA ASP B 93 -4.81 -18.59 18.69
C ASP B 93 -4.52 -17.19 18.16
N GLU B 94 -3.27 -16.94 17.80
CA GLU B 94 -2.87 -15.60 17.38
C GLU B 94 -3.64 -15.14 16.14
N ALA B 95 -3.83 -16.04 15.17
CA ALA B 95 -4.57 -15.66 13.97
C ALA B 95 -5.99 -15.23 14.32
N TRP B 96 -6.60 -15.87 15.31
CA TRP B 96 -7.95 -15.49 15.71
C TRP B 96 -7.93 -14.14 16.40
N MET B 97 -7.00 -13.95 17.34
CA MET B 97 -6.92 -12.65 18.01
C MET B 97 -6.71 -11.54 17.00
N ASN B 98 -5.89 -11.79 15.97
CA ASN B 98 -5.63 -10.78 14.96
C ASN B 98 -6.90 -10.45 14.17
N ARG B 99 -7.70 -11.46 13.82
CA ARG B 99 -8.93 -11.20 13.10
C ARG B 99 -9.94 -10.45 13.97
N VAL B 100 -10.06 -10.83 15.24
CA VAL B 100 -10.96 -10.11 16.13
C VAL B 100 -10.57 -8.64 16.17
N GLN B 101 -9.28 -8.36 16.26
CA GLN B 101 -8.83 -6.97 16.31
C GLN B 101 -9.15 -6.25 15.00
N GLU B 102 -9.02 -6.92 13.86
CA GLU B 102 -9.38 -6.29 12.59
C GLU B 102 -10.85 -5.86 12.59
N VAL B 103 -11.74 -6.73 13.07
CA VAL B 103 -13.17 -6.43 13.09
C VAL B 103 -13.48 -5.33 14.09
N VAL B 104 -12.92 -5.42 15.30
CA VAL B 104 -13.06 -4.33 16.27
C VAL B 104 -12.63 -3.01 15.66
N ASN B 105 -11.54 -3.03 14.88
CA ASN B 105 -11.05 -1.78 14.29
C ASN B 105 -11.99 -1.22 13.24
N TYR B 106 -12.73 -2.07 12.50
CA TYR B 106 -13.74 -1.55 11.59
C TYR B 106 -14.70 -0.61 12.32
N VAL B 107 -15.00 -0.95 13.58
CA VAL B 107 -15.93 -0.17 14.40
C VAL B 107 -15.21 1.02 15.03
N ILE B 108 -14.09 0.76 15.70
CA ILE B 108 -13.37 1.82 16.41
C ILE B 108 -12.89 2.89 15.43
N ASP B 109 -12.40 2.49 14.25
CA ASP B 109 -11.90 3.45 13.28
C ASP B 109 -13.01 4.29 12.67
N ASN B 110 -14.27 3.88 12.82
CA ASN B 110 -15.44 4.62 12.39
C ASN B 110 -15.97 5.56 13.46
N ASP B 111 -15.21 5.84 14.52
CA ASP B 111 -15.64 6.76 15.58
C ASP B 111 -16.90 6.25 16.27
N MET B 112 -17.03 4.93 16.36
CA MET B 112 -18.18 4.27 16.96
C MET B 112 -17.78 3.65 18.28
N TYR B 113 -18.78 3.38 19.11
CA TYR B 113 -18.60 2.59 20.32
C TYR B 113 -18.64 1.12 19.97
N CYS B 114 -17.84 0.32 20.68
CA CYS B 114 -17.71 -1.10 20.38
C CYS B 114 -17.73 -1.87 21.68
N ILE B 115 -18.51 -2.95 21.71
CA ILE B 115 -18.60 -3.86 22.84
C ILE B 115 -18.04 -5.20 22.39
N LEU B 116 -17.00 -5.68 23.07
CA LEU B 116 -16.33 -6.94 22.77
C LEU B 116 -16.56 -7.89 23.93
N ASN B 117 -17.04 -9.09 23.66
CA ASN B 117 -17.39 -10.04 24.73
C ASN B 117 -16.70 -11.38 24.55
N ILE B 118 -17.01 -12.32 25.46
CA ILE B 118 -16.97 -13.75 25.17
C ILE B 118 -18.41 -14.23 25.07
N HIS B 119 -18.69 -15.12 24.12
CA HIS B 119 -20.07 -15.38 23.74
C HIS B 119 -20.45 -16.82 24.01
N HIS B 120 -20.39 -17.72 23.03
CA HIS B 120 -20.87 -19.09 23.23
C HIS B 120 -19.78 -19.96 23.88
N GLU B 121 -19.55 -19.69 25.16
CA GLU B 121 -18.53 -20.37 25.95
C GLU B 121 -19.13 -21.41 26.90
N ASN B 122 -20.41 -21.74 26.75
N ASN B 122 -20.41 -21.74 26.72
CA ASN B 122 -21.14 -22.53 27.75
CA ASN B 122 -21.18 -22.53 27.68
C ASN B 122 -20.67 -23.97 27.89
C ASN B 122 -20.56 -23.90 27.93
N ASP B 123 -19.91 -24.51 26.93
CA ASP B 123 -19.34 -25.84 27.13
C ASP B 123 -18.45 -25.92 28.37
N TRP B 124 -17.74 -24.84 28.70
CA TRP B 124 -16.93 -24.79 29.92
C TRP B 124 -17.41 -23.78 30.96
N LEU B 125 -18.15 -22.75 30.54
N LEU B 125 -18.05 -22.70 30.52
CA LEU B 125 -18.57 -21.65 31.43
CA LEU B 125 -18.53 -21.66 31.43
C LEU B 125 -19.82 -22.04 32.20
C LEU B 125 -19.79 -22.20 32.06
N ILE B 126 -19.63 -22.89 33.19
CA ILE B 126 -20.70 -23.66 33.81
C ILE B 126 -20.89 -23.09 35.21
N PRO B 127 -22.03 -22.48 35.52
CA PRO B 127 -22.21 -21.82 36.84
C PRO B 127 -22.67 -22.76 37.95
N THR B 128 -21.73 -23.57 38.45
CA THR B 128 -21.97 -24.45 39.59
C THR B 128 -20.77 -24.41 40.51
N ASN B 129 -21.01 -24.77 41.78
CA ASN B 129 -19.92 -24.78 42.75
C ASN B 129 -18.83 -25.77 42.35
N ALA B 130 -19.20 -26.90 41.75
CA ALA B 130 -18.19 -27.90 41.40
C ALA B 130 -17.26 -27.41 40.30
N GLN B 131 -17.73 -26.54 39.42
CA GLN B 131 -16.91 -26.03 38.32
C GLN B 131 -16.29 -24.67 38.63
N LYS B 132 -16.68 -24.02 39.72
CA LYS B 132 -16.38 -22.60 39.92
C LYS B 132 -14.90 -22.29 39.86
N ASP B 133 -14.06 -23.07 40.54
CA ASP B 133 -12.64 -22.74 40.58
C ASP B 133 -12.01 -22.87 39.20
N SER B 134 -12.34 -23.94 38.47
CA SER B 134 -11.81 -24.15 37.13
C SER B 134 -12.27 -23.05 36.19
N VAL B 135 -13.55 -22.67 36.28
CA VAL B 135 -14.08 -21.64 35.40
C VAL B 135 -13.45 -20.29 35.71
N ASN B 136 -13.29 -19.95 36.99
CA ASN B 136 -12.65 -18.69 37.34
C ASN B 136 -11.22 -18.64 36.81
N ALA B 137 -10.49 -19.76 36.88
CA ALA B 137 -9.12 -19.76 36.36
C ALA B 137 -9.10 -19.54 34.84
N ARG B 138 -10.03 -20.17 34.12
CA ARG B 138 -10.08 -19.99 32.68
C ARG B 138 -10.48 -18.56 32.32
N LEU B 139 -11.47 -18.01 33.02
CA LEU B 139 -11.85 -16.62 32.78
C LEU B 139 -10.66 -15.68 32.97
N ASP B 140 -9.90 -15.88 34.04
CA ASP B 140 -8.73 -15.03 34.24
C ASP B 140 -7.73 -15.19 33.09
N ALA B 141 -7.50 -16.44 32.67
CA ALA B 141 -6.50 -16.68 31.64
C ALA B 141 -6.90 -16.04 30.32
N ILE B 142 -8.18 -16.16 29.93
CA ILE B 142 -8.56 -15.62 28.64
C ILE B 142 -8.76 -14.10 28.71
N TRP B 143 -9.33 -13.58 29.80
CA TRP B 143 -9.51 -12.13 29.90
C TRP B 143 -8.20 -11.37 30.05
N THR B 144 -7.18 -11.98 30.67
CA THR B 144 -5.88 -11.32 30.68
C THR B 144 -5.37 -11.14 29.25
N GLN B 145 -5.55 -12.16 28.41
CA GLN B 145 -5.09 -12.08 27.03
C GLN B 145 -5.88 -11.06 26.22
N ILE B 146 -7.20 -11.09 26.32
CA ILE B 146 -8.03 -10.14 25.57
C ILE B 146 -7.76 -8.72 26.04
N ALA B 147 -7.79 -8.51 27.37
CA ALA B 147 -7.58 -7.17 27.90
C ALA B 147 -6.22 -6.62 27.52
N THR B 148 -5.20 -7.48 27.50
CA THR B 148 -3.86 -7.01 27.13
C THR B 148 -3.81 -6.60 25.66
N ARG B 149 -4.39 -7.40 24.77
CA ARG B 149 -4.35 -7.04 23.34
C ARG B 149 -5.04 -5.71 23.09
N PHE B 150 -6.15 -5.44 23.78
CA PHE B 150 -6.99 -4.28 23.53
C PHE B 150 -6.79 -3.18 24.56
N GLY B 151 -5.71 -3.23 25.34
CA GLY B 151 -5.55 -2.33 26.47
C GLY B 151 -5.34 -0.87 26.09
N SER B 152 -4.82 -0.63 24.89
N SER B 152 -4.82 -0.61 24.90
CA SER B 152 -4.51 0.74 24.47
CA SER B 152 -4.52 0.77 24.52
C SER B 152 -5.72 1.50 23.96
C SER B 152 -5.70 1.47 23.85
N TYR B 153 -6.84 0.81 23.74
CA TYR B 153 -8.01 1.44 23.13
C TYR B 153 -8.63 2.40 24.13
N ASP B 154 -9.32 3.43 23.62
CA ASP B 154 -9.88 4.49 24.45
C ASP B 154 -11.27 4.09 24.94
N GLU B 155 -12.01 5.08 25.45
CA GLU B 155 -13.27 4.81 26.11
C GLU B 155 -14.34 4.26 25.16
N HIS B 156 -14.10 4.32 23.86
CA HIS B 156 -15.08 3.80 22.93
C HIS B 156 -15.15 2.29 22.97
N LEU B 157 -14.13 1.60 23.50
CA LEU B 157 -14.15 0.15 23.59
C LEU B 157 -14.58 -0.27 24.99
N ILE B 158 -15.63 -1.07 25.04
CA ILE B 158 -16.20 -1.62 26.28
C ILE B 158 -15.98 -3.12 26.24
N PHE B 159 -15.53 -3.71 27.35
CA PHE B 159 -15.46 -5.16 27.46
C PHE B 159 -16.70 -5.68 28.20
N GLU B 160 -17.29 -6.76 27.69
CA GLU B 160 -18.41 -7.46 28.32
C GLU B 160 -17.95 -8.86 28.71
N GLY B 161 -18.04 -9.20 30.00
CA GLY B 161 -17.27 -10.32 30.51
C GLY B 161 -17.81 -11.69 30.14
N MET B 162 -19.12 -11.80 29.95
CA MET B 162 -19.78 -13.03 29.54
C MET B 162 -21.07 -12.66 28.83
N ASN B 163 -21.71 -13.65 28.20
CA ASN B 163 -22.92 -13.39 27.44
C ASN B 163 -24.19 -13.83 28.17
N GLN B 164 -24.47 -15.13 28.18
CA GLN B 164 -25.66 -15.67 28.83
C GLN B 164 -25.31 -16.89 29.68
N PRO B 165 -24.50 -16.71 30.73
CA PRO B 165 -24.16 -17.84 31.58
C PRO B 165 -25.41 -18.46 32.20
N ARG B 166 -25.49 -19.80 32.16
CA ARG B 166 -26.74 -20.47 32.49
C ARG B 166 -26.50 -21.97 32.66
N LEU B 167 -27.55 -22.66 33.09
CA LEU B 167 -27.52 -24.12 33.23
C LEU B 167 -28.08 -24.75 31.96
N VAL B 168 -27.19 -25.08 31.03
CA VAL B 168 -27.62 -25.58 29.73
C VAL B 168 -28.21 -26.97 29.89
N GLY B 169 -29.38 -27.21 29.30
CA GLY B 169 -30.05 -28.48 29.37
C GLY B 169 -30.95 -28.66 30.58
N ASP B 170 -30.83 -27.80 31.59
CA ASP B 170 -31.64 -27.93 32.78
C ASP B 170 -33.08 -27.53 32.46
N PRO B 171 -34.06 -28.13 33.13
CA PRO B 171 -35.45 -27.69 32.90
C PRO B 171 -35.64 -26.20 33.10
N ASN B 172 -34.80 -25.58 33.92
CA ASN B 172 -34.92 -24.16 34.20
C ASN B 172 -33.83 -23.33 33.56
N GLU B 173 -33.23 -23.87 32.49
CA GLU B 173 -32.18 -23.16 31.76
C GLU B 173 -32.54 -21.71 31.50
N TRP B 174 -33.74 -21.48 30.94
CA TRP B 174 -34.19 -20.14 30.55
C TRP B 174 -35.21 -19.58 31.53
N ASN B 175 -35.21 -20.07 32.76
CA ASN B 175 -36.13 -19.65 33.80
C ASN B 175 -35.39 -19.47 35.12
N GLY B 176 -34.19 -18.87 35.06
CA GLY B 176 -33.45 -18.50 36.24
C GLY B 176 -32.51 -19.55 36.79
N GLY B 177 -32.50 -20.75 36.24
CA GLY B 177 -31.57 -21.76 36.71
C GLY B 177 -31.90 -22.15 38.13
N ASN B 178 -30.91 -22.07 39.02
CA ASN B 178 -31.11 -22.26 40.44
C ASN B 178 -30.30 -21.21 41.19
N GLN B 179 -30.55 -21.12 42.50
CA GLN B 179 -29.92 -20.07 43.31
C GLN B 179 -28.40 -20.19 43.26
N GLU B 180 -27.87 -21.41 43.33
CA GLU B 180 -26.44 -21.61 43.24
C GLU B 180 -25.88 -21.03 41.94
N ALA B 181 -26.55 -21.29 40.82
CA ALA B 181 -26.05 -20.76 39.55
C ALA B 181 -26.03 -19.25 39.55
N ARG B 182 -27.11 -18.63 40.04
CA ARG B 182 -27.16 -17.17 40.07
C ARG B 182 -26.07 -16.61 40.96
N GLN B 183 -25.79 -17.28 42.09
CA GLN B 183 -24.77 -16.81 43.00
C GLN B 183 -23.36 -16.99 42.41
N VAL B 184 -23.10 -18.13 41.78
CA VAL B 184 -21.78 -18.37 41.19
C VAL B 184 -21.47 -17.36 40.09
N ILE B 185 -22.48 -16.98 39.31
CA ILE B 185 -22.26 -15.96 38.27
C ILE B 185 -21.71 -14.68 38.86
N ASN B 186 -22.09 -14.33 40.09
CA ASN B 186 -21.51 -13.14 40.70
C ASN B 186 -19.99 -13.29 40.86
N SER B 187 -19.52 -14.49 41.22
N SER B 187 -19.50 -14.51 41.14
CA SER B 187 -18.09 -14.74 41.28
CA SER B 187 -18.06 -14.71 41.27
C SER B 187 -17.44 -14.54 39.91
C SER B 187 -17.36 -14.67 39.92
N TYR B 188 -18.01 -15.18 38.87
CA TYR B 188 -17.47 -15.05 37.52
C TYR B 188 -17.36 -13.58 37.08
N ASN B 189 -18.41 -12.79 37.32
CA ASN B 189 -18.36 -11.38 36.95
C ASN B 189 -17.27 -10.65 37.73
N GLN B 190 -17.09 -10.99 39.03
CA GLN B 190 -16.06 -10.38 39.83
C GLN B 190 -14.66 -10.71 39.31
N THR B 191 -14.45 -11.97 38.92
CA THR B 191 -13.17 -12.37 38.36
C THR B 191 -12.86 -11.58 37.09
N PHE B 192 -13.85 -11.46 36.21
CA PHE B 192 -13.68 -10.67 34.99
C PHE B 192 -13.22 -9.27 35.31
N VAL B 193 -13.92 -8.58 36.21
CA VAL B 193 -13.56 -7.20 36.53
C VAL B 193 -12.15 -7.15 37.12
N ASN B 194 -11.87 -8.04 38.08
CA ASN B 194 -10.55 -8.05 38.70
C ASN B 194 -9.46 -8.21 37.65
N THR B 195 -9.67 -9.16 36.71
CA THR B 195 -8.67 -9.48 35.71
C THR B 195 -8.41 -8.30 34.79
N VAL B 196 -9.46 -7.61 34.38
CA VAL B 196 -9.29 -6.45 33.52
C VAL B 196 -8.55 -5.34 34.27
N ARG B 197 -8.98 -5.04 35.49
CA ARG B 197 -8.38 -3.93 36.22
C ARG B 197 -6.90 -4.17 36.51
N ALA B 198 -6.52 -5.43 36.71
CA ALA B 198 -5.14 -5.75 37.06
C ALA B 198 -4.16 -5.43 35.93
N THR B 199 -4.64 -5.33 34.69
CA THR B 199 -3.75 -4.99 33.58
C THR B 199 -3.38 -3.52 33.55
N GLY B 200 -4.08 -2.66 34.30
CA GLY B 200 -3.70 -1.26 34.42
C GLY B 200 -3.98 -0.44 33.16
N GLY B 201 -3.32 0.72 33.10
CA GLY B 201 -3.47 1.57 31.93
C GLY B 201 -4.91 1.99 31.71
N ASN B 202 -5.27 2.11 30.43
CA ASN B 202 -6.64 2.48 30.09
C ASN B 202 -7.64 1.47 30.64
N ASN B 203 -7.21 0.21 30.82
CA ASN B 203 -8.13 -0.79 31.33
C ASN B 203 -8.52 -0.50 32.77
N ALA B 204 -7.76 0.34 33.47
CA ALA B 204 -8.11 0.71 34.84
C ALA B 204 -9.35 1.57 34.91
N ILE B 205 -9.72 2.28 33.83
CA ILE B 205 -10.86 3.18 33.86
C ILE B 205 -11.84 2.92 32.71
N ARG B 206 -11.68 1.79 32.04
CA ARG B 206 -12.61 1.40 30.98
C ARG B 206 -13.95 1.01 31.58
N CYS B 207 -15.02 1.32 30.86
CA CYS B 207 -16.34 0.81 31.23
C CYS B 207 -16.49 -0.65 30.84
N LEU B 208 -17.14 -1.41 31.70
CA LEU B 208 -17.28 -2.84 31.55
C LEU B 208 -18.74 -3.23 31.72
N MET B 209 -19.16 -4.27 30.99
N MET B 209 -19.09 -4.36 31.12
CA MET B 209 -20.51 -4.79 31.04
CA MET B 209 -20.45 -4.84 31.07
C MET B 209 -20.50 -6.20 31.62
C MET B 209 -20.51 -6.26 31.58
N VAL B 210 -21.53 -6.54 32.39
CA VAL B 210 -21.69 -7.87 32.97
C VAL B 210 -23.15 -8.28 32.87
N PRO B 211 -23.45 -9.56 32.63
CA PRO B 211 -24.83 -10.02 32.60
C PRO B 211 -25.29 -10.60 33.93
N THR B 212 -26.60 -10.62 34.09
CA THR B 212 -27.27 -11.48 35.05
C THR B 212 -27.27 -12.92 34.52
N TYR B 213 -27.81 -13.85 35.32
CA TYR B 213 -28.10 -15.18 34.83
C TYR B 213 -28.87 -15.09 33.51
N ALA B 214 -28.34 -15.74 32.47
CA ALA B 214 -28.92 -15.79 31.13
C ALA B 214 -29.17 -14.39 30.54
N ALA B 215 -28.51 -13.37 31.05
CA ALA B 215 -28.81 -11.99 30.69
C ALA B 215 -30.30 -11.70 30.78
N SER B 216 -30.96 -12.31 31.76
CA SER B 216 -32.40 -12.19 31.92
C SER B 216 -32.74 -11.29 33.09
N CYS B 217 -33.83 -10.52 32.94
CA CYS B 217 -34.38 -9.71 34.01
C CYS B 217 -35.66 -10.40 34.51
N SER B 218 -35.58 -10.93 35.72
CA SER B 218 -36.75 -11.48 36.41
C SER B 218 -36.48 -11.33 37.90
N SER B 219 -37.51 -11.59 38.70
CA SER B 219 -37.37 -11.43 40.15
C SER B 219 -36.16 -12.16 40.68
N THR B 220 -36.00 -13.44 40.33
CA THR B 220 -34.93 -14.19 40.97
C THR B 220 -33.56 -13.83 40.39
N THR B 221 -33.46 -13.57 39.08
CA THR B 221 -32.14 -13.21 38.57
C THR B 221 -31.68 -11.87 39.12
N VAL B 222 -32.62 -10.94 39.36
CA VAL B 222 -32.26 -9.64 39.91
C VAL B 222 -31.91 -9.75 41.39
N ASN B 223 -32.74 -10.45 42.14
CA ASN B 223 -32.57 -10.50 43.59
C ASN B 223 -31.25 -11.15 44.01
N ASP B 224 -30.75 -12.09 43.21
CA ASP B 224 -29.51 -12.79 43.55
C ASP B 224 -28.28 -12.21 42.86
N PHE B 225 -28.42 -11.10 42.15
CA PHE B 225 -27.34 -10.45 41.43
C PHE B 225 -26.81 -9.26 42.22
N VAL B 226 -25.50 -9.06 42.17
CA VAL B 226 -24.88 -7.82 42.65
C VAL B 226 -23.76 -7.45 41.68
N LEU B 227 -23.59 -6.15 41.46
CA LEU B 227 -22.47 -5.71 40.66
C LEU B 227 -21.16 -6.11 41.34
N PRO B 228 -20.15 -6.52 40.58
CA PRO B 228 -18.82 -6.69 41.15
C PRO B 228 -18.35 -5.43 41.88
N THR B 229 -17.57 -5.63 42.93
CA THR B 229 -16.88 -4.52 43.57
C THR B 229 -15.72 -4.11 42.67
N ASP B 230 -15.64 -2.83 42.37
CA ASP B 230 -14.68 -2.29 41.41
C ASP B 230 -13.67 -1.42 42.15
N THR B 231 -12.52 -1.22 41.50
CA THR B 231 -11.45 -0.36 41.98
C THR B 231 -11.71 1.11 41.69
N VAL B 232 -12.66 1.40 40.80
CA VAL B 232 -13.02 2.75 40.41
C VAL B 232 -14.54 2.82 40.39
N ALA B 233 -15.09 4.01 40.64
CA ALA B 233 -16.52 4.16 40.80
C ALA B 233 -17.24 4.30 39.47
N ASN B 234 -18.45 3.73 39.40
CA ASN B 234 -19.44 4.06 38.37
C ASN B 234 -18.98 3.72 36.96
N LYS B 235 -18.37 2.54 36.80
CA LYS B 235 -17.90 2.11 35.49
C LYS B 235 -18.54 0.83 34.99
N LEU B 236 -19.49 0.25 35.71
CA LEU B 236 -20.06 -1.04 35.36
C LEU B 236 -21.51 -0.90 34.88
N ILE B 237 -21.86 -1.73 33.90
CA ILE B 237 -23.16 -1.71 33.24
C ILE B 237 -23.67 -3.14 33.19
N VAL B 238 -24.94 -3.33 33.53
CA VAL B 238 -25.59 -4.63 33.40
C VAL B 238 -26.12 -4.78 31.98
N ASP B 239 -25.94 -5.97 31.39
CA ASP B 239 -26.51 -6.29 30.08
C ASP B 239 -27.71 -7.21 30.27
N ILE B 240 -28.88 -6.77 29.80
CA ILE B 240 -30.08 -7.59 29.75
C ILE B 240 -30.42 -7.80 28.29
N HIS B 241 -30.71 -9.03 27.90
CA HIS B 241 -31.29 -9.29 26.59
C HIS B 241 -32.80 -9.40 26.78
N SER B 242 -33.57 -8.77 25.89
CA SER B 242 -35.02 -8.74 26.06
C SER B 242 -35.72 -8.79 24.70
N TYR B 243 -35.93 -10.01 24.22
CA TYR B 243 -36.68 -10.25 22.99
C TYR B 243 -38.14 -10.36 23.38
N SER B 244 -38.78 -9.18 23.48
CA SER B 244 -40.07 -9.07 24.13
C SER B 244 -41.05 -8.33 23.23
N PRO B 245 -42.32 -8.76 23.18
CA PRO B 245 -42.86 -9.95 23.86
C PRO B 245 -42.38 -11.25 23.22
N TYR B 246 -42.13 -12.27 24.05
CA TYR B 246 -41.46 -13.48 23.59
C TYR B 246 -42.16 -14.11 22.40
N ASN B 247 -43.47 -14.32 22.48
CA ASN B 247 -44.14 -15.08 21.44
C ASN B 247 -44.06 -14.39 20.08
N PHE B 248 -44.13 -13.06 20.06
CA PHE B 248 -44.00 -12.31 18.82
C PHE B 248 -42.56 -12.22 18.36
N ALA B 249 -41.65 -11.91 19.29
CA ALA B 249 -40.30 -11.51 18.92
C ALA B 249 -39.33 -12.68 18.74
N LEU B 250 -39.47 -13.76 19.51
CA LEU B 250 -38.45 -14.80 19.54
C LEU B 250 -38.97 -16.20 19.28
N ASN B 251 -40.25 -16.45 19.51
CA ASN B 251 -40.81 -17.78 19.31
C ASN B 251 -41.08 -17.97 17.83
N THR B 252 -40.34 -18.88 17.18
CA THR B 252 -40.53 -19.07 15.74
C THR B 252 -41.90 -19.62 15.40
N SER B 253 -42.60 -20.20 16.39
CA SER B 253 -43.95 -20.71 16.20
C SER B 253 -45.01 -19.79 16.80
N GLY B 254 -44.62 -18.62 17.32
CA GLY B 254 -45.55 -17.73 17.96
C GLY B 254 -46.19 -16.75 17.00
N THR B 255 -47.08 -15.94 17.57
CA THR B 255 -47.87 -15.01 16.77
C THR B 255 -46.99 -14.10 15.94
N SER B 256 -47.53 -13.67 14.79
CA SER B 256 -46.91 -12.66 13.94
C SER B 256 -47.54 -11.29 14.13
N SER B 257 -48.50 -11.16 15.04
CA SER B 257 -49.26 -9.92 15.24
C SER B 257 -48.74 -9.15 16.45
N PHE B 258 -48.62 -7.83 16.26
CA PHE B 258 -48.36 -6.90 17.35
C PHE B 258 -49.23 -5.67 17.11
N THR B 259 -50.13 -5.37 18.03
CA THR B 259 -51.13 -4.32 17.86
C THR B 259 -51.03 -3.29 18.98
N GLN B 260 -51.86 -2.26 18.88
CA GLN B 260 -51.94 -1.24 19.93
C GLN B 260 -52.08 -1.87 21.31
N SER B 261 -52.90 -2.91 21.42
CA SER B 261 -53.18 -3.49 22.73
C SER B 261 -51.97 -4.22 23.33
N ASP B 262 -50.95 -4.52 22.53
CA ASP B 262 -49.75 -5.15 23.04
C ASP B 262 -48.74 -4.16 23.59
N ILE B 263 -48.90 -2.87 23.30
CA ILE B 263 -47.92 -1.88 23.76
C ILE B 263 -47.82 -1.89 25.29
N SER B 264 -48.95 -2.04 25.97
N SER B 264 -48.95 -2.07 25.96
CA SER B 264 -48.95 -1.99 27.43
CA SER B 264 -48.95 -1.99 27.42
C SER B 264 -48.05 -3.08 28.02
C SER B 264 -48.11 -3.09 28.05
N GLN B 265 -48.12 -4.29 27.47
CA GLN B 265 -47.31 -5.36 28.02
C GLN B 265 -45.83 -5.09 27.79
N LEU B 266 -45.50 -4.47 26.65
CA LEU B 266 -44.12 -4.10 26.39
C LEU B 266 -43.65 -3.00 27.33
N GLN B 267 -44.52 -2.02 27.60
CA GLN B 267 -44.22 -1.02 28.61
C GLN B 267 -43.90 -1.66 29.96
N TRP B 268 -44.73 -2.61 30.38
CA TRP B 268 -44.48 -3.26 31.66
C TRP B 268 -43.14 -3.97 31.67
N THR B 269 -42.82 -4.69 30.58
CA THR B 269 -41.59 -5.46 30.54
C THR B 269 -40.38 -4.54 30.63
N LEU B 270 -40.37 -3.46 29.85
CA LEU B 270 -39.22 -2.56 29.87
C LEU B 270 -39.16 -1.78 31.17
N GLN B 271 -40.31 -1.41 31.74
CA GLN B 271 -40.32 -0.77 33.03
C GLN B 271 -39.68 -1.65 34.10
N GLU B 272 -39.82 -2.97 33.98
CA GLU B 272 -39.24 -3.85 34.99
C GLU B 272 -37.72 -3.81 34.93
N ILE B 273 -37.15 -3.69 33.73
CA ILE B 273 -35.70 -3.52 33.60
C ILE B 273 -35.27 -2.22 34.27
N TYR B 274 -36.00 -1.13 34.00
CA TYR B 274 -35.71 0.14 34.65
C TYR B 274 -35.81 0.04 36.16
N ASN B 275 -36.90 -0.55 36.66
CA ASN B 275 -37.09 -0.62 38.12
C ASN B 275 -36.02 -1.48 38.77
N SER B 276 -35.57 -2.53 38.07
CA SER B 276 -34.58 -3.43 38.66
C SER B 276 -33.21 -2.80 38.74
N PHE B 277 -32.86 -1.94 37.78
CA PHE B 277 -31.49 -1.45 37.64
C PHE B 277 -31.44 0.07 37.58
N GLY B 278 -31.89 0.66 36.48
CA GLY B 278 -31.71 2.10 36.30
C GLY B 278 -32.27 2.93 37.43
N ALA B 279 -33.47 2.58 37.92
CA ALA B 279 -34.11 3.36 38.97
C ALA B 279 -33.35 3.29 40.29
N LYS B 280 -32.50 2.28 40.45
CA LYS B 280 -31.68 2.10 41.63
C LYS B 280 -30.28 2.67 41.44
N GLY B 281 -30.03 3.34 40.32
CA GLY B 281 -28.70 3.84 40.05
C GLY B 281 -27.73 2.83 39.47
N ILE B 282 -28.21 1.69 39.01
CA ILE B 282 -27.37 0.67 38.38
C ILE B 282 -27.52 0.82 36.89
N PRO B 283 -26.47 1.20 36.15
CA PRO B 283 -26.63 1.36 34.70
C PRO B 283 -26.96 0.04 34.02
N VAL B 284 -27.82 0.10 33.01
CA VAL B 284 -28.27 -1.10 32.30
C VAL B 284 -28.44 -0.78 30.82
N ILE B 285 -28.08 -1.75 29.99
CA ILE B 285 -28.23 -1.67 28.54
C ILE B 285 -28.94 -2.94 28.08
N ILE B 286 -29.76 -2.81 27.04
CA ILE B 286 -30.36 -3.96 26.36
C ILE B 286 -29.40 -4.34 25.23
N GLY B 287 -28.50 -5.26 25.54
CA GLY B 287 -27.43 -5.64 24.65
C GLY B 287 -27.87 -6.47 23.47
N GLN B 288 -29.05 -7.08 23.54
CA GLN B 288 -29.66 -7.75 22.41
C GLN B 288 -31.17 -7.63 22.52
N PHE B 289 -31.81 -7.24 21.41
CA PHE B 289 -33.24 -7.36 21.22
C PHE B 289 -33.46 -7.54 19.72
N GLY B 290 -34.65 -7.94 19.36
CA GLY B 290 -35.01 -8.15 17.96
C GLY B 290 -36.38 -8.77 17.89
N ALA B 291 -36.93 -8.79 16.67
CA ALA B 291 -38.16 -9.50 16.40
C ALA B 291 -37.98 -10.27 15.09
N LEU B 292 -38.27 -11.57 15.14
CA LEU B 292 -38.12 -12.46 13.99
C LEU B 292 -38.91 -11.96 12.80
N ASN B 293 -38.35 -12.15 11.62
CA ASN B 293 -39.14 -11.94 10.41
C ASN B 293 -40.20 -13.02 10.28
N LYS B 294 -41.47 -12.62 10.35
CA LYS B 294 -42.60 -13.52 10.14
C LYS B 294 -43.47 -13.04 8.98
N ASN B 295 -42.85 -12.42 7.97
CA ASN B 295 -43.59 -11.85 6.84
C ASN B 295 -44.68 -10.92 7.35
N ASN B 296 -44.29 -10.06 8.29
CA ASN B 296 -45.21 -9.30 9.12
C ASN B 296 -44.68 -7.88 9.33
N ILE B 297 -44.38 -7.19 8.23
CA ILE B 297 -43.65 -5.94 8.34
C ILE B 297 -44.42 -4.90 9.14
N ASN B 298 -45.75 -4.86 9.01
CA ASN B 298 -46.52 -3.84 9.72
C ASN B 298 -46.45 -4.06 11.23
N GLY B 299 -46.62 -5.30 11.68
CA GLY B 299 -46.48 -5.59 13.09
C GLY B 299 -45.10 -5.26 13.61
N ARG B 300 -44.06 -5.60 12.86
CA ARG B 300 -42.71 -5.31 13.33
C ARG B 300 -42.44 -3.81 13.38
N VAL B 301 -43.04 -3.03 12.45
CA VAL B 301 -42.87 -1.57 12.47
C VAL B 301 -43.51 -0.98 13.71
N LEU B 302 -44.75 -1.38 14.01
CA LEU B 302 -45.43 -0.86 15.20
C LEU B 302 -44.67 -1.27 16.46
N TRP B 303 -44.29 -2.55 16.55
CA TRP B 303 -43.48 -3.03 17.66
C TRP B 303 -42.18 -2.24 17.80
N GLY B 304 -41.48 -2.05 16.68
CA GLY B 304 -40.14 -1.45 16.75
C GLY B 304 -40.16 0.00 17.16
N GLU B 305 -41.10 0.78 16.61
N GLU B 305 -41.12 0.78 16.65
CA GLU B 305 -41.26 2.16 17.04
CA GLU B 305 -41.17 2.18 17.05
C GLU B 305 -41.40 2.22 18.56
C GLU B 305 -41.49 2.31 18.54
N ASN B 306 -42.28 1.39 19.10
CA ASN B 306 -42.62 1.49 20.51
C ASN B 306 -41.53 0.92 21.38
N TYR B 307 -40.86 -0.15 20.95
CA TYR B 307 -39.76 -0.68 21.76
C TYR B 307 -38.71 0.40 22.00
N LEU B 308 -38.23 1.02 20.94
CA LEU B 308 -37.18 2.02 21.08
C LEU B 308 -37.68 3.25 21.84
N ARG B 309 -38.91 3.68 21.57
CA ARG B 309 -39.45 4.85 22.27
C ARG B 309 -39.55 4.57 23.77
N ILE B 310 -40.12 3.42 24.15
CA ILE B 310 -40.30 3.12 25.57
C ILE B 310 -38.94 2.94 26.24
N ALA B 311 -38.04 2.20 25.60
CA ALA B 311 -36.72 2.01 26.21
C ALA B 311 -36.03 3.35 26.44
N LYS B 312 -36.04 4.22 25.43
CA LYS B 312 -35.42 5.53 25.61
C LYS B 312 -36.08 6.31 26.75
N SER B 313 -37.39 6.13 26.95
CA SER B 313 -38.09 6.86 28.00
C SER B 313 -37.66 6.41 29.39
N TYR B 314 -37.07 5.22 29.51
CA TYR B 314 -36.45 4.74 30.73
C TYR B 314 -34.93 4.87 30.70
N ASN B 315 -34.41 5.60 29.71
N ASN B 315 -34.40 5.62 29.73
CA ASN B 315 -32.98 5.86 29.56
CA ASN B 315 -32.96 5.84 29.61
C ASN B 315 -32.17 4.57 29.35
C ASN B 315 -32.19 4.52 29.41
N ILE B 316 -32.74 3.62 28.61
CA ILE B 316 -32.10 2.35 28.30
C ILE B 316 -31.76 2.28 26.81
N ARG B 317 -30.45 2.19 26.52
CA ARG B 317 -29.98 1.98 25.16
C ARG B 317 -30.25 0.55 24.71
N CYS B 318 -30.45 0.38 23.41
CA CYS B 318 -30.80 -0.92 22.81
C CYS B 318 -29.87 -1.25 21.67
N ILE B 319 -29.62 -2.54 21.49
CA ILE B 319 -28.71 -3.06 20.46
C ILE B 319 -29.41 -4.20 19.73
N TRP B 320 -29.71 -3.98 18.45
CA TRP B 320 -30.40 -4.97 17.63
C TRP B 320 -29.52 -6.19 17.34
N TRP B 321 -30.09 -7.37 17.44
CA TRP B 321 -29.38 -8.61 17.10
C TRP B 321 -29.56 -8.91 15.60
N ASP B 322 -28.49 -8.74 14.82
CA ASP B 322 -28.56 -8.93 13.38
C ASP B 322 -27.75 -10.16 13.00
N ASN B 323 -28.43 -11.28 12.70
CA ASN B 323 -27.75 -12.52 12.35
C ASN B 323 -27.74 -12.78 10.85
N ASN B 324 -28.10 -11.79 10.03
CA ASN B 324 -27.97 -11.86 8.57
C ASN B 324 -28.84 -12.98 7.97
N ALA B 325 -29.92 -13.35 8.65
CA ALA B 325 -30.84 -14.39 8.18
C ALA B 325 -32.21 -13.77 7.94
N PHE B 326 -32.75 -13.97 6.74
CA PHE B 326 -33.97 -13.33 6.27
C PHE B 326 -35.11 -14.30 6.04
N ASP B 327 -34.89 -15.37 5.27
CA ASP B 327 -35.94 -16.30 4.91
C ASP B 327 -35.50 -17.74 5.10
N THR B 328 -34.68 -17.98 6.13
CA THR B 328 -34.20 -19.32 6.44
C THR B 328 -35.25 -20.07 7.26
N SER B 329 -34.99 -21.36 7.50
CA SER B 329 -35.82 -22.17 8.37
C SER B 329 -35.47 -22.01 9.85
N GLY B 330 -34.54 -21.12 10.19
CA GLY B 330 -34.20 -20.85 11.56
C GLY B 330 -34.65 -19.49 12.05
N GLU B 331 -33.87 -18.85 12.91
CA GLU B 331 -34.21 -17.53 13.43
C GLU B 331 -33.78 -16.46 12.44
N ASN B 332 -34.73 -15.68 11.95
CA ASN B 332 -34.46 -14.67 10.92
C ASN B 332 -34.48 -13.28 11.54
N PHE B 333 -33.33 -12.87 12.06
CA PHE B 333 -33.14 -11.57 12.67
C PHE B 333 -32.35 -10.60 11.78
N GLY B 334 -32.20 -10.92 10.50
CA GLY B 334 -31.42 -10.05 9.64
C GLY B 334 -32.06 -8.69 9.46
N LEU B 335 -31.21 -7.67 9.33
CA LEU B 335 -31.66 -6.31 9.07
C LEU B 335 -30.85 -5.73 7.91
N LEU B 336 -29.53 -5.79 8.01
CA LEU B 336 -28.64 -5.40 6.92
C LEU B 336 -28.38 -6.62 6.06
N ASN B 337 -28.61 -6.48 4.76
CA ASN B 337 -28.13 -7.49 3.82
C ASN B 337 -26.65 -7.22 3.58
N ARG B 338 -25.79 -8.06 4.16
CA ARG B 338 -24.36 -7.76 4.14
C ARG B 338 -23.78 -7.93 2.75
N GLY B 339 -24.41 -8.77 1.93
CA GLY B 339 -23.90 -9.04 0.59
C GLY B 339 -24.15 -7.91 -0.39
N THR B 340 -25.27 -7.21 -0.26
CA THR B 340 -25.57 -6.07 -1.12
C THR B 340 -25.32 -4.72 -0.44
N LEU B 341 -25.04 -4.72 0.87
CA LEU B 341 -24.86 -3.49 1.64
C LEU B 341 -26.11 -2.61 1.56
N THR B 342 -27.27 -3.24 1.69
CA THR B 342 -28.54 -2.53 1.68
C THR B 342 -29.40 -3.05 2.82
N TRP B 343 -30.28 -2.19 3.32
CA TRP B 343 -31.20 -2.55 4.38
C TRP B 343 -32.35 -3.35 3.79
N GLN B 344 -32.55 -4.56 4.29
CA GLN B 344 -33.58 -5.44 3.73
C GLN B 344 -34.98 -4.96 4.08
N TYR B 345 -35.15 -4.36 5.26
CA TYR B 345 -36.44 -3.90 5.78
C TYR B 345 -36.33 -2.43 6.12
N PRO B 346 -36.28 -1.55 5.12
CA PRO B 346 -36.07 -0.12 5.42
C PRO B 346 -37.16 0.49 6.29
N GLU B 347 -38.39 -0.02 6.22
CA GLU B 347 -39.46 0.55 7.04
C GLU B 347 -39.24 0.23 8.51
N LEU B 348 -38.74 -0.96 8.80
CA LEU B 348 -38.42 -1.32 10.17
C LEU B 348 -37.25 -0.50 10.69
N LEU B 349 -36.20 -0.33 9.87
CA LEU B 349 -35.10 0.53 10.26
C LEU B 349 -35.61 1.93 10.62
N GLU B 350 -36.46 2.49 9.75
CA GLU B 350 -36.97 3.84 10.00
C GLU B 350 -37.73 3.89 11.31
N ALA B 351 -38.53 2.87 11.60
CA ALA B 351 -39.30 2.85 12.83
C ALA B 351 -38.41 2.95 14.07
N MET B 352 -37.26 2.27 14.04
CA MET B 352 -36.38 2.27 15.20
CA MET B 352 -36.38 2.26 15.21
C MET B 352 -35.46 3.48 15.28
N MET B 353 -35.37 4.26 14.21
CA MET B 353 -34.48 5.42 14.18
C MET B 353 -35.17 6.75 14.46
N LYS B 354 -36.46 6.74 14.78
CA LYS B 354 -37.14 8.02 14.99
C LYS B 354 -36.93 8.52 16.43
N MET C 11 9.05 -33.98 -39.95
CA MET C 11 8.63 -32.57 -39.91
C MET C 11 7.22 -32.44 -40.45
N ARG C 12 6.37 -31.68 -39.76
CA ARG C 12 5.02 -31.43 -40.22
C ARG C 12 5.00 -30.32 -41.25
N ASP C 13 4.12 -30.45 -42.23
CA ASP C 13 3.98 -29.46 -43.31
C ASP C 13 2.79 -28.58 -42.95
N LEU C 14 3.07 -27.44 -42.33
CA LEU C 14 2.04 -26.53 -41.88
C LEU C 14 2.15 -25.21 -42.61
N THR C 15 1.00 -24.57 -42.84
CA THR C 15 1.03 -23.21 -43.35
C THR C 15 1.48 -22.25 -42.24
N ALA C 16 1.88 -21.05 -42.65
CA ALA C 16 2.23 -20.04 -41.66
C ALA C 16 1.06 -19.80 -40.69
N SER C 17 -0.17 -19.74 -41.21
CA SER C 17 -1.30 -19.47 -40.32
C SER C 17 -1.51 -20.60 -39.33
N GLN C 18 -1.32 -21.85 -39.77
CA GLN C 18 -1.44 -22.98 -38.86
C GLN C 18 -0.37 -22.94 -37.79
N LEU C 19 0.87 -22.64 -38.18
CA LEU C 19 1.95 -22.56 -37.20
C LEU C 19 1.66 -21.46 -36.19
N LEU C 20 1.25 -20.28 -36.66
CA LEU C 20 0.99 -19.18 -35.74
C LEU C 20 -0.14 -19.50 -34.78
N ASP C 21 -1.09 -20.34 -35.19
CA ASP C 21 -2.17 -20.71 -34.28
C ASP C 21 -1.73 -21.70 -33.20
N GLU C 22 -0.55 -22.31 -33.35
CA GLU C 22 0.01 -23.12 -32.28
C GLU C 22 0.83 -22.30 -31.30
N ILE C 23 1.31 -21.13 -31.72
CA ILE C 23 2.00 -20.23 -30.81
C ILE C 23 0.98 -19.61 -29.85
N THR C 24 1.36 -19.51 -28.58
CA THR C 24 0.52 -18.85 -27.59
C THR C 24 1.02 -17.42 -27.39
N ILE C 25 2.16 -17.27 -26.71
CA ILE C 25 2.82 -15.99 -26.48
C ILE C 25 4.31 -16.29 -26.41
N GLY C 26 5.13 -15.33 -26.85
CA GLY C 26 6.56 -15.52 -26.97
C GLY C 26 7.39 -14.60 -26.10
N TRP C 27 8.68 -14.94 -25.98
CA TRP C 27 9.67 -14.26 -25.15
C TRP C 27 10.97 -14.15 -25.93
N ASN C 28 11.56 -12.94 -25.95
CA ASN C 28 12.85 -12.72 -26.62
C ASN C 28 13.98 -12.86 -25.60
N LEU C 29 15.01 -13.63 -25.96
CA LEU C 29 16.28 -13.65 -25.21
C LEU C 29 17.10 -12.41 -25.60
N GLY C 30 16.67 -11.26 -25.07
CA GLY C 30 17.22 -10.00 -25.51
C GLY C 30 18.57 -9.66 -24.89
N ASN C 31 19.33 -8.84 -25.63
CA ASN C 31 20.62 -8.31 -25.18
C ASN C 31 21.63 -9.42 -24.81
N THR C 32 21.55 -10.54 -25.53
CA THR C 32 22.30 -11.74 -25.19
C THR C 32 23.15 -12.10 -26.41
N LEU C 33 22.72 -13.05 -27.25
CA LEU C 33 23.51 -13.38 -28.43
C LEU C 33 23.45 -12.26 -29.46
N ASP C 34 22.56 -11.27 -29.28
CA ASP C 34 22.50 -10.10 -30.12
C ASP C 34 23.49 -9.01 -29.69
N ALA C 35 24.13 -9.14 -28.53
CA ALA C 35 25.08 -8.12 -28.08
C ALA C 35 26.25 -8.03 -29.04
N THR C 36 26.63 -6.81 -29.40
CA THR C 36 27.76 -6.56 -30.26
C THR C 36 28.91 -5.93 -29.46
N THR C 37 30.13 -6.13 -29.97
CA THR C 37 31.34 -5.55 -29.39
C THR C 37 32.19 -4.87 -30.46
N THR C 38 31.57 -4.49 -31.59
CA THR C 38 32.32 -4.09 -32.77
C THR C 38 33.20 -2.87 -32.52
N SER C 39 32.75 -1.94 -31.67
CA SER C 39 33.46 -0.69 -31.52
C SER C 39 34.76 -0.85 -30.73
N TRP C 40 34.94 -1.95 -30.01
CA TRP C 40 36.06 -2.09 -29.09
C TRP C 40 36.70 -3.46 -29.06
N LEU C 41 36.05 -4.52 -29.56
CA LEU C 41 36.61 -5.87 -29.53
C LEU C 41 36.21 -6.56 -30.82
N PRO C 42 37.13 -6.69 -31.78
CA PRO C 42 36.74 -7.25 -33.09
C PRO C 42 36.54 -8.76 -33.09
N ASN C 43 37.19 -9.48 -32.17
CA ASN C 43 37.26 -10.94 -32.23
C ASN C 43 36.79 -11.57 -30.92
N PRO C 44 35.57 -11.26 -30.48
CA PRO C 44 35.10 -11.80 -29.20
C PRO C 44 34.89 -13.31 -29.28
N THR C 45 35.16 -13.97 -28.16
CA THR C 45 34.74 -15.35 -27.99
C THR C 45 33.22 -15.36 -27.78
N PRO C 46 32.59 -16.53 -27.88
CA PRO C 46 31.13 -16.57 -27.64
C PRO C 46 30.76 -16.03 -26.26
N ALA C 47 31.56 -16.36 -25.24
CA ALA C 47 31.23 -15.89 -23.90
C ALA C 47 31.41 -14.38 -23.78
N GLN C 48 32.43 -13.83 -24.43
CA GLN C 48 32.64 -12.38 -24.36
C GLN C 48 31.48 -11.62 -24.98
N SER C 49 30.93 -12.13 -26.08
CA SER C 49 29.78 -11.49 -26.69
C SER C 49 28.53 -11.67 -25.84
N GLU C 50 28.22 -12.90 -25.45
CA GLU C 50 26.96 -13.19 -24.79
C GLU C 50 26.79 -12.37 -23.51
N THR C 51 27.88 -12.08 -22.81
CA THR C 51 27.84 -11.34 -21.55
C THR C 51 28.18 -9.87 -21.71
N ALA C 52 28.36 -9.40 -22.94
CA ALA C 52 28.90 -8.07 -23.16
C ALA C 52 27.95 -6.97 -22.71
N TRP C 53 26.64 -7.24 -22.70
CA TRP C 53 25.64 -6.26 -22.34
C TRP C 53 24.99 -6.59 -20.99
N GLY C 54 25.73 -7.28 -20.13
CA GLY C 54 25.33 -7.47 -18.76
C GLY C 54 24.58 -8.75 -18.45
N CYS C 55 24.12 -9.46 -19.46
CA CYS C 55 23.36 -10.67 -19.18
C CYS C 55 24.28 -11.81 -18.77
N PRO C 56 23.79 -12.73 -17.95
CA PRO C 56 24.57 -13.92 -17.60
C PRO C 56 24.56 -14.90 -18.77
N MET C 57 25.48 -15.87 -18.70
CA MET C 57 25.44 -16.96 -19.66
C MET C 57 24.08 -17.65 -19.59
N THR C 58 23.45 -17.82 -20.75
CA THR C 58 22.14 -18.44 -20.78
C THR C 58 22.24 -19.91 -20.39
N THR C 59 21.25 -20.40 -19.66
CA THR C 59 21.18 -21.80 -19.28
C THR C 59 19.81 -22.35 -19.65
N LYS C 60 19.73 -23.68 -19.76
CA LYS C 60 18.43 -24.28 -20.03
C LYS C 60 17.44 -23.99 -18.92
N ALA C 61 17.91 -23.92 -17.67
CA ALA C 61 17.02 -23.63 -16.55
C ALA C 61 16.30 -22.30 -16.76
N MET C 62 16.97 -21.31 -17.37
CA MET C 62 16.30 -20.05 -17.66
C MET C 62 15.17 -20.27 -18.67
N ILE C 63 15.45 -21.01 -19.73
CA ILE C 63 14.41 -21.28 -20.72
C ILE C 63 13.31 -22.12 -20.10
N ASP C 64 13.67 -23.08 -19.24
CA ASP C 64 12.66 -23.85 -18.53
C ASP C 64 11.70 -22.92 -17.79
N LYS C 65 12.24 -21.89 -17.14
CA LYS C 65 11.41 -20.97 -16.37
C LYS C 65 10.51 -20.14 -17.28
N VAL C 66 11.03 -19.72 -18.43
CA VAL C 66 10.22 -19.00 -19.41
C VAL C 66 8.99 -19.84 -19.80
N LYS C 67 9.22 -21.11 -20.12
CA LYS C 67 8.11 -22.00 -20.45
C LYS C 67 7.13 -22.11 -19.29
N GLU C 68 7.66 -22.31 -18.07
CA GLU C 68 6.79 -22.45 -16.90
C GLU C 68 5.92 -21.22 -16.72
N GLY C 69 6.44 -20.03 -17.05
CA GLY C 69 5.68 -18.81 -16.86
C GLY C 69 4.54 -18.61 -17.83
N GLY C 70 4.43 -19.46 -18.85
CA GLY C 70 3.34 -19.37 -19.80
C GLY C 70 3.73 -19.14 -21.24
N PHE C 71 5.01 -18.99 -21.57
CA PHE C 71 5.43 -18.77 -22.96
C PHE C 71 5.70 -20.11 -23.62
N ASN C 72 5.33 -20.24 -24.90
CA ASN C 72 5.65 -21.45 -25.65
C ASN C 72 6.57 -21.19 -26.83
N THR C 73 7.08 -19.97 -26.97
CA THR C 73 7.91 -19.55 -28.10
C THR C 73 9.02 -18.66 -27.58
N VAL C 74 10.24 -18.89 -28.06
CA VAL C 74 11.39 -18.03 -27.74
C VAL C 74 11.98 -17.53 -29.05
N ARG C 75 12.05 -16.22 -29.19
CA ARG C 75 12.84 -15.61 -30.26
C ARG C 75 14.27 -15.43 -29.75
N VAL C 76 15.23 -15.95 -30.51
CA VAL C 76 16.64 -15.90 -30.18
C VAL C 76 17.31 -14.92 -31.15
N PRO C 77 17.38 -13.64 -30.80
CA PRO C 77 18.09 -12.69 -31.65
C PRO C 77 19.58 -12.95 -31.59
N VAL C 78 20.22 -13.02 -32.76
CA VAL C 78 21.64 -13.31 -32.84
C VAL C 78 22.30 -12.28 -33.74
N SER C 79 23.31 -11.59 -33.22
CA SER C 79 24.18 -10.74 -34.02
C SER C 79 25.38 -11.57 -34.45
N TRP C 80 25.55 -11.70 -35.76
CA TRP C 80 26.64 -12.51 -36.31
C TRP C 80 27.84 -11.69 -36.71
N ILE C 81 27.71 -10.36 -36.75
CA ILE C 81 28.74 -9.52 -37.36
C ILE C 81 30.11 -9.76 -36.73
N ASP C 82 30.18 -9.83 -35.40
CA ASP C 82 31.46 -9.96 -34.72
C ASP C 82 32.02 -11.37 -34.78
N HIS C 83 31.33 -12.28 -35.46
CA HIS C 83 31.73 -13.69 -35.57
C HIS C 83 31.80 -14.12 -37.03
N THR C 84 31.86 -13.16 -37.94
CA THR C 84 31.84 -13.43 -39.38
C THR C 84 33.16 -13.00 -39.99
N GLY C 85 33.75 -13.89 -40.78
CA GLY C 85 35.01 -13.62 -41.44
C GLY C 85 34.84 -12.70 -42.63
N SER C 86 35.93 -12.57 -43.40
CA SER C 86 35.97 -11.62 -44.50
C SER C 86 35.37 -12.21 -45.77
N ALA C 87 35.07 -11.32 -46.72
CA ALA C 87 34.53 -11.72 -48.00
C ALA C 87 35.56 -12.53 -48.79
N PRO C 88 35.11 -13.38 -49.72
CA PRO C 88 33.71 -13.60 -50.11
C PRO C 88 33.03 -14.72 -49.33
N GLU C 89 33.79 -15.43 -48.49
CA GLU C 89 33.24 -16.58 -47.79
C GLU C 89 32.36 -16.17 -46.62
N TYR C 90 32.74 -15.10 -45.90
CA TYR C 90 32.00 -14.65 -44.73
C TYR C 90 31.80 -15.82 -43.75
N GLN C 91 32.89 -16.53 -43.48
CA GLN C 91 32.83 -17.71 -42.64
C GLN C 91 32.44 -17.34 -41.22
N ILE C 92 31.45 -18.05 -40.68
CA ILE C 92 31.02 -17.86 -39.30
C ILE C 92 31.90 -18.69 -38.38
N ASP C 93 32.41 -18.06 -37.32
CA ASP C 93 33.22 -18.75 -36.32
C ASP C 93 32.49 -19.97 -35.77
N GLU C 94 33.17 -21.11 -35.81
CA GLU C 94 32.51 -22.36 -35.43
C GLU C 94 32.11 -22.37 -33.97
N ALA C 95 32.92 -21.77 -33.09
CA ALA C 95 32.56 -21.73 -31.68
C ALA C 95 31.29 -20.93 -31.47
N TRP C 96 31.10 -19.86 -32.27
CA TRP C 96 29.88 -19.08 -32.18
C TRP C 96 28.69 -19.87 -32.70
N MET C 97 28.84 -20.50 -33.87
CA MET C 97 27.74 -21.29 -34.41
C MET C 97 27.31 -22.38 -33.44
N ASN C 98 28.28 -23.03 -32.78
N ASN C 98 28.28 -23.03 -32.79
CA ASN C 98 27.90 -24.10 -31.86
CA ASN C 98 27.94 -24.11 -31.85
C ASN C 98 27.19 -23.54 -30.63
C ASN C 98 27.20 -23.55 -30.64
N ARG C 99 27.60 -22.37 -30.16
CA ARG C 99 26.91 -21.78 -29.01
C ARG C 99 25.48 -21.39 -29.39
N VAL C 100 25.31 -20.80 -30.56
CA VAL C 100 23.95 -20.48 -31.03
C VAL C 100 23.10 -21.74 -31.05
N GLN C 101 23.67 -22.84 -31.54
CA GLN C 101 22.91 -24.09 -31.58
C GLN C 101 22.60 -24.61 -30.17
N GLU C 102 23.55 -24.46 -29.23
CA GLU C 102 23.27 -24.87 -27.86
C GLU C 102 22.04 -24.14 -27.32
N VAL C 103 21.96 -22.83 -27.55
CA VAL C 103 20.86 -22.03 -27.04
C VAL C 103 19.57 -22.36 -27.77
N VAL C 104 19.62 -22.49 -29.10
CA VAL C 104 18.44 -22.92 -29.83
C VAL C 104 17.92 -24.24 -29.27
N ASN C 105 18.84 -25.15 -28.92
CA ASN C 105 18.41 -26.44 -28.39
C ASN C 105 17.75 -26.30 -27.02
N TYR C 106 18.14 -25.32 -26.21
CA TYR C 106 17.41 -25.10 -24.96
C TYR C 106 15.92 -24.92 -25.25
N VAL C 107 15.62 -24.21 -26.34
CA VAL C 107 14.23 -23.93 -26.71
C VAL C 107 13.61 -25.15 -27.38
N ILE C 108 14.28 -25.69 -28.39
CA ILE C 108 13.70 -26.76 -29.18
C ILE C 108 13.49 -28.01 -28.32
N ASP C 109 14.44 -28.31 -27.44
CA ASP C 109 14.31 -29.49 -26.59
C ASP C 109 13.22 -29.34 -25.54
N ASN C 110 12.75 -28.12 -25.30
CA ASN C 110 11.59 -27.88 -24.45
C ASN C 110 10.28 -27.93 -25.23
N ASP C 111 10.30 -28.47 -26.45
CA ASP C 111 9.10 -28.57 -27.28
C ASP C 111 8.46 -27.21 -27.53
N MET C 112 9.30 -26.17 -27.57
CA MET C 112 8.85 -24.81 -27.84
C MET C 112 9.14 -24.44 -29.28
N TYR C 113 8.45 -23.41 -29.75
CA TYR C 113 8.77 -22.78 -31.03
C TYR C 113 9.95 -21.83 -30.84
N CYS C 114 10.78 -21.72 -31.87
CA CYS C 114 12.00 -20.93 -31.81
C CYS C 114 12.15 -20.14 -33.09
N ILE C 115 12.41 -18.84 -32.97
CA ILE C 115 12.71 -17.97 -34.10
C ILE C 115 14.18 -17.57 -33.99
N LEU C 116 14.94 -17.88 -35.03
CA LEU C 116 16.36 -17.54 -35.11
C LEU C 116 16.56 -16.51 -36.20
N ASN C 117 17.25 -15.41 -35.89
CA ASN C 117 17.42 -14.37 -36.91
C ASN C 117 18.88 -13.96 -37.10
N ILE C 118 19.09 -12.93 -37.92
CA ILE C 118 20.26 -12.05 -37.82
C ILE C 118 19.74 -10.72 -37.28
N HIS C 119 20.53 -10.08 -36.41
CA HIS C 119 19.99 -9.00 -35.59
C HIS C 119 20.74 -7.71 -35.87
N HIS C 120 21.73 -7.34 -35.05
CA HIS C 120 22.40 -6.03 -35.18
C HIS C 120 23.48 -6.12 -36.25
N GLU C 121 23.03 -6.25 -37.49
CA GLU C 121 23.91 -6.34 -38.64
C GLU C 121 24.02 -5.03 -39.42
N ASN C 122 23.56 -3.92 -38.83
CA ASN C 122 23.37 -2.68 -39.57
C ASN C 122 24.67 -2.11 -40.14
N ASP C 123 25.81 -2.39 -39.51
CA ASP C 123 27.06 -1.83 -40.01
C ASP C 123 27.28 -2.17 -41.49
N TRP C 124 26.81 -3.33 -41.93
CA TRP C 124 26.95 -3.74 -43.33
C TRP C 124 25.62 -3.89 -44.05
N LEU C 125 24.55 -4.25 -43.35
N LEU C 125 24.54 -4.20 -43.34
CA LEU C 125 23.24 -4.45 -43.98
CA LEU C 125 23.22 -4.43 -43.94
C LEU C 125 22.63 -3.07 -44.17
C LEU C 125 22.57 -3.08 -44.20
N ILE C 126 23.03 -2.43 -45.26
CA ILE C 126 22.68 -1.05 -45.58
C ILE C 126 21.72 -1.04 -46.77
N PRO C 127 20.50 -0.48 -46.62
CA PRO C 127 19.52 -0.51 -47.73
C PRO C 127 19.62 0.66 -48.70
N THR C 128 20.62 0.59 -49.57
CA THR C 128 20.80 1.55 -50.66
C THR C 128 21.13 0.78 -51.93
N ASN C 129 20.82 1.39 -53.08
CA ASN C 129 21.17 0.76 -54.36
C ASN C 129 22.67 0.53 -54.49
N ALA C 130 23.49 1.43 -53.93
CA ALA C 130 24.93 1.27 -54.04
C ALA C 130 25.40 -0.01 -53.37
N GLN C 131 24.84 -0.33 -52.20
CA GLN C 131 25.28 -1.46 -51.39
C GLN C 131 24.57 -2.76 -51.72
N LYS C 132 23.47 -2.69 -52.48
CA LYS C 132 22.61 -3.84 -52.73
C LYS C 132 23.38 -5.09 -53.15
N ASP C 133 24.24 -4.97 -54.17
CA ASP C 133 24.90 -6.18 -54.66
C ASP C 133 25.78 -6.81 -53.59
N SER C 134 26.55 -5.99 -52.87
CA SER C 134 27.42 -6.51 -51.82
C SER C 134 26.62 -7.14 -50.70
N VAL C 135 25.56 -6.46 -50.26
CA VAL C 135 24.76 -6.94 -49.14
C VAL C 135 24.08 -8.25 -49.47
N ASN C 136 23.52 -8.36 -50.67
CA ASN C 136 22.86 -9.61 -51.06
C ASN C 136 23.86 -10.76 -51.08
N ALA C 137 25.08 -10.51 -51.56
CA ALA C 137 26.09 -11.55 -51.55
C ALA C 137 26.39 -12.03 -50.13
N ARG C 138 26.49 -11.08 -49.18
CA ARG C 138 26.79 -11.48 -47.81
C ARG C 138 25.60 -12.18 -47.18
N LEU C 139 24.39 -11.70 -47.44
CA LEU C 139 23.20 -12.39 -46.94
C LEU C 139 23.15 -13.83 -47.44
N ASP C 140 23.45 -14.04 -48.72
CA ASP C 140 23.48 -15.40 -49.25
C ASP C 140 24.53 -16.24 -48.53
N ALA C 141 25.73 -15.68 -48.33
CA ALA C 141 26.81 -16.46 -47.73
C ALA C 141 26.46 -16.86 -46.30
N ILE C 142 25.95 -15.93 -45.50
CA ILE C 142 25.70 -16.27 -44.11
C ILE C 142 24.44 -17.12 -43.97
N TRP C 143 23.40 -16.83 -44.75
CA TRP C 143 22.16 -17.62 -44.62
C TRP C 143 22.35 -19.05 -45.13
N THR C 144 23.23 -19.26 -46.11
CA THR C 144 23.52 -20.63 -46.50
C THR C 144 24.13 -21.39 -45.32
N GLN C 145 25.02 -20.74 -44.58
CA GLN C 145 25.67 -21.38 -43.44
C GLN C 145 24.68 -21.63 -42.31
N ILE C 146 23.85 -20.65 -41.98
CA ILE C 146 22.89 -20.82 -40.91
C ILE C 146 21.86 -21.89 -41.28
N ALA C 147 21.27 -21.76 -42.47
CA ALA C 147 20.25 -22.72 -42.89
C ALA C 147 20.81 -24.13 -42.96
N THR C 148 22.07 -24.28 -43.38
CA THR C 148 22.68 -25.61 -43.43
C THR C 148 22.83 -26.20 -42.04
N ARG C 149 23.35 -25.41 -41.10
CA ARG C 149 23.57 -25.95 -39.75
C ARG C 149 22.25 -26.38 -39.11
N PHE C 150 21.18 -25.62 -39.32
CA PHE C 150 19.89 -25.87 -38.69
C PHE C 150 18.90 -26.57 -39.63
N GLY C 151 19.38 -27.09 -40.75
CA GLY C 151 18.49 -27.65 -41.75
C GLY C 151 17.68 -28.85 -41.28
N SER C 152 18.19 -29.59 -40.31
CA SER C 152 17.52 -30.81 -39.86
C SER C 152 16.41 -30.56 -38.86
N TYR C 153 16.25 -29.33 -38.38
CA TYR C 153 15.24 -29.04 -37.38
C TYR C 153 13.85 -29.09 -37.99
N ASP C 154 12.85 -29.38 -37.16
CA ASP C 154 11.50 -29.55 -37.67
C ASP C 154 10.79 -28.19 -37.71
N GLU C 155 9.46 -28.21 -37.79
CA GLU C 155 8.68 -27.00 -38.01
C GLU C 155 8.69 -26.06 -36.81
N HIS C 156 9.18 -26.50 -35.65
CA HIS C 156 9.24 -25.60 -34.51
C HIS C 156 10.28 -24.51 -34.68
N LEU C 157 11.22 -24.68 -35.61
CA LEU C 157 12.26 -23.69 -35.85
C LEU C 157 11.89 -22.85 -37.07
N ILE C 158 11.83 -21.55 -36.87
CA ILE C 158 11.51 -20.56 -37.89
C ILE C 158 12.77 -19.72 -38.10
N PHE C 159 13.07 -19.40 -39.35
CA PHE C 159 14.16 -18.47 -39.66
C PHE C 159 13.58 -17.09 -39.95
N GLU C 160 14.16 -16.05 -39.35
CA GLU C 160 13.81 -14.66 -39.63
C GLU C 160 15.01 -13.99 -40.32
N GLY C 161 14.79 -13.46 -41.52
CA GLY C 161 15.91 -13.12 -42.38
C GLY C 161 16.70 -11.90 -41.96
N MET C 162 16.03 -10.93 -41.33
CA MET C 162 16.66 -9.71 -40.86
C MET C 162 15.83 -9.19 -39.69
N ASN C 163 16.39 -8.20 -38.98
CA ASN C 163 15.70 -7.63 -37.82
C ASN C 163 15.02 -6.30 -38.15
N GLN C 164 15.79 -5.21 -38.20
CA GLN C 164 15.24 -3.88 -38.44
C GLN C 164 16.08 -3.15 -39.48
N PRO C 165 16.11 -3.66 -40.71
CA PRO C 165 16.90 -2.98 -41.75
C PRO C 165 16.41 -1.56 -41.94
N ARG C 166 17.35 -0.62 -42.04
CA ARG C 166 17.00 0.79 -41.99
C ARG C 166 18.21 1.63 -42.36
N LEU C 167 17.98 2.95 -42.47
CA LEU C 167 19.04 3.93 -42.77
C LEU C 167 19.51 4.54 -41.45
N VAL C 168 20.57 3.99 -40.88
CA VAL C 168 21.04 4.43 -39.57
C VAL C 168 21.58 5.85 -39.67
N GLY C 169 21.17 6.70 -38.73
CA GLY C 169 21.63 8.08 -38.68
C GLY C 169 20.93 9.02 -39.63
N ASP C 170 20.21 8.50 -40.63
CA ASP C 170 19.41 9.35 -41.50
C ASP C 170 18.37 10.09 -40.66
N PRO C 171 18.00 11.32 -41.06
CA PRO C 171 16.95 12.01 -40.32
C PRO C 171 15.66 11.23 -40.24
N ASN C 172 15.41 10.35 -41.23
CA ASN C 172 14.21 9.53 -41.26
C ASN C 172 14.51 8.06 -40.95
N GLU C 173 15.57 7.81 -40.19
CA GLU C 173 15.94 6.44 -39.84
C GLU C 173 14.74 5.66 -39.32
N TRP C 174 13.99 6.25 -38.39
CA TRP C 174 12.84 5.61 -37.77
C TRP C 174 11.52 6.15 -38.31
N ASN C 175 11.55 6.76 -39.50
CA ASN C 175 10.37 7.30 -40.15
C ASN C 175 10.29 6.83 -41.59
N GLY C 176 10.59 5.55 -41.81
CA GLY C 176 10.46 4.94 -43.12
C GLY C 176 11.67 5.06 -44.01
N GLY C 177 12.70 5.79 -43.60
CA GLY C 177 13.85 5.99 -44.45
C GLY C 177 13.48 6.78 -45.69
N ASN C 178 13.66 6.17 -46.87
CA ASN C 178 13.21 6.73 -48.13
C ASN C 178 12.74 5.58 -49.02
N GLN C 179 12.16 5.94 -50.17
CA GLN C 179 11.60 4.89 -51.02
C GLN C 179 12.68 3.93 -51.50
N GLU C 180 13.87 4.44 -51.82
CA GLU C 180 14.96 3.59 -52.24
C GLU C 180 15.25 2.51 -51.20
N ALA C 181 15.34 2.90 -49.93
CA ALA C 181 15.64 1.94 -48.89
C ALA C 181 14.54 0.89 -48.76
N ARG C 182 13.28 1.32 -48.80
CA ARG C 182 12.17 0.37 -48.69
C ARG C 182 12.20 -0.61 -49.84
N GLN C 183 12.51 -0.13 -51.04
CA GLN C 183 12.57 -1.03 -52.19
C GLN C 183 13.73 -2.01 -52.07
N VAL C 184 14.89 -1.52 -51.65
CA VAL C 184 16.08 -2.38 -51.53
C VAL C 184 15.83 -3.49 -50.51
N ILE C 185 15.12 -3.19 -49.42
CA ILE C 185 14.82 -4.20 -48.42
C ILE C 185 14.04 -5.36 -49.03
N ASN C 186 13.21 -5.09 -50.03
CA ASN C 186 12.49 -6.17 -50.71
C ASN C 186 13.47 -7.13 -51.40
N SER C 187 14.57 -6.60 -51.94
CA SER C 187 15.59 -7.48 -52.53
C SER C 187 16.26 -8.34 -51.46
N TYR C 188 16.58 -7.74 -50.31
CA TYR C 188 17.23 -8.49 -49.23
C TYR C 188 16.33 -9.62 -48.74
N ASN C 189 15.04 -9.35 -48.55
CA ASN C 189 14.13 -10.40 -48.11
C ASN C 189 14.00 -11.49 -49.18
N GLN C 190 13.98 -11.08 -50.45
CA GLN C 190 13.87 -12.06 -51.54
C GLN C 190 15.11 -12.95 -51.59
N THR C 191 16.30 -12.37 -51.45
CA THR C 191 17.53 -13.16 -51.40
C THR C 191 17.50 -14.13 -50.23
N PHE C 192 17.08 -13.66 -49.05
CA PHE C 192 16.99 -14.55 -47.90
C PHE C 192 16.11 -15.76 -48.21
N VAL C 193 14.91 -15.52 -48.73
CA VAL C 193 14.02 -16.64 -49.05
C VAL C 193 14.67 -17.57 -50.07
N ASN C 194 15.20 -17.00 -51.15
CA ASN C 194 15.82 -17.83 -52.19
C ASN C 194 16.94 -18.69 -51.61
N THR C 195 17.77 -18.08 -50.75
CA THR C 195 18.92 -18.78 -50.20
C THR C 195 18.49 -19.97 -49.35
N VAL C 196 17.49 -19.75 -48.48
CA VAL C 196 17.02 -20.83 -47.62
C VAL C 196 16.44 -21.97 -48.45
N ARG C 197 15.56 -21.63 -49.40
CA ARG C 197 14.88 -22.68 -50.16
C ARG C 197 15.87 -23.50 -50.97
N ALA C 198 16.98 -22.89 -51.40
CA ALA C 198 17.95 -23.60 -52.22
C ALA C 198 18.67 -24.70 -51.46
N THR C 199 18.65 -24.68 -50.13
CA THR C 199 19.29 -25.74 -49.34
C THR C 199 18.43 -27.00 -49.25
N GLY C 200 17.16 -26.93 -49.66
CA GLY C 200 16.31 -28.10 -49.74
C GLY C 200 16.01 -28.73 -48.38
N GLY C 201 15.63 -30.01 -48.44
CA GLY C 201 15.28 -30.72 -47.23
C GLY C 201 14.16 -30.04 -46.47
N ASN C 202 14.25 -30.11 -45.14
CA ASN C 202 13.24 -29.46 -44.31
C ASN C 202 13.17 -27.96 -44.59
N ASN C 203 14.30 -27.36 -44.99
CA ASN C 203 14.28 -25.93 -45.26
C ASN C 203 13.38 -25.58 -46.43
N ALA C 204 13.00 -26.56 -47.26
CA ALA C 204 12.11 -26.29 -48.38
C ALA C 204 10.69 -25.97 -47.93
N ILE C 205 10.28 -26.44 -46.75
CA ILE C 205 8.92 -26.20 -46.26
C ILE C 205 8.90 -25.49 -44.91
N ARG C 206 10.03 -24.96 -44.47
CA ARG C 206 10.08 -24.23 -43.20
C ARG C 206 9.38 -22.89 -43.33
N CYS C 207 8.69 -22.47 -42.27
CA CYS C 207 8.12 -21.13 -42.26
C CYS C 207 9.23 -20.11 -42.01
N LEU C 208 9.16 -18.99 -42.73
CA LEU C 208 10.18 -17.96 -42.69
C LEU C 208 9.54 -16.62 -42.37
N MET C 209 10.32 -15.75 -41.74
N MET C 209 10.26 -15.79 -41.61
CA MET C 209 9.87 -14.47 -41.26
CA MET C 209 9.79 -14.46 -41.25
C MET C 209 10.69 -13.37 -41.91
C MET C 209 10.66 -13.40 -41.91
N VAL C 210 10.02 -12.30 -42.33
CA VAL C 210 10.71 -11.17 -42.95
C VAL C 210 10.15 -9.86 -42.41
N PRO C 211 10.99 -8.85 -42.18
CA PRO C 211 10.49 -7.55 -41.71
C PRO C 211 10.23 -6.58 -42.84
N THR C 212 9.39 -5.60 -42.55
CA THR C 212 9.33 -4.37 -43.33
C THR C 212 10.53 -3.50 -42.98
N TYR C 213 10.64 -2.35 -43.63
CA TYR C 213 11.62 -1.34 -43.21
C TYR C 213 11.48 -1.09 -41.72
N ALA C 214 12.59 -1.23 -40.99
CA ALA C 214 12.66 -1.02 -39.54
C ALA C 214 11.66 -1.88 -38.76
N ALA C 215 11.16 -2.97 -39.36
CA ALA C 215 10.06 -3.75 -38.78
C ALA C 215 8.91 -2.86 -38.33
N SER C 216 8.69 -1.76 -39.07
CA SER C 216 7.67 -0.79 -38.72
C SER C 216 6.44 -0.96 -39.59
N CYS C 217 5.27 -0.76 -38.99
CA CYS C 217 4.00 -0.69 -39.71
C CYS C 217 3.58 0.77 -39.81
N SER C 218 3.73 1.35 -41.00
CA SER C 218 3.25 2.69 -41.31
C SER C 218 2.88 2.70 -42.78
N SER C 219 2.23 3.79 -43.20
CA SER C 219 1.78 3.90 -44.59
C SER C 219 2.88 3.60 -45.59
N THR C 220 4.04 4.25 -45.44
CA THR C 220 5.08 4.10 -46.46
C THR C 220 5.73 2.73 -46.41
N THR C 221 6.01 2.22 -45.20
CA THR C 221 6.67 0.92 -45.12
C THR C 221 5.76 -0.20 -45.59
N VAL C 222 4.44 -0.02 -45.45
CA VAL C 222 3.50 -1.02 -45.97
C VAL C 222 3.31 -0.85 -47.47
N ASN C 223 3.15 0.39 -47.94
CA ASN C 223 2.85 0.59 -49.36
C ASN C 223 3.98 0.11 -50.25
N ASP C 224 5.23 0.23 -49.81
CA ASP C 224 6.37 -0.16 -50.63
C ASP C 224 6.84 -1.59 -50.38
N PHE C 225 6.28 -2.26 -49.37
CA PHE C 225 6.68 -3.64 -49.07
C PHE C 225 6.17 -4.58 -50.15
N VAL C 226 7.02 -5.55 -50.52
CA VAL C 226 6.64 -6.61 -51.44
C VAL C 226 7.00 -7.95 -50.79
N LEU C 227 6.01 -8.79 -50.59
CA LEU C 227 6.28 -10.11 -50.00
C LEU C 227 7.10 -10.93 -50.99
N PRO C 228 8.20 -11.56 -50.57
CA PRO C 228 8.99 -12.35 -51.51
C PRO C 228 8.19 -13.41 -52.24
N THR C 229 8.58 -13.65 -53.49
CA THR C 229 8.12 -14.80 -54.23
C THR C 229 8.78 -16.05 -53.65
N ASP C 230 7.97 -17.06 -53.36
CA ASP C 230 8.43 -18.27 -52.69
C ASP C 230 8.25 -19.46 -53.61
N THR C 231 8.95 -20.53 -53.29
CA THR C 231 8.86 -21.78 -54.02
C THR C 231 7.72 -22.66 -53.54
N VAL C 232 7.08 -22.29 -52.44
CA VAL C 232 6.02 -23.06 -51.81
C VAL C 232 5.02 -22.06 -51.26
N ALA C 233 3.77 -22.49 -51.13
CA ALA C 233 2.69 -21.58 -50.78
C ALA C 233 2.54 -21.43 -49.27
N ASN C 234 2.25 -20.20 -48.85
CA ASN C 234 1.74 -19.92 -47.51
C ASN C 234 2.73 -20.28 -46.40
N LYS C 235 3.99 -19.91 -46.59
CA LYS C 235 5.02 -20.19 -45.60
C LYS C 235 5.73 -18.94 -45.09
N LEU C 236 5.24 -17.74 -45.42
CA LEU C 236 5.93 -16.50 -45.06
C LEU C 236 5.11 -15.69 -44.06
N ILE C 237 5.82 -15.05 -43.13
CA ILE C 237 5.24 -14.26 -42.06
C ILE C 237 5.98 -12.94 -42.01
N VAL C 238 5.24 -11.82 -41.90
CA VAL C 238 5.84 -10.50 -41.69
C VAL C 238 6.03 -10.28 -40.20
N ASP C 239 7.18 -9.72 -39.82
CA ASP C 239 7.46 -9.35 -38.44
C ASP C 239 7.34 -7.83 -38.30
N ILE C 240 6.43 -7.39 -37.43
CA ILE C 240 6.30 -5.98 -37.05
C ILE C 240 6.70 -5.87 -35.57
N HIS C 241 7.55 -4.91 -35.24
CA HIS C 241 7.81 -4.56 -33.85
C HIS C 241 6.91 -3.39 -33.51
N SER C 242 6.22 -3.45 -32.35
CA SER C 242 5.25 -2.42 -32.02
C SER C 242 5.27 -2.12 -30.51
N TYR C 243 6.19 -1.24 -30.13
CA TYR C 243 6.28 -0.74 -28.77
C TYR C 243 5.34 0.46 -28.65
N SER C 244 4.05 0.14 -28.45
CA SER C 244 2.98 1.10 -28.59
C SER C 244 2.13 1.14 -27.33
N PRO C 245 1.69 2.35 -26.91
CA PRO C 245 1.99 3.65 -27.52
C PRO C 245 3.42 4.10 -27.22
N TYR C 246 4.02 4.86 -28.13
CA TYR C 246 5.46 5.12 -28.05
C TYR C 246 5.86 5.78 -26.74
N ASN C 247 5.19 6.87 -26.38
CA ASN C 247 5.66 7.65 -25.23
C ASN C 247 5.63 6.82 -23.95
N PHE C 248 4.57 6.04 -23.76
CA PHE C 248 4.47 5.18 -22.58
C PHE C 248 5.44 4.01 -22.66
N ALA C 249 5.48 3.32 -23.80
CA ALA C 249 6.12 2.02 -23.87
C ALA C 249 7.61 2.07 -24.16
N LEU C 250 8.09 3.04 -24.94
CA LEU C 250 9.46 3.01 -25.41
C LEU C 250 10.25 4.27 -25.12
N ASN C 251 9.61 5.41 -24.85
CA ASN C 251 10.31 6.66 -24.58
C ASN C 251 10.73 6.69 -23.12
N THR C 252 12.03 6.65 -22.87
CA THR C 252 12.50 6.67 -21.48
C THR C 252 12.15 7.97 -20.77
N SER C 253 11.87 9.04 -21.50
CA SER C 253 11.48 10.32 -20.92
C SER C 253 9.99 10.59 -21.04
N GLY C 254 9.22 9.62 -21.52
CA GLY C 254 7.80 9.81 -21.73
C GLY C 254 6.97 9.38 -20.54
N THR C 255 5.66 9.58 -20.69
CA THR C 255 4.73 9.39 -19.59
C THR C 255 4.80 7.98 -19.04
N SER C 256 4.49 7.85 -17.76
CA SER C 256 4.34 6.56 -17.11
C SER C 256 2.87 6.18 -16.93
N SER C 257 1.94 6.99 -17.42
CA SER C 257 0.52 6.76 -17.25
C SER C 257 -0.08 6.11 -18.48
N PHE C 258 -0.87 5.05 -18.27
CA PHE C 258 -1.67 4.44 -19.31
C PHE C 258 -3.05 4.19 -18.72
N THR C 259 -4.08 4.81 -19.28
CA THR C 259 -5.40 4.80 -18.69
C THR C 259 -6.44 4.23 -19.66
N GLN C 260 -7.66 4.10 -19.16
CA GLN C 260 -8.77 3.66 -20.01
C GLN C 260 -8.84 4.45 -21.30
N SER C 261 -8.63 5.77 -21.21
CA SER C 261 -8.70 6.62 -22.39
C SER C 261 -7.67 6.27 -23.45
N ASP C 262 -6.56 5.62 -23.08
CA ASP C 262 -5.50 5.28 -24.01
C ASP C 262 -5.75 3.96 -24.74
N ILE C 263 -6.74 3.17 -24.30
CA ILE C 263 -6.98 1.89 -24.95
C ILE C 263 -7.33 2.09 -26.41
N SER C 264 -8.11 3.13 -26.73
CA SER C 264 -8.59 3.35 -28.09
C SER C 264 -7.43 3.52 -29.07
N GLN C 265 -6.40 4.28 -28.67
N GLN C 265 -6.40 4.27 -28.67
CA GLN C 265 -5.24 4.47 -29.53
CA GLN C 265 -5.27 4.46 -29.58
C GLN C 265 -4.51 3.16 -29.76
C GLN C 265 -4.48 3.16 -29.75
N LEU C 266 -4.41 2.33 -28.71
CA LEU C 266 -3.76 1.03 -28.86
C LEU C 266 -4.56 0.13 -29.79
N GLN C 267 -5.89 0.17 -29.68
CA GLN C 267 -6.72 -0.58 -30.60
C GLN C 267 -6.48 -0.15 -32.05
N TRP C 268 -6.39 1.17 -32.27
CA TRP C 268 -6.15 1.68 -33.62
C TRP C 268 -4.82 1.18 -34.16
N THR C 269 -3.77 1.20 -33.33
CA THR C 269 -2.44 0.80 -33.77
C THR C 269 -2.40 -0.67 -34.12
N LEU C 270 -2.96 -1.52 -33.28
CA LEU C 270 -2.95 -2.95 -33.56
C LEU C 270 -3.85 -3.29 -34.73
N GLN C 271 -4.99 -2.59 -34.86
CA GLN C 271 -5.85 -2.79 -36.01
C GLN C 271 -5.15 -2.45 -37.31
N GLU C 272 -4.26 -1.45 -37.29
N GLU C 272 -4.26 -1.45 -37.30
CA GLU C 272 -3.52 -1.09 -38.50
CA GLU C 272 -3.52 -1.11 -38.51
C GLU C 272 -2.60 -2.23 -38.94
C GLU C 272 -2.62 -2.26 -38.94
N ILE C 273 -2.01 -2.95 -37.99
CA ILE C 273 -1.17 -4.10 -38.35
C ILE C 273 -2.03 -5.18 -38.97
N TYR C 274 -3.19 -5.47 -38.35
CA TYR C 274 -4.15 -6.40 -38.92
C TYR C 274 -4.59 -5.98 -40.31
N ASN C 275 -4.98 -4.71 -40.48
CA ASN C 275 -5.51 -4.26 -41.77
C ASN C 275 -4.44 -4.34 -42.86
N SER C 276 -3.20 -4.05 -42.52
CA SER C 276 -2.13 -3.99 -43.50
C SER C 276 -1.70 -5.38 -43.98
N PHE C 277 -1.77 -6.37 -43.09
CA PHE C 277 -1.23 -7.70 -43.38
C PHE C 277 -2.28 -8.80 -43.19
N GLY C 278 -2.67 -9.10 -41.95
CA GLY C 278 -3.50 -10.27 -41.71
C GLY C 278 -4.79 -10.23 -42.50
N ALA C 279 -5.47 -9.09 -42.50
CA ALA C 279 -6.74 -8.97 -43.22
C ALA C 279 -6.58 -9.15 -44.72
N LYS C 280 -5.38 -8.93 -45.25
CA LYS C 280 -5.09 -9.08 -46.66
C LYS C 280 -4.45 -10.43 -47.00
N GLY C 281 -4.49 -11.38 -46.08
CA GLY C 281 -3.94 -12.70 -46.35
C GLY C 281 -2.44 -12.82 -46.21
N ILE C 282 -1.78 -11.85 -45.59
CA ILE C 282 -0.35 -11.92 -45.30
C ILE C 282 -0.20 -12.15 -43.80
N PRO C 283 0.21 -13.34 -43.36
CA PRO C 283 0.39 -13.57 -41.92
C PRO C 283 1.37 -12.57 -41.31
N VAL C 284 1.10 -12.19 -40.07
CA VAL C 284 1.90 -11.18 -39.38
C VAL C 284 2.02 -11.57 -37.90
N ILE C 285 3.18 -11.30 -37.34
CA ILE C 285 3.47 -11.53 -35.93
C ILE C 285 4.11 -10.26 -35.38
N ILE C 286 3.85 -9.98 -34.12
CA ILE C 286 4.53 -8.89 -33.39
C ILE C 286 5.72 -9.54 -32.71
N GLY C 287 6.86 -9.51 -33.39
CA GLY C 287 8.06 -10.20 -32.94
C GLY C 287 8.76 -9.54 -31.79
N GLN C 288 8.48 -8.26 -31.56
CA GLN C 288 8.91 -7.56 -30.34
C GLN C 288 7.84 -6.57 -29.92
N PHE C 289 7.51 -6.59 -28.63
CA PHE C 289 6.77 -5.51 -27.99
C PHE C 289 7.22 -5.49 -26.54
N GLY C 290 6.87 -4.41 -25.86
CA GLY C 290 7.22 -4.25 -24.46
C GLY C 290 6.83 -2.86 -24.01
N ALA C 291 6.88 -2.67 -22.69
CA ALA C 291 6.71 -1.37 -22.06
C ALA C 291 7.77 -1.22 -20.99
N LEU C 292 8.50 -0.11 -21.03
CA LEU C 292 9.59 0.13 -20.09
C LEU C 292 9.08 0.14 -18.65
N ASN C 293 9.90 -0.38 -17.75
CA ASN C 293 9.63 -0.23 -16.33
C ASN C 293 9.81 1.23 -15.95
N LYS C 294 8.71 1.88 -15.55
CA LYS C 294 8.73 3.24 -15.04
C LYS C 294 8.16 3.28 -13.62
N ASN C 295 8.31 2.17 -12.89
CA ASN C 295 7.81 2.06 -11.52
C ASN C 295 6.34 2.44 -11.49
N ASN C 296 5.61 1.84 -12.44
CA ASN C 296 4.25 2.22 -12.82
C ASN C 296 3.41 0.95 -13.01
N ILE C 297 3.23 0.20 -11.92
CA ILE C 297 2.64 -1.13 -12.02
C ILE C 297 1.23 -1.07 -12.59
N ASN C 298 0.39 -0.17 -12.06
CA ASN C 298 -1.00 -0.13 -12.49
C ASN C 298 -1.11 0.21 -13.96
N GLY C 299 -0.25 1.13 -14.44
CA GLY C 299 -0.28 1.46 -15.85
C GLY C 299 0.16 0.31 -16.73
N ARG C 300 1.25 -0.36 -16.35
CA ARG C 300 1.71 -1.48 -17.17
C ARG C 300 0.73 -2.64 -17.14
N VAL C 301 0.03 -2.85 -16.03
CA VAL C 301 -0.97 -3.92 -15.99
C VAL C 301 -2.14 -3.61 -16.91
N LEU C 302 -2.67 -2.39 -16.84
CA LEU C 302 -3.78 -2.02 -17.73
C LEU C 302 -3.34 -2.09 -19.18
N TRP C 303 -2.16 -1.55 -19.48
CA TRP C 303 -1.63 -1.63 -20.84
C TRP C 303 -1.47 -3.08 -21.28
N GLY C 304 -0.89 -3.93 -20.42
CA GLY C 304 -0.54 -5.27 -20.85
C GLY C 304 -1.74 -6.16 -21.08
N GLU C 305 -2.71 -6.11 -20.16
CA GLU C 305 -3.96 -6.85 -20.35
C GLU C 305 -4.56 -6.52 -21.70
N ASN C 306 -4.63 -5.22 -22.03
CA ASN C 306 -5.30 -4.78 -23.24
C ASN C 306 -4.48 -5.05 -24.50
N TYR C 307 -3.15 -4.91 -24.42
CA TYR C 307 -2.32 -5.20 -25.59
C TYR C 307 -2.54 -6.64 -26.05
N LEU C 308 -2.40 -7.60 -25.13
CA LEU C 308 -2.53 -9.01 -25.49
C LEU C 308 -3.96 -9.35 -25.89
N ARG C 309 -4.96 -8.78 -25.20
CA ARG C 309 -6.35 -9.05 -25.55
C ARG C 309 -6.64 -8.56 -26.96
N ILE C 310 -6.25 -7.32 -27.27
CA ILE C 310 -6.55 -6.78 -28.60
C ILE C 310 -5.78 -7.52 -29.67
N ALA C 311 -4.49 -7.79 -29.45
CA ALA C 311 -3.71 -8.53 -30.44
C ALA C 311 -4.36 -9.88 -30.73
N LYS C 312 -4.76 -10.61 -29.70
CA LYS C 312 -5.38 -11.90 -29.90
C LYS C 312 -6.69 -11.76 -30.68
N SER C 313 -7.42 -10.66 -30.46
CA SER C 313 -8.70 -10.48 -31.14
C SER C 313 -8.52 -10.25 -32.64
N TYR C 314 -7.30 -9.88 -33.07
CA TYR C 314 -6.93 -9.78 -34.47
C TYR C 314 -6.07 -10.96 -34.92
N ASN C 315 -6.00 -12.02 -34.11
N ASN C 315 -5.97 -12.00 -34.10
CA ASN C 315 -5.20 -13.21 -34.39
CA ASN C 315 -5.21 -13.21 -34.43
C ASN C 315 -3.75 -12.85 -34.69
C ASN C 315 -3.71 -12.95 -34.60
N ILE C 316 -3.15 -12.04 -33.82
CA ILE C 316 -1.75 -11.61 -33.98
C ILE C 316 -1.00 -12.06 -32.73
N ARG C 317 -0.03 -12.95 -32.90
CA ARG C 317 0.79 -13.40 -31.79
C ARG C 317 1.80 -12.33 -31.41
N CYS C 318 2.20 -12.33 -30.13
CA CYS C 318 3.08 -11.31 -29.59
C CYS C 318 4.26 -11.93 -28.84
N ILE C 319 5.43 -11.28 -28.94
CA ILE C 319 6.67 -11.77 -28.34
C ILE C 319 7.30 -10.63 -27.54
N TRP C 320 7.36 -10.78 -26.21
CA TRP C 320 7.90 -9.77 -25.32
C TRP C 320 9.41 -9.63 -25.50
N TRP C 321 9.91 -8.39 -25.48
CA TRP C 321 11.34 -8.14 -25.56
C TRP C 321 11.90 -8.08 -24.15
N ASP C 322 12.66 -9.10 -23.75
CA ASP C 322 13.21 -9.19 -22.39
C ASP C 322 14.71 -8.97 -22.44
N ASN C 323 15.17 -7.79 -22.01
CA ASN C 323 16.59 -7.47 -22.06
C ASN C 323 17.28 -7.59 -20.70
N ASN C 324 16.61 -8.18 -19.71
CA ASN C 324 17.19 -8.46 -18.40
C ASN C 324 17.60 -7.18 -17.66
N ALA C 325 17.01 -6.04 -17.99
CA ALA C 325 17.31 -4.76 -17.36
C ALA C 325 16.09 -4.27 -16.59
N PHE C 326 16.29 -3.93 -15.32
CA PHE C 326 15.18 -3.64 -14.42
C PHE C 326 15.19 -2.21 -13.89
N ASP C 327 16.29 -1.78 -13.30
CA ASP C 327 16.37 -0.44 -12.71
C ASP C 327 17.64 0.27 -13.17
N THR C 328 18.05 0.02 -14.41
CA THR C 328 19.22 0.67 -14.98
C THR C 328 18.86 2.07 -15.46
N SER C 329 19.89 2.81 -15.91
CA SER C 329 19.68 4.12 -16.52
C SER C 329 19.28 4.02 -17.98
N GLY C 330 19.19 2.83 -18.53
CA GLY C 330 18.83 2.61 -19.91
C GLY C 330 17.40 2.14 -20.07
N GLU C 331 17.19 1.27 -21.06
CA GLU C 331 15.89 0.70 -21.34
C GLU C 331 15.69 -0.52 -20.45
N ASN C 332 14.68 -0.47 -19.59
CA ASN C 332 14.41 -1.54 -18.62
C ASN C 332 13.21 -2.35 -19.11
N PHE C 333 13.48 -3.35 -19.94
CA PHE C 333 12.47 -4.25 -20.45
C PHE C 333 12.53 -5.63 -19.79
N GLY C 334 13.26 -5.76 -18.69
CA GLY C 334 13.38 -7.06 -18.06
C GLY C 334 12.04 -7.56 -17.53
N LEU C 335 11.89 -8.88 -17.55
CA LEU C 335 10.69 -9.53 -17.04
C LEU C 335 11.13 -10.70 -16.16
N LEU C 336 11.96 -11.58 -16.69
CA LEU C 336 12.53 -12.68 -15.91
C LEU C 336 13.85 -12.20 -15.30
N ASN C 337 13.96 -12.31 -13.98
CA ASN C 337 15.25 -12.13 -13.34
C ASN C 337 16.04 -13.40 -13.57
N ARG C 338 17.03 -13.35 -14.47
CA ARG C 338 17.72 -14.56 -14.89
C ARG C 338 18.64 -15.10 -13.82
N GLY C 339 19.10 -14.25 -12.89
CA GLY C 339 19.99 -14.67 -11.83
C GLY C 339 19.30 -15.43 -10.72
N THR C 340 18.07 -15.05 -10.40
CA THR C 340 17.31 -15.75 -9.38
C THR C 340 16.27 -16.70 -9.97
N LEU C 341 16.05 -16.65 -11.28
CA LEU C 341 15.00 -17.43 -11.94
C LEU C 341 13.63 -17.13 -11.33
N THR C 342 13.35 -15.84 -11.17
CA THR C 342 12.06 -15.39 -10.65
C THR C 342 11.52 -14.30 -11.57
N TRP C 343 10.21 -14.11 -11.51
CA TRP C 343 9.54 -13.08 -12.30
C TRP C 343 9.47 -11.80 -11.47
N GLN C 344 10.12 -10.75 -11.99
CA GLN C 344 10.27 -9.51 -11.23
C GLN C 344 8.97 -8.72 -11.15
N TYR C 345 8.09 -8.87 -12.15
CA TYR C 345 6.86 -8.09 -12.27
C TYR C 345 5.71 -9.06 -12.40
N PRO C 346 5.34 -9.73 -11.31
CA PRO C 346 4.32 -10.79 -11.43
C PRO C 346 2.95 -10.29 -11.84
N GLU C 347 2.54 -9.09 -11.43
CA GLU C 347 1.24 -8.58 -11.84
C GLU C 347 1.19 -8.33 -13.34
N LEU C 348 2.29 -7.82 -13.90
CA LEU C 348 2.37 -7.63 -15.34
C LEU C 348 2.34 -8.96 -16.08
N LEU C 349 3.10 -9.94 -15.60
CA LEU C 349 3.08 -11.26 -16.24
C LEU C 349 1.67 -11.84 -16.24
N GLU C 350 0.99 -11.76 -15.08
CA GLU C 350 -0.38 -12.25 -15.00
C GLU C 350 -1.28 -11.54 -16.00
N ALA C 351 -1.10 -10.23 -16.17
CA ALA C 351 -1.93 -9.48 -17.10
C ALA C 351 -1.77 -9.99 -18.53
N MET C 352 -0.55 -10.31 -18.94
CA MET C 352 -0.32 -10.75 -20.31
CA MET C 352 -0.30 -10.76 -20.31
C MET C 352 -0.68 -12.22 -20.52
N MET C 353 -0.78 -13.01 -19.45
CA MET C 353 -1.07 -14.43 -19.56
C MET C 353 -2.54 -14.78 -19.46
N LYS C 354 -3.42 -13.82 -19.18
CA LYS C 354 -4.82 -14.17 -18.99
C LYS C 354 -5.53 -14.39 -20.33
N MET D 11 43.58 2.82 6.74
CA MET D 11 42.60 1.75 6.57
C MET D 11 43.15 0.63 5.71
N ARG D 12 43.02 -0.60 6.19
CA ARG D 12 43.44 -1.78 5.44
C ARG D 12 42.34 -2.22 4.50
N ASP D 13 42.73 -2.57 3.28
CA ASP D 13 41.79 -2.97 2.24
C ASP D 13 41.62 -4.49 2.31
N LEU D 14 40.71 -4.92 3.17
CA LEU D 14 40.43 -6.34 3.39
C LEU D 14 39.14 -6.73 2.70
N THR D 15 39.09 -7.95 2.17
CA THR D 15 37.84 -8.49 1.68
C THR D 15 36.93 -8.79 2.86
N ALA D 16 35.63 -8.96 2.57
CA ALA D 16 34.70 -9.37 3.62
C ALA D 16 35.16 -10.66 4.29
N SER D 17 35.62 -11.64 3.50
CA SER D 17 36.05 -12.91 4.08
C SER D 17 37.26 -12.71 4.99
N GLN D 18 38.19 -11.84 4.59
CA GLN D 18 39.36 -11.59 5.42
C GLN D 18 38.99 -10.87 6.71
N LEU D 19 38.11 -9.87 6.62
CA LEU D 19 37.68 -9.16 7.82
C LEU D 19 36.96 -10.10 8.79
N LEU D 20 36.08 -10.96 8.26
CA LEU D 20 35.35 -11.88 9.12
C LEU D 20 36.28 -12.90 9.78
N ASP D 21 37.41 -13.22 9.14
CA ASP D 21 38.37 -14.11 9.77
C ASP D 21 39.13 -13.46 10.92
N GLU D 22 39.08 -12.14 11.05
CA GLU D 22 39.68 -11.46 12.19
C GLU D 22 38.73 -11.38 13.37
N ILE D 23 37.43 -11.54 13.13
CA ILE D 23 36.46 -11.59 14.23
C ILE D 23 36.58 -12.93 14.93
N THR D 24 36.54 -12.89 16.26
CA THR D 24 36.47 -14.12 17.06
C THR D 24 35.00 -14.42 17.36
N ILE D 25 34.42 -13.65 18.28
CA ILE D 25 33.02 -13.77 18.65
C ILE D 25 32.56 -12.36 19.04
N GLY D 26 31.29 -12.07 18.80
CA GLY D 26 30.76 -10.73 18.98
C GLY D 26 29.67 -10.64 20.03
N TRP D 27 29.37 -9.41 20.43
CA TRP D 27 28.44 -9.08 21.51
C TRP D 27 27.60 -7.90 21.07
N ASN D 28 26.28 -8.03 21.21
CA ASN D 28 25.35 -6.96 20.89
C ASN D 28 25.10 -6.10 22.13
N LEU D 29 25.18 -4.77 21.98
CA LEU D 29 24.71 -3.84 22.99
C LEU D 29 23.19 -3.68 22.85
N GLY D 30 22.47 -4.71 23.30
CA GLY D 30 21.06 -4.80 23.02
C GLY D 30 20.17 -4.01 23.97
N ASN D 31 18.98 -3.67 23.46
CA ASN D 31 17.96 -2.93 24.21
C ASN D 31 18.48 -1.61 24.76
N THR D 32 19.37 -0.96 24.00
CA THR D 32 20.08 0.22 24.46
C THR D 32 19.81 1.34 23.45
N LEU D 33 20.72 1.61 22.52
CA LEU D 33 20.48 2.68 21.55
C LEU D 33 19.41 2.28 20.54
N ASP D 34 19.01 0.99 20.52
CA ASP D 34 17.88 0.51 19.74
C ASP D 34 16.53 0.73 20.41
N ALA D 35 16.49 1.16 21.67
CA ALA D 35 15.21 1.34 22.34
C ALA D 35 14.43 2.47 21.68
N THR D 36 13.13 2.24 21.47
CA THR D 36 12.25 3.24 20.92
C THR D 36 11.21 3.65 21.95
N THR D 37 10.70 4.89 21.79
CA THR D 37 9.69 5.46 22.68
C THR D 37 8.59 6.14 21.87
N THR D 38 8.46 5.78 20.59
CA THR D 38 7.64 6.55 19.65
C THR D 38 6.20 6.70 20.14
N SER D 39 5.67 5.67 20.80
CA SER D 39 4.26 5.65 21.15
C SER D 39 3.90 6.66 22.23
N TRP D 40 4.85 7.03 23.08
CA TRP D 40 4.55 7.83 24.26
C TRP D 40 5.49 9.02 24.46
N LEU D 41 6.64 9.06 23.79
CA LEU D 41 7.61 10.15 23.96
C LEU D 41 8.23 10.43 22.60
N PRO D 42 7.66 11.36 21.83
CA PRO D 42 8.09 11.50 20.44
C PRO D 42 9.48 12.09 20.26
N ASN D 43 9.95 12.92 21.20
CA ASN D 43 11.24 13.60 21.07
C ASN D 43 12.09 13.35 22.30
N PRO D 44 12.55 12.11 22.48
CA PRO D 44 13.38 11.79 23.64
C PRO D 44 14.79 12.37 23.53
N THR D 45 15.35 12.70 24.68
CA THR D 45 16.77 13.01 24.74
C THR D 45 17.56 11.72 24.51
N PRO D 46 18.86 11.84 24.18
CA PRO D 46 19.66 10.60 24.06
C PRO D 46 19.60 9.73 25.30
N ALA D 47 19.67 10.34 26.48
CA ALA D 47 19.65 9.57 27.72
C ALA D 47 18.31 8.88 27.94
N GLN D 48 17.21 9.55 27.60
CA GLN D 48 15.90 8.94 27.75
C GLN D 48 15.74 7.71 26.85
N SER D 49 16.27 7.77 25.64
CA SER D 49 16.21 6.62 24.75
C SER D 49 17.10 5.49 25.27
N GLU D 50 18.36 5.81 25.57
CA GLU D 50 19.34 4.78 25.91
C GLU D 50 18.92 3.99 27.14
N THR D 51 18.21 4.63 28.08
CA THR D 51 17.82 3.98 29.33
C THR D 51 16.35 3.54 29.35
N ALA D 52 15.66 3.57 28.22
CA ALA D 52 14.23 3.33 28.24
C ALA D 52 13.87 1.87 28.46
N TRP D 53 14.76 0.93 28.10
CA TRP D 53 14.44 -0.49 28.14
C TRP D 53 15.39 -1.27 29.05
N GLY D 54 15.54 -0.83 30.29
CA GLY D 54 16.20 -1.63 31.30
C GLY D 54 17.70 -1.64 31.27
N CYS D 55 18.34 -0.70 30.56
CA CYS D 55 19.78 -0.65 30.54
C CYS D 55 20.27 0.68 31.08
N PRO D 56 21.42 0.68 31.76
CA PRO D 56 22.03 1.93 32.22
C PRO D 56 22.72 2.62 31.06
N MET D 57 23.13 3.87 31.30
CA MET D 57 23.98 4.56 30.35
C MET D 57 25.24 3.73 30.13
N THR D 58 25.62 3.54 28.87
CA THR D 58 26.80 2.75 28.55
C THR D 58 28.05 3.51 28.94
N THR D 59 29.05 2.77 29.41
CA THR D 59 30.35 3.32 29.79
C THR D 59 31.43 2.53 29.09
N LYS D 60 32.62 3.12 29.00
CA LYS D 60 33.75 2.37 28.46
C LYS D 60 34.09 1.18 29.36
N ALA D 61 33.95 1.35 30.68
CA ALA D 61 34.21 0.23 31.59
C ALA D 61 33.38 -1.00 31.22
N MET D 62 32.16 -0.79 30.73
CA MET D 62 31.34 -1.92 30.32
C MET D 62 31.92 -2.62 29.09
N ILE D 63 32.31 -1.84 28.09
CA ILE D 63 32.88 -2.43 26.88
C ILE D 63 34.23 -3.04 27.17
N ASP D 64 35.01 -2.40 28.05
CA ASP D 64 36.26 -3.01 28.51
C ASP D 64 36.00 -4.39 29.08
N LYS D 65 34.91 -4.55 29.83
CA LYS D 65 34.60 -5.85 30.43
C LYS D 65 34.17 -6.85 29.37
N VAL D 66 33.41 -6.40 28.38
CA VAL D 66 33.03 -7.27 27.26
C VAL D 66 34.28 -7.83 26.58
N LYS D 67 35.27 -6.98 26.34
CA LYS D 67 36.50 -7.44 25.71
C LYS D 67 37.26 -8.39 26.62
N GLU D 68 37.39 -8.03 27.90
CA GLU D 68 38.06 -8.90 28.86
C GLU D 68 37.44 -10.29 28.88
N GLY D 69 36.13 -10.37 28.65
CA GLY D 69 35.43 -11.64 28.66
C GLY D 69 35.69 -12.52 27.48
N GLY D 70 36.27 -11.97 26.41
CA GLY D 70 36.67 -12.76 25.28
C GLY D 70 36.14 -12.30 23.94
N PHE D 71 35.23 -11.34 23.95
CA PHE D 71 34.71 -10.82 22.69
C PHE D 71 35.69 -9.82 22.10
N ASN D 72 35.77 -9.79 20.77
CA ASN D 72 36.57 -8.78 20.08
C ASN D 72 35.73 -7.94 19.11
N THR D 73 34.40 -8.09 19.13
CA THR D 73 33.51 -7.40 18.22
C THR D 73 32.26 -7.00 18.97
N VAL D 74 31.78 -5.77 18.75
CA VAL D 74 30.55 -5.30 19.36
C VAL D 74 29.64 -4.79 18.25
N ARG D 75 28.43 -5.34 18.17
CA ARG D 75 27.37 -4.80 17.33
C ARG D 75 26.59 -3.77 18.14
N VAL D 76 26.42 -2.59 17.58
CA VAL D 76 25.74 -1.48 18.22
C VAL D 76 24.44 -1.24 17.48
N PRO D 77 23.33 -1.87 17.86
CA PRO D 77 22.06 -1.58 17.21
C PRO D 77 21.57 -0.20 17.61
N VAL D 78 21.13 0.58 16.62
CA VAL D 78 20.69 1.95 16.84
C VAL D 78 19.36 2.14 16.14
N SER D 79 18.35 2.58 16.90
CA SER D 79 17.07 3.01 16.33
C SER D 79 17.13 4.53 16.20
N TRP D 80 17.16 5.01 14.96
CA TRP D 80 17.28 6.44 14.68
C TRP D 80 15.94 7.14 14.61
N ILE D 81 14.84 6.39 14.56
CA ILE D 81 13.53 6.96 14.24
C ILE D 81 13.17 8.11 15.19
N ASP D 82 13.30 7.89 16.49
CA ASP D 82 12.89 8.93 17.44
C ASP D 82 13.88 10.09 17.50
N HIS D 83 14.90 10.10 16.65
CA HIS D 83 15.91 11.15 16.62
C HIS D 83 16.10 11.71 15.21
N THR D 84 15.13 11.46 14.33
CA THR D 84 15.20 11.85 12.93
C THR D 84 14.19 12.96 12.69
N GLY D 85 14.65 14.04 12.06
CA GLY D 85 13.81 15.18 11.80
C GLY D 85 12.90 14.95 10.61
N SER D 86 12.25 16.03 10.18
CA SER D 86 11.25 15.92 9.14
C SER D 86 11.89 15.84 7.76
N ALA D 87 11.09 15.34 6.81
CA ALA D 87 11.51 15.38 5.42
C ALA D 87 11.68 16.82 4.97
N PRO D 88 12.50 17.08 3.96
CA PRO D 88 13.30 16.10 3.21
C PRO D 88 14.71 15.87 3.76
N GLU D 89 15.13 16.71 4.71
CA GLU D 89 16.44 16.56 5.32
C GLU D 89 16.53 15.25 6.09
N TYR D 90 15.45 14.89 6.79
CA TYR D 90 15.50 13.81 7.77
C TYR D 90 16.71 13.99 8.68
N GLN D 91 16.89 15.22 9.15
CA GLN D 91 18.07 15.56 9.94
C GLN D 91 18.10 14.74 11.22
N ILE D 92 19.24 14.13 11.49
CA ILE D 92 19.44 13.38 12.73
C ILE D 92 19.87 14.36 13.82
N ASP D 93 19.21 14.28 14.97
CA ASP D 93 19.53 15.14 16.10
C ASP D 93 21.02 15.05 16.43
N GLU D 94 21.67 16.22 16.49
CA GLU D 94 23.11 16.26 16.70
C GLU D 94 23.50 15.60 18.02
N ALA D 95 22.73 15.84 19.09
CA ALA D 95 23.07 15.23 20.36
C ALA D 95 23.02 13.70 20.28
N TRP D 96 22.06 13.16 19.52
CA TRP D 96 22.01 11.72 19.31
C TRP D 96 23.23 11.23 18.53
N MET D 97 23.52 11.87 17.39
CA MET D 97 24.70 11.45 16.63
C MET D 97 25.95 11.50 17.50
N ASN D 98 26.09 12.54 18.32
CA ASN D 98 27.25 12.65 19.20
C ASN D 98 27.33 11.46 20.16
N ARG D 99 26.19 11.07 20.74
CA ARG D 99 26.20 9.96 21.68
C ARG D 99 26.54 8.65 21.00
N VAL D 100 25.99 8.43 19.79
CA VAL D 100 26.32 7.21 19.06
C VAL D 100 27.82 7.12 18.81
N GLN D 101 28.44 8.24 18.44
CA GLN D 101 29.88 8.23 18.20
C GLN D 101 30.65 7.95 19.48
N GLU D 102 30.19 8.50 20.61
CA GLU D 102 30.82 8.18 21.88
C GLU D 102 30.80 6.68 22.13
N VAL D 103 29.66 6.03 21.87
CA VAL D 103 29.54 4.60 22.15
C VAL D 103 30.40 3.79 21.18
N VAL D 104 30.41 4.17 19.91
CA VAL D 104 31.27 3.50 18.94
C VAL D 104 32.72 3.57 19.38
N ASN D 105 33.15 4.73 19.88
CA ASN D 105 34.55 4.91 20.27
C ASN D 105 34.91 4.04 21.47
N TYR D 106 33.96 3.77 22.37
CA TYR D 106 34.23 2.80 23.43
C TYR D 106 34.74 1.51 22.83
N VAL D 107 34.19 1.12 21.67
CA VAL D 107 34.55 -0.13 21.02
C VAL D 107 35.84 0.05 20.22
N ILE D 108 35.88 1.08 19.37
CA ILE D 108 37.02 1.28 18.49
C ILE D 108 38.30 1.49 19.29
N ASP D 109 38.24 2.31 20.36
CA ASP D 109 39.42 2.60 21.15
C ASP D 109 39.88 1.41 21.98
N ASN D 110 39.14 0.31 21.97
CA ASN D 110 39.56 -0.95 22.58
C ASN D 110 40.17 -1.90 21.58
N ASP D 111 40.42 -1.45 20.35
CA ASP D 111 41.01 -2.30 19.32
C ASP D 111 40.06 -3.42 18.92
N MET D 112 38.75 -3.15 18.96
CA MET D 112 37.71 -4.11 18.64
C MET D 112 37.02 -3.72 17.32
N TYR D 113 36.37 -4.72 16.71
CA TYR D 113 35.52 -4.49 15.55
C TYR D 113 34.13 -4.05 16.00
N CYS D 114 33.50 -3.20 15.18
CA CYS D 114 32.23 -2.58 15.54
C CYS D 114 31.28 -2.58 14.34
N ILE D 115 30.04 -2.96 14.58
CA ILE D 115 28.99 -2.99 13.56
C ILE D 115 27.92 -1.98 13.96
N LEU D 116 27.65 -1.01 13.10
CA LEU D 116 26.66 0.04 13.34
C LEU D 116 25.54 -0.09 12.34
N ASN D 117 24.29 -0.08 12.80
CA ASN D 117 23.15 -0.32 11.92
C ASN D 117 22.09 0.76 12.10
N ILE D 118 20.96 0.58 11.40
CA ILE D 118 19.67 1.13 11.79
C ILE D 118 18.81 -0.06 12.19
N HIS D 119 18.01 0.10 13.25
CA HIS D 119 17.44 -1.06 13.92
C HIS D 119 15.93 -1.03 13.84
N HIS D 120 15.22 -0.55 14.87
CA HIS D 120 13.75 -0.61 14.88
C HIS D 120 13.16 0.59 14.13
N GLU D 121 13.33 0.56 12.80
CA GLU D 121 12.83 1.61 11.92
C GLU D 121 11.54 1.21 11.21
N ASN D 122 10.89 0.13 11.66
N ASN D 122 10.89 0.14 11.69
CA ASN D 122 9.79 -0.46 10.91
CA ASN D 122 9.78 -0.46 10.96
C ASN D 122 8.56 0.43 10.82
C ASN D 122 8.63 0.51 10.73
N ASP D 123 8.50 1.54 11.58
CA ASP D 123 7.34 2.41 11.47
C ASP D 123 7.29 3.06 10.09
N TRP D 124 8.46 3.32 9.50
CA TRP D 124 8.54 3.89 8.15
C TRP D 124 9.19 2.96 7.14
N LEU D 125 10.09 2.08 7.56
CA LEU D 125 10.77 1.13 6.68
C LEU D 125 9.80 0.02 6.36
N ILE D 126 8.99 0.26 5.34
CA ILE D 126 7.86 -0.59 4.95
C ILE D 126 8.18 -1.17 3.58
N PRO D 127 8.28 -2.51 3.45
CA PRO D 127 8.68 -3.11 2.17
C PRO D 127 7.49 -3.42 1.25
N THR D 128 6.90 -2.37 0.70
CA THR D 128 5.86 -2.52 -0.31
C THR D 128 6.17 -1.60 -1.48
N ASN D 129 5.62 -1.96 -2.65
CA ASN D 129 5.78 -1.09 -3.81
C ASN D 129 5.25 0.31 -3.53
N ALA D 130 4.15 0.40 -2.79
CA ALA D 130 3.53 1.69 -2.53
C ALA D 130 4.47 2.64 -1.80
N GLN D 131 5.20 2.13 -0.80
CA GLN D 131 6.09 2.96 -0.01
C GLN D 131 7.52 2.99 -0.53
N LYS D 132 7.84 2.18 -1.54
CA LYS D 132 9.22 1.94 -1.93
C LYS D 132 9.99 3.23 -2.19
N ASP D 133 9.41 4.15 -2.96
CA ASP D 133 10.18 5.35 -3.33
C ASP D 133 10.40 6.26 -2.12
N SER D 134 9.37 6.41 -1.29
CA SER D 134 9.53 7.21 -0.07
C SER D 134 10.60 6.61 0.84
N VAL D 135 10.58 5.30 1.00
CA VAL D 135 11.54 4.65 1.89
C VAL D 135 12.95 4.78 1.36
N ASN D 136 13.15 4.57 0.05
CA ASN D 136 14.48 4.72 -0.50
C ASN D 136 15.03 6.12 -0.30
N ALA D 137 14.16 7.14 -0.40
CA ALA D 137 14.61 8.51 -0.19
C ALA D 137 15.05 8.74 1.25
N ARG D 138 14.30 8.21 2.22
CA ARG D 138 14.67 8.36 3.61
C ARG D 138 15.94 7.57 3.93
N LEU D 139 16.05 6.35 3.38
CA LEU D 139 17.27 5.57 3.56
C LEU D 139 18.49 6.33 3.06
N ASP D 140 18.40 6.93 1.87
CA ASP D 140 19.52 7.72 1.38
C ASP D 140 19.80 8.89 2.31
N ALA D 141 18.75 9.54 2.81
CA ALA D 141 18.93 10.72 3.64
C ALA D 141 19.67 10.39 4.94
N ILE D 142 19.26 9.31 5.61
CA ILE D 142 19.89 9.02 6.90
C ILE D 142 21.25 8.37 6.72
N TRP D 143 21.39 7.47 5.73
CA TRP D 143 22.68 6.80 5.54
C TRP D 143 23.76 7.76 5.06
N THR D 144 23.40 8.82 4.31
CA THR D 144 24.38 9.83 3.98
C THR D 144 24.91 10.49 5.24
N GLN D 145 24.02 10.81 6.19
CA GLN D 145 24.44 11.44 7.43
C GLN D 145 25.32 10.52 8.27
N ILE D 146 24.88 9.27 8.46
CA ILE D 146 25.66 8.34 9.27
C ILE D 146 27.01 8.07 8.64
N ALA D 147 27.03 7.80 7.34
CA ALA D 147 28.28 7.47 6.68
C ALA D 147 29.26 8.62 6.76
N THR D 148 28.78 9.85 6.60
CA THR D 148 29.66 11.01 6.66
C THR D 148 30.27 11.15 8.06
N ARG D 149 29.44 11.01 9.10
CA ARG D 149 29.96 11.15 10.46
C ARG D 149 31.08 10.15 10.72
N PHE D 150 30.91 8.90 10.28
CA PHE D 150 31.84 7.82 10.57
C PHE D 150 32.75 7.48 9.41
N GLY D 151 32.87 8.37 8.41
CA GLY D 151 33.67 8.05 7.25
C GLY D 151 35.14 7.87 7.55
N SER D 152 35.65 8.55 8.59
CA SER D 152 37.07 8.56 8.90
C SER D 152 37.57 7.28 9.55
N TYR D 153 36.69 6.39 10.02
CA TYR D 153 37.12 5.22 10.76
C TYR D 153 37.70 4.15 9.86
N ASP D 154 38.56 3.30 10.43
CA ASP D 154 39.31 2.30 9.66
C ASP D 154 38.48 1.03 9.48
N GLU D 155 39.13 -0.06 9.06
CA GLU D 155 38.41 -1.28 8.72
C GLU D 155 37.69 -1.90 9.91
N HIS D 156 37.96 -1.42 11.14
CA HIS D 156 37.29 -2.01 12.28
C HIS D 156 35.81 -1.63 12.37
N LEU D 157 35.37 -0.61 11.65
CA LEU D 157 33.98 -0.19 11.67
C LEU D 157 33.25 -0.68 10.43
N ILE D 158 32.14 -1.39 10.64
CA ILE D 158 31.29 -1.95 9.60
C ILE D 158 29.92 -1.30 9.70
N PHE D 159 29.30 -1.00 8.56
CA PHE D 159 27.94 -0.47 8.52
C PHE D 159 26.98 -1.57 8.09
N GLU D 160 25.85 -1.70 8.80
CA GLU D 160 24.81 -2.66 8.44
C GLU D 160 23.55 -1.87 8.08
N GLY D 161 23.03 -2.09 6.86
CA GLY D 161 22.09 -1.15 6.29
C GLY D 161 20.72 -1.17 6.93
N MET D 162 20.25 -2.35 7.36
N MET D 162 20.28 -2.34 7.39
CA MET D 162 18.99 -2.48 8.06
CA MET D 162 18.97 -2.52 8.00
C MET D 162 19.09 -3.67 8.99
C MET D 162 19.07 -3.69 8.97
N ASN D 163 18.04 -3.85 9.80
CA ASN D 163 18.02 -4.94 10.78
C ASN D 163 17.14 -6.11 10.35
N GLN D 164 15.83 -5.99 10.54
CA GLN D 164 14.87 -7.03 10.17
C GLN D 164 13.72 -6.46 9.37
N PRO D 165 13.99 -5.94 8.17
CA PRO D 165 12.90 -5.41 7.34
C PRO D 165 11.86 -6.48 7.05
N ARG D 166 10.60 -6.14 7.22
CA ARG D 166 9.54 -7.14 7.16
C ARG D 166 8.19 -6.45 7.01
N LEU D 167 7.16 -7.26 6.79
CA LEU D 167 5.80 -6.77 6.69
C LEU D 167 5.16 -6.88 8.08
N VAL D 168 5.24 -5.79 8.83
CA VAL D 168 4.67 -5.78 10.17
C VAL D 168 3.15 -5.86 10.06
N GLY D 169 2.55 -6.82 10.77
CA GLY D 169 1.13 -7.02 10.75
C GLY D 169 0.65 -8.11 9.81
N ASP D 170 1.46 -8.48 8.82
CA ASP D 170 1.06 -9.50 7.88
C ASP D 170 0.95 -10.86 8.57
N PRO D 171 0.01 -11.71 8.14
CA PRO D 171 -0.05 -13.06 8.71
C PRO D 171 1.24 -13.84 8.54
N ASN D 172 2.09 -13.45 7.57
CA ASN D 172 3.39 -14.07 7.36
C ASN D 172 4.54 -13.12 7.70
N GLU D 173 4.29 -12.17 8.61
CA GLU D 173 5.33 -11.20 8.96
C GLU D 173 6.65 -11.90 9.26
N TRP D 174 6.60 -12.95 10.08
CA TRP D 174 7.78 -13.69 10.49
C TRP D 174 7.94 -15.00 9.75
N ASN D 175 7.33 -15.12 8.58
CA ASN D 175 7.47 -16.31 7.76
C ASN D 175 7.70 -15.93 6.30
N GLY D 176 8.54 -14.94 6.06
CA GLY D 176 8.96 -14.60 4.72
C GLY D 176 8.15 -13.53 4.02
N GLY D 177 7.08 -13.04 4.64
CA GLY D 177 6.30 -11.97 4.03
C GLY D 177 5.69 -12.42 2.73
N ASN D 178 5.88 -11.62 1.68
CA ASN D 178 5.45 -11.96 0.33
C ASN D 178 6.54 -11.56 -0.66
N GLN D 179 6.34 -11.98 -1.92
CA GLN D 179 7.36 -11.76 -2.94
C GLN D 179 7.64 -10.28 -3.13
N GLU D 180 6.59 -9.46 -3.15
CA GLU D 180 6.76 -8.01 -3.25
C GLU D 180 7.70 -7.49 -2.17
N ALA D 181 7.46 -7.88 -0.92
CA ALA D 181 8.29 -7.42 0.19
C ALA D 181 9.75 -7.83 0.01
N ARG D 182 9.96 -9.10 -0.36
CA ARG D 182 11.32 -9.60 -0.54
C ARG D 182 12.03 -8.87 -1.68
N GLN D 183 11.33 -8.59 -2.77
CA GLN D 183 11.97 -7.86 -3.86
C GLN D 183 12.24 -6.40 -3.49
N VAL D 184 11.28 -5.75 -2.82
CA VAL D 184 11.47 -4.36 -2.41
C VAL D 184 12.67 -4.25 -1.48
N ILE D 185 12.87 -5.24 -0.62
CA ILE D 185 14.03 -5.23 0.27
C ILE D 185 15.33 -5.27 -0.51
N ASN D 186 15.35 -5.92 -1.68
CA ASN D 186 16.55 -5.86 -2.49
C ASN D 186 16.83 -4.43 -2.95
N SER D 187 15.77 -3.65 -3.22
CA SER D 187 15.98 -2.26 -3.58
C SER D 187 16.56 -1.48 -2.42
N TYR D 188 16.01 -1.69 -1.21
CA TYR D 188 16.49 -0.98 -0.03
C TYR D 188 17.97 -1.26 0.21
N ASN D 189 18.36 -2.55 0.14
CA ASN D 189 19.77 -2.89 0.33
C ASN D 189 20.64 -2.27 -0.75
N GLN D 190 20.16 -2.23 -1.99
CA GLN D 190 20.92 -1.60 -3.06
C GLN D 190 21.07 -0.11 -2.80
N THR D 191 19.99 0.54 -2.36
CA THR D 191 20.05 1.97 -2.04
C THR D 191 21.09 2.24 -0.96
N PHE D 192 21.09 1.41 0.09
CA PHE D 192 22.05 1.56 1.17
C PHE D 192 23.49 1.48 0.65
N VAL D 193 23.80 0.44 -0.13
CA VAL D 193 25.16 0.32 -0.63
C VAL D 193 25.53 1.54 -1.47
N ASN D 194 24.62 1.94 -2.38
CA ASN D 194 24.91 3.09 -3.24
C ASN D 194 25.15 4.34 -2.43
N THR D 195 24.33 4.58 -1.40
CA THR D 195 24.47 5.78 -0.58
C THR D 195 25.82 5.81 0.13
N VAL D 196 26.23 4.69 0.72
CA VAL D 196 27.51 4.65 1.42
C VAL D 196 28.66 4.89 0.44
N ARG D 197 28.61 4.23 -0.72
CA ARG D 197 29.70 4.37 -1.67
C ARG D 197 29.80 5.78 -2.23
N ALA D 198 28.69 6.55 -2.22
CA ALA D 198 28.70 7.89 -2.76
C ALA D 198 29.34 8.91 -1.82
N THR D 199 29.52 8.57 -0.55
CA THR D 199 30.31 9.41 0.35
C THR D 199 31.80 9.16 0.17
N GLY D 200 32.20 8.27 -0.73
CA GLY D 200 33.59 8.02 -1.03
C GLY D 200 34.47 7.90 0.18
N GLY D 201 35.75 8.21 0.02
CA GLY D 201 36.67 8.11 1.13
C GLY D 201 36.78 6.67 1.61
N ASN D 202 37.12 6.52 2.90
CA ASN D 202 37.17 5.19 3.48
C ASN D 202 35.88 4.42 3.22
N ASN D 203 34.75 5.13 3.09
CA ASN D 203 33.49 4.47 2.82
C ASN D 203 33.42 3.85 1.45
N ALA D 204 34.36 4.20 0.55
CA ALA D 204 34.38 3.55 -0.75
C ALA D 204 34.82 2.09 -0.66
N ILE D 205 35.52 1.69 0.40
CA ILE D 205 36.02 0.33 0.50
C ILE D 205 35.69 -0.32 1.84
N ARG D 206 34.76 0.27 2.58
CA ARG D 206 34.34 -0.30 3.85
C ARG D 206 33.47 -1.54 3.62
N CYS D 207 33.64 -2.55 4.47
CA CYS D 207 32.73 -3.70 4.42
C CYS D 207 31.36 -3.32 4.95
N LEU D 208 30.33 -3.85 4.29
CA LEU D 208 28.95 -3.53 4.59
C LEU D 208 28.16 -4.81 4.78
N MET D 209 27.13 -4.71 5.62
N MET D 209 27.17 -4.74 5.68
CA MET D 209 26.27 -5.83 5.98
CA MET D 209 26.29 -5.86 5.97
C MET D 209 24.85 -5.52 5.55
C MET D 209 24.87 -5.53 5.53
N VAL D 210 24.17 -6.54 5.02
CA VAL D 210 22.78 -6.40 4.57
C VAL D 210 21.99 -7.62 5.01
N PRO D 211 20.75 -7.46 5.42
CA PRO D 211 19.94 -8.62 5.81
C PRO D 211 19.05 -9.12 4.69
N THR D 212 18.68 -10.40 4.78
CA THR D 212 17.53 -10.88 4.05
C THR D 212 16.25 -10.35 4.70
N TYR D 213 15.11 -10.71 4.11
CA TYR D 213 13.83 -10.45 4.75
C TYR D 213 13.86 -10.95 6.19
N ALA D 214 13.54 -10.06 7.13
CA ALA D 214 13.50 -10.37 8.58
C ALA D 214 14.82 -10.97 9.09
N ALA D 215 15.91 -10.79 8.37
CA ALA D 215 17.19 -11.42 8.70
C ALA D 215 17.01 -12.92 8.93
N SER D 216 16.10 -13.52 8.17
CA SER D 216 15.77 -14.92 8.30
C SER D 216 16.35 -15.70 7.13
N CYS D 217 16.82 -16.92 7.40
CA CYS D 217 17.31 -17.84 6.40
C CYS D 217 16.28 -18.95 6.25
N SER D 218 15.55 -18.91 5.13
CA SER D 218 14.64 -19.97 4.74
C SER D 218 14.65 -20.02 3.22
N SER D 219 14.17 -21.13 2.66
CA SER D 219 14.09 -21.23 1.21
C SER D 219 13.35 -20.03 0.62
N THR D 220 12.29 -19.57 1.31
CA THR D 220 11.49 -18.48 0.75
C THR D 220 12.28 -17.17 0.73
N THR D 221 13.01 -16.86 1.81
CA THR D 221 13.74 -15.59 1.82
C THR D 221 15.02 -15.65 1.01
N VAL D 222 15.64 -16.82 0.88
CA VAL D 222 16.86 -16.95 0.09
C VAL D 222 16.57 -16.89 -1.39
N ASN D 223 15.51 -17.57 -1.85
CA ASN D 223 15.25 -17.69 -3.28
C ASN D 223 15.07 -16.33 -3.94
N ASP D 224 14.55 -15.33 -3.23
CA ASP D 224 14.32 -14.01 -3.82
C ASP D 224 15.44 -13.02 -3.53
N PHE D 225 16.39 -13.37 -2.66
CA PHE D 225 17.42 -12.43 -2.26
C PHE D 225 18.40 -12.14 -3.39
N VAL D 226 18.81 -10.88 -3.50
CA VAL D 226 19.81 -10.45 -4.47
C VAL D 226 20.84 -9.60 -3.75
N LEU D 227 22.09 -10.04 -3.77
CA LEU D 227 23.16 -9.25 -3.17
C LEU D 227 23.34 -7.98 -3.98
N PRO D 228 23.41 -6.81 -3.35
CA PRO D 228 23.56 -5.57 -4.13
C PRO D 228 24.79 -5.59 -5.01
N THR D 229 24.70 -4.87 -6.13
CA THR D 229 25.85 -4.58 -6.96
C THR D 229 26.68 -3.49 -6.30
N ASP D 230 27.97 -3.76 -6.14
CA ASP D 230 28.89 -2.88 -5.42
C ASP D 230 29.87 -2.24 -6.40
N THR D 231 30.39 -1.09 -6.00
CA THR D 231 31.42 -0.41 -6.78
C THR D 231 32.79 -1.04 -6.60
N VAL D 232 32.95 -1.92 -5.62
CA VAL D 232 34.21 -2.56 -5.28
C VAL D 232 33.89 -4.01 -4.96
N ALA D 233 34.84 -4.90 -5.23
CA ALA D 233 34.58 -6.33 -5.15
C ALA D 233 34.74 -6.86 -3.73
N ASN D 234 33.86 -7.80 -3.36
CA ASN D 234 34.03 -8.64 -2.18
C ASN D 234 34.03 -7.84 -0.87
N LYS D 235 33.06 -6.94 -0.74
CA LYS D 235 32.96 -6.09 0.44
C LYS D 235 31.63 -6.26 1.17
N LEU D 236 30.81 -7.23 0.78
CA LEU D 236 29.45 -7.35 1.31
C LEU D 236 29.28 -8.64 2.10
N ILE D 237 28.52 -8.53 3.20
CA ILE D 237 28.26 -9.62 4.13
C ILE D 237 26.75 -9.69 4.36
N VAL D 238 26.18 -10.89 4.34
CA VAL D 238 24.77 -11.06 4.69
C VAL D 238 24.66 -11.33 6.19
N ASP D 239 23.66 -10.71 6.84
CA ASP D 239 23.39 -10.92 8.26
C ASP D 239 22.15 -11.79 8.40
N ILE D 240 22.28 -12.93 9.09
CA ILE D 240 21.18 -13.81 9.42
C ILE D 240 21.09 -13.87 10.94
N HIS D 241 19.90 -13.68 11.49
CA HIS D 241 19.67 -13.92 12.91
C HIS D 241 19.16 -15.35 13.09
N SER D 242 19.67 -16.07 14.10
CA SER D 242 19.32 -17.48 14.22
C SER D 242 19.32 -17.91 15.68
N TYR D 243 18.20 -17.66 16.36
CA TYR D 243 18.01 -18.09 17.74
C TYR D 243 17.50 -19.53 17.71
N SER D 244 18.44 -20.46 17.53
CA SER D 244 18.11 -21.83 17.18
C SER D 244 18.71 -22.80 18.19
N PRO D 245 17.98 -23.89 18.55
CA PRO D 245 16.62 -24.22 18.10
C PRO D 245 15.57 -23.35 18.81
N TYR D 246 14.46 -23.08 18.13
CA TYR D 246 13.53 -22.06 18.59
C TYR D 246 13.01 -22.35 20.00
N ASN D 247 12.52 -23.57 20.24
CA ASN D 247 11.84 -23.85 21.51
C ASN D 247 12.78 -23.63 22.69
N PHE D 248 14.04 -24.02 22.55
CA PHE D 248 15.00 -23.88 23.64
C PHE D 248 15.51 -22.46 23.76
N ALA D 249 15.84 -21.83 22.62
CA ALA D 249 16.62 -20.59 22.63
C ALA D 249 15.77 -19.33 22.72
N LEU D 250 14.57 -19.33 22.15
CA LEU D 250 13.79 -18.10 22.03
C LEU D 250 12.37 -18.18 22.56
N ASN D 251 11.83 -19.38 22.82
CA ASN D 251 10.47 -19.53 23.32
C ASN D 251 10.48 -19.48 24.85
N THR D 252 9.89 -18.43 25.41
CA THR D 252 9.88 -18.28 26.87
C THR D 252 9.17 -19.45 27.54
N SER D 253 8.25 -20.11 26.84
CA SER D 253 7.51 -21.25 27.38
C SER D 253 8.01 -22.58 26.85
N GLY D 254 9.13 -22.60 26.13
CA GLY D 254 9.66 -23.81 25.55
C GLY D 254 10.61 -24.54 26.49
N THR D 255 11.10 -25.68 26.01
CA THR D 255 11.95 -26.53 26.83
C THR D 255 13.16 -25.77 27.32
N SER D 256 13.65 -26.15 28.50
CA SER D 256 14.87 -25.62 29.05
C SER D 256 16.04 -26.56 28.88
N SER D 257 15.84 -27.67 28.16
CA SER D 257 16.84 -28.72 28.06
C SER D 257 17.43 -28.78 26.66
N PHE D 258 18.76 -28.96 26.61
CA PHE D 258 19.47 -29.21 25.36
C PHE D 258 20.51 -30.27 25.64
N THR D 259 20.39 -31.41 24.98
CA THR D 259 21.28 -32.55 25.22
C THR D 259 21.96 -32.98 23.92
N GLN D 260 22.76 -34.04 24.03
CA GLN D 260 23.46 -34.59 22.87
C GLN D 260 22.52 -34.82 21.69
N SER D 261 21.30 -35.29 21.96
N SER D 261 21.31 -35.30 21.95
CA SER D 261 20.38 -35.63 20.88
CA SER D 261 20.39 -35.64 20.88
C SER D 261 19.96 -34.42 20.07
C SER D 261 19.93 -34.42 20.09
N ASP D 262 20.02 -33.23 20.66
CA ASP D 262 19.61 -32.01 19.97
C ASP D 262 20.69 -31.42 19.07
N ILE D 263 21.93 -31.92 19.15
CA ILE D 263 23.01 -31.35 18.35
C ILE D 263 22.71 -31.49 16.87
N SER D 264 22.12 -32.62 16.48
CA SER D 264 21.93 -32.91 15.06
C SER D 264 21.06 -31.86 14.38
N GLN D 265 19.98 -31.43 15.04
CA GLN D 265 19.12 -30.43 14.42
C GLN D 265 19.80 -29.07 14.33
N LEU D 266 20.65 -28.74 15.31
CA LEU D 266 21.38 -27.48 15.24
C LEU D 266 22.37 -27.49 14.10
N GLN D 267 23.05 -28.61 13.87
CA GLN D 267 23.94 -28.73 12.74
C GLN D 267 23.19 -28.49 11.43
N TRP D 268 22.01 -29.09 11.30
CA TRP D 268 21.24 -28.92 10.07
C TRP D 268 20.85 -27.46 9.87
N THR D 269 20.44 -26.79 10.94
CA THR D 269 20.01 -25.39 10.83
C THR D 269 21.16 -24.49 10.42
N LEU D 270 22.31 -24.65 11.05
CA LEU D 270 23.47 -23.82 10.70
C LEU D 270 24.01 -24.19 9.32
N GLN D 271 23.97 -25.47 8.96
CA GLN D 271 24.39 -25.89 7.63
C GLN D 271 23.56 -25.19 6.56
N GLU D 272 22.27 -24.95 6.83
CA GLU D 272 21.43 -24.30 5.82
C GLU D 272 21.90 -22.87 5.57
N ILE D 273 22.36 -22.18 6.60
CA ILE D 273 22.90 -20.83 6.42
C ILE D 273 24.14 -20.88 5.55
N TYR D 274 25.05 -21.81 5.84
CA TYR D 274 26.24 -21.98 5.02
C TYR D 274 25.87 -22.31 3.57
N ASN D 275 24.96 -23.27 3.38
CA ASN D 275 24.60 -23.68 2.02
C ASN D 275 24.01 -22.52 1.24
N SER D 276 23.26 -21.64 1.91
CA SER D 276 22.57 -20.57 1.21
C SER D 276 23.53 -19.45 0.81
N PHE D 277 24.59 -19.21 1.58
CA PHE D 277 25.43 -18.05 1.34
C PHE D 277 26.92 -18.38 1.27
N GLY D 278 27.51 -18.79 2.39
CA GLY D 278 28.95 -19.01 2.41
C GLY D 278 29.42 -19.98 1.34
N ALA D 279 28.72 -21.09 1.18
CA ALA D 279 29.14 -22.10 0.21
C ALA D 279 29.02 -21.60 -1.22
N LYS D 280 28.29 -20.52 -1.45
CA LYS D 280 28.11 -19.94 -2.77
C LYS D 280 28.96 -18.68 -2.97
N GLY D 281 29.92 -18.43 -2.09
CA GLY D 281 30.78 -17.28 -2.23
C GLY D 281 30.18 -15.97 -1.74
N ILE D 282 29.12 -16.04 -0.94
CA ILE D 282 28.52 -14.88 -0.32
C ILE D 282 28.86 -14.94 1.17
N PRO D 283 29.73 -14.06 1.67
CA PRO D 283 30.03 -14.09 3.11
C PRO D 283 28.77 -13.86 3.94
N VAL D 284 28.71 -14.52 5.09
CA VAL D 284 27.55 -14.46 5.96
C VAL D 284 27.99 -14.47 7.42
N ILE D 285 27.23 -13.76 8.25
CA ILE D 285 27.47 -13.67 9.68
C ILE D 285 26.15 -13.87 10.40
N ILE D 286 26.22 -14.48 11.59
CA ILE D 286 25.05 -14.59 12.47
C ILE D 286 25.12 -13.39 13.41
N GLY D 287 24.43 -12.32 13.01
CA GLY D 287 24.51 -11.05 13.71
C GLY D 287 23.77 -11.04 15.03
N GLN D 288 22.86 -11.99 15.24
CA GLN D 288 22.22 -12.17 16.54
C GLN D 288 21.96 -13.65 16.75
N PHE D 289 22.38 -14.14 17.92
CA PHE D 289 21.93 -15.44 18.42
C PHE D 289 21.91 -15.33 19.93
N GLY D 290 21.29 -16.31 20.56
CA GLY D 290 21.24 -16.38 22.00
C GLY D 290 20.28 -17.46 22.43
N ALA D 291 20.31 -17.76 23.72
CA ALA D 291 19.40 -18.69 24.35
C ALA D 291 18.91 -18.05 25.65
N LEU D 292 17.59 -18.03 25.83
CA LEU D 292 17.00 -17.40 27.00
C LEU D 292 17.47 -18.06 28.28
N ASN D 293 17.62 -17.24 29.33
CA ASN D 293 17.88 -17.80 30.65
C ASN D 293 16.63 -18.51 31.16
N LYS D 294 16.73 -19.82 31.37
CA LYS D 294 15.67 -20.61 31.99
C LYS D 294 16.22 -21.34 33.22
N ASN D 295 17.21 -20.73 33.89
CA ASN D 295 17.90 -21.34 35.01
C ASN D 295 18.26 -22.80 34.69
N ASN D 296 18.95 -22.95 33.54
CA ASN D 296 19.22 -24.24 32.91
C ASN D 296 20.70 -24.25 32.51
N ILE D 297 21.58 -24.30 33.51
CA ILE D 297 23.00 -24.08 33.26
C ILE D 297 23.56 -25.14 32.31
N ASN D 298 23.36 -26.42 32.66
CA ASN D 298 23.96 -27.49 31.86
C ASN D 298 23.45 -27.46 30.42
N GLY D 299 22.17 -27.12 30.24
CA GLY D 299 21.61 -27.08 28.90
C GLY D 299 22.21 -25.97 28.05
N ARG D 300 22.32 -24.76 28.62
CA ARG D 300 22.89 -23.66 27.86
C ARG D 300 24.40 -23.85 27.63
N VAL D 301 25.09 -24.51 28.56
CA VAL D 301 26.51 -24.78 28.36
C VAL D 301 26.72 -25.70 27.16
N LEU D 302 25.97 -26.80 27.10
CA LEU D 302 26.15 -27.74 26.00
C LEU D 302 25.68 -27.14 24.68
N TRP D 303 24.55 -26.44 24.70
CA TRP D 303 24.09 -25.72 23.51
C TRP D 303 25.13 -24.71 23.05
N GLY D 304 25.68 -23.93 23.99
CA GLY D 304 26.59 -22.86 23.61
C GLY D 304 27.88 -23.38 23.00
N GLU D 305 28.48 -24.38 23.64
CA GLU D 305 29.68 -25.00 23.08
C GLU D 305 29.43 -25.43 21.64
N ASN D 306 28.31 -26.11 21.40
CA ASN D 306 28.08 -26.72 20.10
C ASN D 306 27.67 -25.69 19.06
N TYR D 307 26.89 -24.69 19.45
CA TYR D 307 26.52 -23.63 18.52
C TYR D 307 27.77 -22.97 17.94
N LEU D 308 28.67 -22.51 18.83
CA LEU D 308 29.86 -21.82 18.36
C LEU D 308 30.78 -22.75 17.58
N ARG D 309 30.89 -24.02 18.00
CA ARG D 309 31.74 -24.97 17.28
C ARG D 309 31.21 -25.21 15.88
N ILE D 310 29.92 -25.48 15.76
CA ILE D 310 29.34 -25.79 14.45
C ILE D 310 29.40 -24.55 13.56
N ALA D 311 29.05 -23.38 14.09
CA ALA D 311 29.11 -22.17 13.28
C ALA D 311 30.52 -21.94 12.76
N LYS D 312 31.53 -22.07 13.64
CA LYS D 312 32.90 -21.88 13.20
C LYS D 312 33.28 -22.90 12.13
N SER D 313 32.72 -24.11 12.20
CA SER D 313 33.07 -25.15 11.22
C SER D 313 32.52 -24.82 9.84
N TYR D 314 31.54 -23.92 9.75
CA TYR D 314 31.05 -23.39 8.48
C TYR D 314 31.59 -22.00 8.19
N ASN D 315 32.60 -21.56 8.95
CA ASN D 315 33.19 -20.22 8.81
C ASN D 315 32.17 -19.11 9.00
N ILE D 316 31.27 -19.27 9.97
CA ILE D 316 30.26 -18.27 10.27
C ILE D 316 30.51 -17.70 11.65
N ARG D 317 30.83 -16.41 11.72
CA ARG D 317 30.97 -15.71 12.99
C ARG D 317 29.60 -15.50 13.64
N CYS D 318 29.60 -15.41 14.98
CA CYS D 318 28.37 -15.30 15.76
C CYS D 318 28.46 -14.15 16.74
N ILE D 319 27.33 -13.47 16.95
CA ILE D 319 27.26 -12.31 17.83
C ILE D 319 26.11 -12.50 18.81
N TRP D 320 26.43 -12.59 20.10
CA TRP D 320 25.42 -12.82 21.14
C TRP D 320 24.54 -11.59 21.32
N TRP D 321 23.24 -11.81 21.50
CA TRP D 321 22.31 -10.70 21.79
C TRP D 321 22.21 -10.53 23.30
N ASP D 322 22.82 -9.47 23.82
CA ASP D 322 22.85 -9.22 25.27
C ASP D 322 21.95 -8.03 25.59
N ASN D 323 20.77 -8.30 26.13
CA ASN D 323 19.83 -7.25 26.48
C ASN D 323 19.80 -6.92 27.97
N ASN D 324 20.80 -7.38 28.74
CA ASN D 324 20.97 -6.97 30.13
C ASN D 324 19.79 -7.38 31.02
N ALA D 325 19.08 -8.44 30.64
CA ALA D 325 17.91 -8.88 31.38
C ALA D 325 18.14 -10.31 31.88
N PHE D 326 17.90 -10.53 33.17
CA PHE D 326 18.29 -11.79 33.82
C PHE D 326 17.11 -12.57 34.36
N ASP D 327 16.25 -11.93 35.17
CA ASP D 327 15.14 -12.61 35.82
C ASP D 327 13.81 -11.92 35.52
N THR D 328 13.71 -11.17 34.43
CA THR D 328 12.52 -10.39 34.16
C THR D 328 11.41 -11.30 33.61
N SER D 329 10.22 -10.72 33.48
CA SER D 329 9.10 -11.43 32.87
C SER D 329 9.19 -11.47 31.35
N GLY D 330 10.18 -10.83 30.77
CA GLY D 330 10.38 -10.79 29.33
C GLY D 330 11.49 -11.71 28.88
N GLU D 331 12.12 -11.33 27.76
CA GLU D 331 13.22 -12.10 27.20
C GLU D 331 14.49 -11.82 28.01
N ASN D 332 15.03 -12.87 28.63
CA ASN D 332 16.21 -12.74 29.50
C ASN D 332 17.42 -13.27 28.74
N PHE D 333 18.01 -12.38 27.94
CA PHE D 333 19.21 -12.70 27.18
C PHE D 333 20.47 -12.09 27.77
N GLY D 334 20.42 -11.64 29.02
CA GLY D 334 21.58 -10.99 29.61
C GLY D 334 22.74 -11.94 29.78
N LEU D 335 23.95 -11.40 29.65
CA LEU D 335 25.17 -12.15 29.88
C LEU D 335 26.02 -11.36 30.86
N LEU D 336 26.29 -10.11 30.53
CA LEU D 336 26.97 -9.18 31.42
C LEU D 336 25.93 -8.35 32.15
N ASN D 337 26.04 -8.31 33.48
CA ASN D 337 25.26 -7.38 34.30
C ASN D 337 25.97 -6.04 34.21
N ARG D 338 25.45 -5.13 33.38
CA ARG D 338 26.18 -3.90 33.11
C ARG D 338 26.29 -3.03 34.36
N GLY D 339 25.24 -3.02 35.18
CA GLY D 339 25.25 -2.19 36.36
C GLY D 339 26.28 -2.62 37.39
N THR D 340 26.64 -3.90 37.40
CA THR D 340 27.61 -4.41 38.37
C THR D 340 28.91 -4.89 37.72
N LEU D 341 29.01 -4.84 36.39
CA LEU D 341 30.22 -5.28 35.69
C LEU D 341 30.59 -6.72 36.06
N THR D 342 29.58 -7.58 36.13
CA THR D 342 29.80 -8.98 36.49
C THR D 342 29.11 -9.88 35.47
N TRP D 343 29.78 -10.98 35.13
CA TRP D 343 29.19 -11.99 34.26
C TRP D 343 28.32 -12.89 35.11
N GLN D 344 27.02 -12.92 34.81
CA GLN D 344 26.09 -13.65 35.68
C GLN D 344 25.97 -15.12 35.32
N TYR D 345 26.49 -15.54 34.18
CA TYR D 345 26.43 -16.93 33.74
C TYR D 345 27.82 -17.37 33.34
N PRO D 346 28.71 -17.58 34.32
CA PRO D 346 30.12 -17.81 33.98
C PRO D 346 30.38 -19.12 33.25
N GLU D 347 29.64 -20.18 33.52
CA GLU D 347 29.85 -21.43 32.80
C GLU D 347 29.46 -21.29 31.34
N LEU D 348 28.40 -20.53 31.06
CA LEU D 348 27.99 -20.30 29.69
C LEU D 348 29.01 -19.48 28.93
N LEU D 349 29.54 -18.42 29.56
CA LEU D 349 30.57 -17.62 28.91
C LEU D 349 31.78 -18.48 28.59
N GLU D 350 32.25 -19.27 29.55
CA GLU D 350 33.39 -20.15 29.29
C GLU D 350 33.10 -21.11 28.14
N ALA D 351 31.86 -21.60 28.05
CA ALA D 351 31.52 -22.54 26.98
C ALA D 351 31.65 -21.91 25.61
N MET D 352 31.26 -20.64 25.47
CA MET D 352 31.32 -19.98 24.18
CA MET D 352 31.32 -19.98 24.18
C MET D 352 32.72 -19.47 23.85
N MET D 353 33.61 -19.40 24.84
CA MET D 353 34.96 -18.89 24.64
C MET D 353 36.01 -19.97 24.46
N LYS D 354 35.71 -21.20 24.83
CA LYS D 354 36.68 -22.29 24.69
C LYS D 354 37.09 -22.42 23.22
C1 GLC E . -12.77 33.17 -5.95
C2 GLC E . -13.89 32.17 -6.17
C3 GLC E . -14.34 31.88 -7.54
C4 GLC E . -14.48 33.15 -8.33
C5 GLC E . -13.11 33.78 -8.39
C6 GLC E . -13.00 34.97 -9.33
O1 GLC E . -11.50 32.68 -5.90
O2 GLC E . -13.51 30.96 -5.45
O3 GLC E . -15.66 31.21 -7.43
O4 GLC E . -14.99 32.84 -9.64
O5 GLC E . -12.75 34.26 -7.02
O6 GLC E . -13.79 36.01 -8.94
H1 GLC E . -12.96 33.49 -5.06
H2 GLC E . -14.69 32.56 -5.81
H3 GLC E . -13.72 31.30 -8.00
H4 GLC E . -15.12 33.78 -7.95
H5 GLC E . -12.51 33.12 -8.75
H61 GLC E . -13.26 34.70 -10.22
H62 GLC E . -12.07 35.28 -9.35
HO1 GLC E . -10.96 33.31 -5.64
HO2 GLC E . -13.00 31.16 -4.80
HO3 GLC E . -16.04 31.22 -8.19
HO6 GLC E . -13.81 36.58 -9.55
C2 BGC E . -16.24 33.65 -11.47
C3 BGC E . -17.38 34.52 -11.87
C4 BGC E . -18.62 34.25 -11.05
C5 BGC E . -18.33 34.34 -9.57
C6 BGC E . -19.46 33.93 -8.66
C1 BGC E . -15.95 33.74 -9.99
O2 BGC E . -15.05 34.00 -12.23
O3 BGC E . -17.67 34.31 -13.29
O4 BGC E . -19.64 35.27 -11.32
O5 BGC E . -17.20 33.44 -9.23
O6 BGC E . -19.13 34.26 -7.31
H2 BGC E . -16.46 32.72 -11.71
H3 BGC E . -17.14 35.45 -11.73
H4 BGC E . -18.95 33.37 -11.30
H5 BGC E . -18.19 35.28 -9.39
H61 BGC E . -20.26 34.40 -8.92
H62 BGC E . -19.60 32.97 -8.74
H1 BGC E . -15.60 34.62 -9.77
HO2 BGC E . -14.95 33.45 -12.86
HO3 BGC E . -17.03 34.61 -13.76
HO6 BGC E . -19.76 34.69 -6.96
C2 BGC E . -21.96 35.75 -11.42
C3 BGC E . -23.28 35.32 -11.97
C4 BGC E . -23.20 34.97 -13.44
C5 BGC E . -22.10 33.93 -13.68
C6 BGC E . -21.94 33.64 -15.17
C1 BGC E . -20.87 34.74 -11.69
O2 BGC E . -22.03 35.95 -10.01
O3 BGC E . -24.22 36.41 -11.78
O4 BGC E . -24.45 34.42 -13.86
O5 BGC E . -20.81 34.42 -13.17
O6 BGC E . -21.38 34.77 -15.79
H2 BGC E . -21.76 36.60 -11.85
H3 BGC E . -23.57 34.54 -11.47
H4 BGC E . -23.04 35.77 -13.97
H5 BGC E . -22.35 33.11 -13.24
H61 BGC E . -22.81 33.46 -15.55
H62 BGC E . -21.37 32.88 -15.29
H1 BGC E . -21.02 33.95 -11.17
HO2 BGC E . -21.57 36.64 -9.80
HO3 BGC E . -23.96 37.09 -12.23
HO4 BGC E . -24.98 35.07 -14.07
HO6 BGC E . -21.24 34.57 -16.60
C1 GLC F . -29.19 -14.82 22.85
C2 GLC F . -27.82 -15.10 22.22
C3 GLC F . -27.71 -15.04 20.75
C4 GLC F . -28.85 -15.74 20.07
C5 GLC F . -30.12 -15.00 20.48
C6 GLC F . -31.38 -15.44 19.73
O1 GLC F . -29.35 -13.52 23.25
O2 GLC F . -26.87 -14.25 22.92
O3 GLC F . -26.43 -15.72 20.45
O4 GLC F . -28.71 -15.71 18.64
O5 GLC F . -30.35 -15.18 21.92
O6 GLC F . -31.69 -16.73 19.97
H1 GLC F . -29.22 -15.37 23.65
H2 GLC F . -27.61 -16.03 22.37
H3 GLC F . -27.68 -14.13 20.42
H4 GLC F . -28.87 -16.68 20.31
H5 GLC F . -29.99 -14.08 20.22
H61 GLC F . -32.11 -14.89 20.02
H62 GLC F . -31.23 -15.31 18.78
HO1 GLC F . -30.11 -13.42 23.63
HO2 GLC F . -27.21 -13.97 23.67
HO3 GLC F . -26.13 -15.47 19.70
HO6 GLC F . -32.43 -16.91 19.59
C2 BGC F . -29.10 -16.87 16.63
C3 BGC F . -29.28 -18.23 16.04
C4 BGC F . -28.17 -19.17 16.44
C5 BGC F . -28.05 -19.23 17.94
C6 BGC F . -26.91 -20.05 18.47
C1 BGC F . -28.97 -16.93 18.14
O2 BGC F . -30.21 -16.00 16.34
O3 BGC F . -29.32 -18.07 14.58
O4 BGC F . -28.54 -20.54 16.03
O5 BGC F . -27.86 -17.85 18.48
O6 BGC F . -27.01 -20.17 19.89
H2 BGC F . -28.30 -16.49 16.22
H3 BGC F . -30.10 -18.62 16.35
H4 BGC F . -27.35 -18.89 16.01
H5 BGC F . -28.85 -19.67 18.27
H61 BGC F . -26.07 -19.62 18.24
H62 BGC F . -26.94 -20.93 18.07
H1 BGC F . -29.81 -17.22 18.53
HO2 BGC F . -29.99 -15.50 15.69
HO3 BGC F . -30.12 -17.95 14.33
HO6 BGC F . -26.25 -20.39 20.21
C2 BGC F . -27.78 -22.65 15.28
C3 BGC F . -26.96 -23.38 14.30
C4 BGC F . -27.10 -22.81 12.90
C5 BGC F . -26.84 -21.31 12.89
C6 BGC F . -27.04 -20.72 11.50
C1 BGC F . -27.58 -21.14 15.23
O2 BGC F . -27.47 -23.07 16.62
O3 BGC F . -27.40 -24.77 14.30
O4 BGC F . -26.18 -23.46 12.04
O5 BGC F . -27.75 -20.62 13.81
O6 BGC F . -28.40 -20.81 11.16
H2 BGC F . -28.71 -22.85 15.08
H3 BGC F . -26.02 -23.34 14.56
H4 BGC F . -28.00 -22.98 12.57
H5 BGC F . -25.92 -21.16 13.14
H61 BGC F . -26.77 -19.80 11.48
H62 BGC F . -26.52 -21.22 10.86
H1 BGC F . -26.70 -20.92 15.56
HO2 BGC F . -28.19 -23.11 17.08
HO3 BGC F . -26.74 -25.27 14.51
HO4 BGC F . -26.59 -24.06 11.59
HO6 BGC F . -28.56 -20.31 10.50
C1 GLC G . 14.25 -3.05 -31.56
C2 GLC G . 15.47 -3.95 -31.51
C3 GLC G . 15.97 -4.33 -30.17
C4 GLC G . 15.96 -3.17 -29.21
C5 GLC G . 14.52 -2.70 -29.07
C6 GLC G . 14.26 -1.68 -27.97
O1 GLC G . 13.06 -3.73 -31.63
O2 GLC G . 15.24 -5.12 -32.34
O3 GLC G . 17.34 -4.87 -30.37
O4 GLC G . 16.46 -3.58 -27.91
O5 GLC G . 14.10 -2.12 -30.37
O6 GLC G . 14.83 -0.48 -28.29
H1 GLC G . 14.37 -2.56 -32.39
H2 GLC G . 16.19 -3.42 -31.87
H3 GLC G . 15.41 -5.02 -29.76
H4 GLC G . 16.54 -2.46 -29.50
H5 GLC G . 13.99 -3.47 -28.79
H61 GLC G . 14.63 -2.00 -27.14
H62 GLC G . 13.30 -1.55 -27.88
HO1 GLC G . 12.42 -3.19 -31.83
HO2 GLC G . 14.65 -4.97 -32.93
HO3 GLC G . 17.49 -5.47 -29.78
HO6 GLC G . 14.54 0.10 -27.74
C2 BGC G . 17.61 -2.88 -26.01
C3 BGC G . 18.66 -1.94 -25.53
C4 BGC G . 19.92 -1.99 -26.35
C5 BGC G . 19.60 -1.77 -27.80
C6 BGC G . 20.77 -1.93 -28.72
C1 BGC G . 17.31 -2.65 -27.47
O2 BGC G . 16.37 -2.67 -25.28
O3 BGC G . 19.00 -2.32 -24.15
O4 BGC G . 20.82 -0.89 -25.93
O5 BGC G . 18.56 -2.73 -28.27
O6 BGC G . 20.40 -1.47 -30.02
H2 BGC G . 17.92 -3.78 -25.86
H3 BGC G . 18.31 -1.04 -25.57
H4 BGC G . 20.36 -2.84 -26.20
H5 BGC G . 19.31 -0.84 -27.87
H61 BGC G . 21.02 -2.87 -28.76
H62 BGC G . 21.52 -1.41 -28.39
H1 BGC G . 16.89 -1.77 -27.59
HO2 BGC G . 16.32 -3.24 -24.66
HO3 BGC G . 18.72 -1.72 -23.61
HO6 BGC G . 21.03 -1.66 -30.56
C2 BGC G . 23.06 -0.18 -25.77
C3 BGC G . 24.42 -0.46 -25.26
C4 BGC G . 24.40 -1.01 -23.83
C5 BGC G . 23.47 -2.22 -23.73
C6 BGC G . 23.37 -2.68 -22.28
C1 BGC G . 22.10 -1.34 -25.62
O2 BGC G . 23.14 0.15 -27.18
O3 BGC G . 25.18 0.78 -25.27
O4 BGC G . 25.73 -1.40 -23.51
O5 BGC G . 22.11 -1.88 -24.19
O6 BGC G . 22.76 -1.67 -21.53
H2 BGC G . 22.71 0.58 -25.28
H3 BGC G . 24.84 -1.11 -25.83
H4 BGC G . 24.10 -0.33 -23.21
H5 BGC G . 23.84 -2.94 -24.26
H61 BGC G . 22.84 -3.49 -22.22
H62 BGC G . 24.25 -2.86 -21.93
H1 BGC G . 22.33 -2.07 -26.22
HO2 BGC G . 22.77 0.90 -27.31
HO3 BGC G . 25.74 0.76 -25.90
HO4 BGC G . 26.09 -0.78 -23.04
HO6 BGC G . 22.30 -2.02 -20.90
C1 GLC H . 15.52 -9.71 16.72
C2 GLC H . 15.71 -8.23 16.98
C3 GLC H . 16.06 -7.84 18.34
C4 GLC H . 15.27 -8.60 19.39
C5 GLC H . 15.62 -10.07 19.21
C6 GLC H . 15.06 -10.93 20.33
O1 GLC H . 16.66 -10.31 16.25
O2 GLC H . 16.72 -7.71 16.05
O3 GLC H . 15.82 -6.38 18.54
O4 GLC H . 15.59 -8.15 20.72
O5 GLC H . 15.07 -10.53 17.92
O6 GLC H . 13.71 -11.01 20.21
H1 GLC H . 14.83 -9.72 16.04
H2 GLC H . 14.85 -7.81 16.80
H3 GLC H . 17.01 -8.01 18.48
H4 GLC H . 14.33 -8.44 19.30
H5 GLC H . 16.57 -10.18 19.26
H61 GLC H . 15.44 -11.82 20.28
H62 GLC H . 15.28 -10.54 21.20
HO1 GLC H . 16.49 -11.11 15.98
HO2 GLC H . 16.74 -8.18 15.34
HO3 GLC H . 16.35 -6.09 19.14
HO6 GLC H . 13.43 -11.63 20.69
C2 BGC H . 14.69 -7.92 22.92
C3 BGC H . 13.43 -7.62 23.67
C4 BGC H . 12.73 -6.38 23.21
C5 BGC H . 12.45 -6.49 21.71
C6 BGC H . 11.87 -5.25 21.10
C1 BGC H . 14.43 -8.03 21.43
O2 BGC H . 15.25 -9.17 23.39
O3 BGC H . 13.80 -7.51 25.10
O4 BGC H . 11.42 -6.27 23.89
O5 BGC H . 13.71 -6.80 20.97
O6 BGC H . 11.41 -5.55 19.78
H2 BGC H . 15.34 -7.21 23.07
H3 BGC H . 12.80 -8.35 23.54
H4 BGC H . 13.26 -5.60 23.41
H5 BGC H . 11.78 -7.19 21.61
H61 BGC H . 11.13 -4.95 21.65
H62 BGC H . 12.55 -4.56 21.07
H1 BGC H . 13.92 -8.83 21.24
HO2 BGC H . 15.85 -9.01 23.97
HO3 BGC H . 13.81 -8.28 25.45
HO6 BGC H . 11.18 -4.82 19.40
C2 BGC H . 9.77 -4.78 24.62
C3 BGC H . 9.43 -3.63 25.50
C4 BGC H . 10.16 -3.66 26.82
C5 BGC H . 11.67 -3.81 26.62
C6 BGC H . 12.39 -3.87 27.97
C1 BGC H . 11.27 -5.03 24.50
O2 BGC H . 9.24 -4.54 23.31
O3 BGC H . 8.00 -3.69 25.75
O4 BGC H . 9.92 -2.44 27.53
O5 BGC H . 11.96 -5.03 25.87
O6 BGC H . 12.06 -5.06 28.62
H2 BGC H . 9.37 -5.57 25.01
H3 BGC H . 9.66 -2.81 25.05
H4 BGC H . 9.82 -4.39 27.36
H5 BGC H . 12.02 -3.04 26.15
H61 BGC H . 12.13 -3.12 28.51
H62 BGC H . 13.35 -3.84 27.82
H1 BGC H . 11.69 -4.34 23.97
HO2 BGC H . 8.61 -5.08 23.14
HO3 BGC H . 7.62 -3.00 25.41
HO4 BGC H . 9.37 -2.58 28.15
HO6 BGC H . 12.52 -5.12 29.33
C1 EDO I . -18.24 33.35 -24.69
O1 EDO I . -17.40 33.29 -23.53
C2 EDO I . -17.62 34.29 -25.71
O2 EDO I . -17.54 35.59 -25.11
H11 EDO I . -19.24 33.70 -24.40
H12 EDO I . -18.35 32.35 -25.12
HO1 EDO I . -17.80 32.72 -22.87
H21 EDO I . -18.23 34.32 -26.61
H22 EDO I . -16.63 33.95 -25.99
HO2 EDO I . -17.68 36.27 -25.80
C1 EDO J . -13.53 11.61 18.28
O1 EDO J . -14.65 10.93 18.88
C2 EDO J . -12.24 11.10 18.91
O2 EDO J . -12.37 11.11 20.34
H11 EDO J . -13.63 12.69 18.43
H12 EDO J . -13.53 11.43 17.20
HO1 EDO J . -15.47 11.27 18.50
H21 EDO J . -11.41 11.75 18.61
H22 EDO J . -12.02 10.09 18.56
HO2 EDO J . -11.56 10.77 20.73
N NO3 K . -45.68 3.92 27.17
O1 NO3 K . -46.10 3.25 26.18
O2 NO3 K . -46.25 3.82 28.29
O3 NO3 K . -44.68 4.68 27.02
N NO3 L . -10.87 -3.11 -28.29
O1 NO3 L . -10.38 -2.48 -27.31
O2 NO3 L . -10.77 -4.37 -28.34
O3 NO3 L . -11.45 -2.45 -29.20
N NO3 M . 4.46 -6.01 -11.11
O1 NO3 M . 3.95 -6.08 -12.26
O2 NO3 M . 5.26 -5.08 -10.84
O3 NO3 M . 4.18 -6.89 -10.24
#